data_2YUW
#
_entry.id   2YUW
#
_entity_poly.entity_id   1
_entity_poly.type   'polypeptide(L)'
_entity_poly.pdbx_seq_one_letter_code
;GSSGSSGTSPPTLLTVDSVTDTTVTMRWRPPDHIGAAGLDGYVLEYCFEGTEDWIVANKDLIDKTKFTITGLPTDAKIFV
RVKAVNAAGASEPKYYSQPILVKESGPSSG
;
_entity_poly.pdbx_strand_id   A
#
# COMPACT_ATOMS: atom_id res chain seq x y z
N GLY A 1 -23.78 -0.72 20.07
CA GLY A 1 -22.35 -0.69 19.83
C GLY A 1 -21.92 0.49 18.97
N SER A 2 -20.65 0.88 19.09
CA SER A 2 -20.13 2.00 18.33
C SER A 2 -20.71 2.01 16.91
N SER A 3 -21.32 3.13 16.55
CA SER A 3 -21.93 3.29 15.23
C SER A 3 -21.35 4.49 14.50
N GLY A 4 -20.81 4.24 13.31
CA GLY A 4 -20.22 5.32 12.53
C GLY A 4 -18.86 4.96 11.98
N SER A 5 -18.79 4.71 10.67
CA SER A 5 -17.54 4.35 10.03
C SER A 5 -17.11 5.42 9.02
N SER A 6 -15.93 5.23 8.43
CA SER A 6 -15.41 6.18 7.46
C SER A 6 -16.32 6.27 6.24
N GLY A 7 -16.91 7.45 6.04
CA GLY A 7 -17.81 7.65 4.91
C GLY A 7 -17.05 7.96 3.63
N THR A 8 -15.74 7.84 3.67
CA THR A 8 -14.90 8.12 2.50
C THR A 8 -14.67 6.85 1.69
N SER A 9 -14.06 7.01 0.52
CA SER A 9 -13.78 5.88 -0.36
C SER A 9 -12.34 5.42 -0.22
N PRO A 10 -12.13 4.10 -0.31
CA PRO A 10 -10.79 3.50 -0.20
C PRO A 10 -9.91 3.82 -1.39
N PRO A 11 -8.60 3.54 -1.26
CA PRO A 11 -7.63 3.79 -2.33
C PRO A 11 -7.81 2.85 -3.51
N THR A 12 -8.06 3.43 -4.68
CA THR A 12 -8.25 2.64 -5.89
C THR A 12 -7.06 2.77 -6.83
N LEU A 13 -7.16 2.14 -8.00
CA LEU A 13 -6.08 2.18 -8.99
C LEU A 13 -4.74 1.82 -8.35
N LEU A 14 -4.72 0.71 -7.64
CA LEU A 14 -3.51 0.24 -6.98
C LEU A 14 -2.66 -0.59 -7.93
N THR A 15 -1.48 -0.07 -8.27
CA THR A 15 -0.56 -0.76 -9.17
C THR A 15 0.89 -0.47 -8.82
N VAL A 16 1.78 -1.35 -9.24
CA VAL A 16 3.21 -1.19 -8.97
C VAL A 16 3.85 -0.24 -9.96
N ASP A 17 4.54 0.77 -9.45
CA ASP A 17 5.20 1.76 -10.30
C ASP A 17 6.55 1.23 -10.79
N SER A 18 7.41 0.86 -9.85
CA SER A 18 8.73 0.34 -10.19
C SER A 18 9.17 -0.72 -9.18
N VAL A 19 10.10 -1.58 -9.61
CA VAL A 19 10.60 -2.64 -8.74
C VAL A 19 12.13 -2.72 -8.80
N THR A 20 12.74 -2.94 -7.64
CA THR A 20 14.20 -3.03 -7.56
C THR A 20 14.62 -4.08 -6.55
N ASP A 21 15.55 -4.94 -6.95
CA ASP A 21 16.05 -5.99 -6.08
C ASP A 21 16.25 -5.48 -4.66
N THR A 22 16.47 -4.18 -4.54
CA THR A 22 16.68 -3.55 -3.24
C THR A 22 15.36 -3.24 -2.56
N THR A 23 14.49 -2.51 -3.25
CA THR A 23 13.18 -2.15 -2.71
C THR A 23 12.12 -2.14 -3.81
N VAL A 24 10.86 -2.04 -3.40
CA VAL A 24 9.75 -2.01 -4.34
C VAL A 24 8.95 -0.71 -4.22
N THR A 25 8.45 -0.23 -5.35
CA THR A 25 7.67 1.00 -5.37
C THR A 25 6.21 0.72 -5.67
N MET A 26 5.32 1.40 -4.95
CA MET A 26 3.88 1.22 -5.15
C MET A 26 3.18 2.57 -5.22
N ARG A 27 2.35 2.75 -6.24
CA ARG A 27 1.61 4.00 -6.42
C ARG A 27 0.11 3.75 -6.35
N TRP A 28 -0.64 4.79 -6.03
CA TRP A 28 -2.10 4.68 -5.93
C TRP A 28 -2.75 6.05 -6.12
N ARG A 29 -4.05 6.04 -6.43
CA ARG A 29 -4.79 7.28 -6.63
C ARG A 29 -5.75 7.53 -5.47
N PRO A 30 -6.02 8.82 -5.19
CA PRO A 30 -6.93 9.23 -4.11
C PRO A 30 -8.38 8.90 -4.43
N PRO A 31 -9.24 8.95 -3.39
CA PRO A 31 -10.67 8.67 -3.53
C PRO A 31 -11.40 9.74 -4.33
N ASP A 32 -12.49 9.35 -4.97
CA ASP A 32 -13.28 10.29 -5.77
C ASP A 32 -13.75 11.46 -4.92
N HIS A 33 -13.95 11.21 -3.63
CA HIS A 33 -14.39 12.25 -2.71
C HIS A 33 -13.79 12.05 -1.32
N ILE A 34 -13.96 13.04 -0.46
CA ILE A 34 -13.42 12.97 0.90
C ILE A 34 -14.53 13.18 1.93
N GLY A 35 -14.50 12.37 2.99
CA GLY A 35 -15.50 12.49 4.03
C GLY A 35 -15.48 13.84 4.70
N ALA A 36 -16.62 14.24 5.26
CA ALA A 36 -16.74 15.53 5.94
C ALA A 36 -15.56 15.75 6.89
N ALA A 37 -15.43 14.87 7.88
CA ALA A 37 -14.34 14.97 8.85
C ALA A 37 -13.02 15.32 8.17
N GLY A 38 -12.72 14.62 7.07
CA GLY A 38 -11.49 14.87 6.35
C GLY A 38 -10.59 13.65 6.30
N LEU A 39 -9.87 13.50 5.19
CA LEU A 39 -8.96 12.38 5.01
C LEU A 39 -7.63 12.63 5.70
N ASP A 40 -7.18 11.67 6.49
CA ASP A 40 -5.92 11.79 7.20
C ASP A 40 -4.87 10.84 6.62
N GLY A 41 -4.06 11.35 5.69
CA GLY A 41 -3.04 10.54 5.07
C GLY A 41 -3.53 9.14 4.73
N TYR A 42 -2.60 8.21 4.59
CA TYR A 42 -2.94 6.84 4.26
C TYR A 42 -2.03 5.85 4.98
N VAL A 43 -2.36 4.56 4.88
CA VAL A 43 -1.57 3.52 5.53
C VAL A 43 -1.29 2.37 4.57
N LEU A 44 -0.07 1.86 4.61
CA LEU A 44 0.33 0.76 3.74
C LEU A 44 1.00 -0.36 4.55
N GLU A 45 0.52 -1.59 4.35
CA GLU A 45 1.06 -2.73 5.06
C GLU A 45 1.52 -3.82 4.08
N TYR A 46 2.36 -4.73 4.56
CA TYR A 46 2.85 -5.81 3.71
C TYR A 46 3.14 -7.05 4.55
N CYS A 47 2.69 -8.21 4.06
CA CYS A 47 2.89 -9.47 4.77
C CYS A 47 3.94 -10.32 4.06
N PHE A 48 4.90 -10.82 4.82
CA PHE A 48 5.97 -11.65 4.27
C PHE A 48 5.54 -13.11 4.22
N GLU A 49 5.84 -13.78 3.11
CA GLU A 49 5.49 -15.19 2.95
C GLU A 49 6.11 -16.03 4.05
N GLY A 50 5.36 -17.01 4.54
CA GLY A 50 5.85 -17.88 5.59
C GLY A 50 5.45 -17.40 6.97
N THR A 51 4.79 -16.25 7.02
CA THR A 51 4.36 -15.67 8.29
C THR A 51 2.83 -15.61 8.37
N GLU A 52 2.34 -15.13 9.50
CA GLU A 52 0.89 -15.02 9.71
C GLU A 52 0.52 -13.62 10.18
N ASP A 53 1.51 -12.74 10.26
CA ASP A 53 1.29 -11.37 10.71
C ASP A 53 1.87 -10.38 9.70
N TRP A 54 1.16 -9.27 9.49
CA TRP A 54 1.60 -8.25 8.56
C TRP A 54 2.63 -7.32 9.22
N ILE A 55 3.48 -6.72 8.40
CA ILE A 55 4.51 -5.81 8.90
C ILE A 55 4.24 -4.38 8.46
N VAL A 56 4.08 -3.49 9.43
CA VAL A 56 3.82 -2.08 9.14
C VAL A 56 4.91 -1.49 8.25
N ALA A 57 4.53 -0.55 7.39
CA ALA A 57 5.47 0.10 6.49
C ALA A 57 5.59 1.59 6.79
N ASN A 58 4.44 2.26 6.81
CA ASN A 58 4.40 3.69 7.07
C ASN A 58 4.56 3.98 8.57
N LYS A 59 5.40 4.94 8.91
CA LYS A 59 5.64 5.31 10.29
C LYS A 59 4.41 5.95 10.91
N ASP A 60 4.04 7.13 10.39
CA ASP A 60 2.88 7.85 10.89
C ASP A 60 1.79 7.91 9.82
N LEU A 61 2.02 8.73 8.79
CA LEU A 61 1.05 8.88 7.71
C LEU A 61 1.76 9.13 6.38
N ILE A 62 1.25 8.52 5.31
CA ILE A 62 1.83 8.69 3.99
C ILE A 62 1.28 9.93 3.30
N ASP A 63 2.10 10.98 3.24
CA ASP A 63 1.70 12.23 2.60
C ASP A 63 1.50 12.03 1.10
N LYS A 64 2.58 11.62 0.43
CA LYS A 64 2.53 11.40 -1.02
C LYS A 64 1.64 10.21 -1.36
N THR A 65 1.33 10.04 -2.64
CA THR A 65 0.49 8.94 -3.09
C THR A 65 1.33 7.73 -3.48
N LYS A 66 2.63 7.79 -3.18
CA LYS A 66 3.54 6.70 -3.49
C LYS A 66 4.28 6.23 -2.24
N PHE A 67 4.67 4.97 -2.23
CA PHE A 67 5.40 4.39 -1.09
C PHE A 67 6.37 3.32 -1.55
N THR A 68 7.51 3.22 -0.87
CA THR A 68 8.51 2.23 -1.20
C THR A 68 8.98 1.47 0.04
N ILE A 69 8.89 0.14 -0.02
CA ILE A 69 9.30 -0.70 1.10
C ILE A 69 10.81 -0.92 1.09
N THR A 70 11.49 -0.27 2.02
CA THR A 70 12.95 -0.39 2.14
C THR A 70 13.33 -1.65 2.91
N GLY A 71 14.49 -2.21 2.58
CA GLY A 71 14.96 -3.40 3.26
C GLY A 71 14.15 -4.63 2.88
N LEU A 72 14.39 -5.15 1.69
CA LEU A 72 13.69 -6.34 1.21
C LEU A 72 14.64 -7.34 0.58
N PRO A 73 14.50 -8.61 0.96
CA PRO A 73 15.35 -9.70 0.43
C PRO A 73 15.08 -9.99 -1.04
N THR A 74 16.14 -10.04 -1.84
CA THR A 74 16.02 -10.30 -3.26
C THR A 74 15.33 -11.64 -3.51
N ASP A 75 14.52 -11.69 -4.55
CA ASP A 75 13.79 -12.90 -4.90
C ASP A 75 12.80 -13.28 -3.82
N ALA A 76 12.10 -12.28 -3.29
CA ALA A 76 11.12 -12.49 -2.23
C ALA A 76 9.76 -11.94 -2.64
N LYS A 77 8.72 -12.75 -2.46
CA LYS A 77 7.36 -12.34 -2.81
C LYS A 77 6.64 -11.78 -1.59
N ILE A 78 6.12 -10.56 -1.73
CA ILE A 78 5.40 -9.92 -0.64
C ILE A 78 4.05 -9.38 -1.11
N PHE A 79 3.07 -9.38 -0.22
CA PHE A 79 1.73 -8.89 -0.55
C PHE A 79 1.55 -7.46 -0.07
N VAL A 80 1.13 -6.58 -0.98
CA VAL A 80 0.91 -5.18 -0.64
C VAL A 80 -0.59 -4.86 -0.56
N ARG A 81 -0.96 -4.06 0.43
CA ARG A 81 -2.36 -3.68 0.62
C ARG A 81 -2.45 -2.28 1.23
N VAL A 82 -3.31 -1.46 0.64
CA VAL A 82 -3.50 -0.09 1.13
C VAL A 82 -4.98 0.19 1.39
N LYS A 83 -5.24 1.23 2.19
CA LYS A 83 -6.62 1.60 2.53
C LYS A 83 -6.70 3.08 2.91
N ALA A 84 -7.91 3.59 3.06
CA ALA A 84 -8.12 4.97 3.42
C ALA A 84 -8.31 5.12 4.92
N VAL A 85 -7.66 6.12 5.50
CA VAL A 85 -7.75 6.37 6.94
C VAL A 85 -8.14 7.82 7.22
N ASN A 86 -9.37 8.01 7.70
CA ASN A 86 -9.87 9.35 8.00
C ASN A 86 -10.19 9.48 9.49
N ALA A 87 -10.26 10.71 9.97
CA ALA A 87 -10.56 10.98 11.37
C ALA A 87 -11.86 10.29 11.80
N ALA A 88 -12.64 9.85 10.82
CA ALA A 88 -13.90 9.18 11.08
C ALA A 88 -13.69 7.69 11.34
N GLY A 89 -12.74 7.10 10.62
CA GLY A 89 -12.45 5.69 10.78
C GLY A 89 -11.45 5.18 9.76
N ALA A 90 -11.83 4.13 9.05
CA ALA A 90 -10.95 3.54 8.03
C ALA A 90 -11.77 2.78 7.00
N SER A 91 -11.16 2.56 5.83
CA SER A 91 -11.83 1.84 4.74
C SER A 91 -11.25 0.44 4.59
N GLU A 92 -11.95 -0.41 3.84
CA GLU A 92 -11.52 -1.78 3.62
C GLU A 92 -10.17 -1.81 2.91
N PRO A 93 -9.32 -2.79 3.28
CA PRO A 93 -7.99 -2.95 2.68
C PRO A 93 -8.06 -3.42 1.23
N LYS A 94 -7.11 -2.96 0.42
CA LYS A 94 -7.06 -3.34 -0.99
C LYS A 94 -6.05 -4.46 -1.21
N TYR A 95 -6.53 -5.56 -1.80
CA TYR A 95 -5.67 -6.71 -2.06
C TYR A 95 -5.28 -6.76 -3.53
N TYR A 96 -4.00 -6.56 -3.81
CA TYR A 96 -3.50 -6.58 -5.18
C TYR A 96 -3.66 -7.96 -5.80
N SER A 97 -4.45 -8.03 -6.87
CA SER A 97 -4.70 -9.28 -7.56
C SER A 97 -3.46 -10.18 -7.53
N GLN A 98 -2.35 -9.64 -8.02
CA GLN A 98 -1.10 -10.40 -8.05
C GLN A 98 -0.07 -9.77 -7.12
N PRO A 99 0.78 -10.61 -6.52
CA PRO A 99 1.82 -10.16 -5.59
C PRO A 99 2.93 -9.39 -6.30
N ILE A 100 3.72 -8.64 -5.53
CA ILE A 100 4.81 -7.85 -6.08
C ILE A 100 6.16 -8.47 -5.73
N LEU A 101 6.86 -8.97 -6.75
CA LEU A 101 8.17 -9.58 -6.54
C LEU A 101 9.28 -8.52 -6.53
N VAL A 102 10.12 -8.57 -5.51
CA VAL A 102 11.21 -7.62 -5.38
C VAL A 102 12.37 -7.99 -6.29
N LYS A 103 12.15 -7.89 -7.59
CA LYS A 103 13.17 -8.21 -8.58
C LYS A 103 13.32 -7.09 -9.61
N GLU A 104 14.56 -6.78 -9.98
CA GLU A 104 14.81 -5.73 -10.95
C GLU A 104 14.22 -6.09 -12.30
N SER A 105 13.84 -5.06 -13.07
CA SER A 105 13.24 -5.27 -14.39
C SER A 105 13.33 -3.99 -15.22
N GLY A 106 13.74 -4.15 -16.47
CA GLY A 106 13.85 -3.00 -17.36
C GLY A 106 12.98 -3.14 -18.59
N PRO A 107 13.02 -2.11 -19.46
CA PRO A 107 12.23 -2.09 -20.69
C PRO A 107 12.74 -3.10 -21.72
N SER A 108 11.81 -3.68 -22.47
CA SER A 108 12.17 -4.67 -23.48
C SER A 108 11.47 -4.37 -24.81
N SER A 109 12.23 -3.86 -25.77
CA SER A 109 11.68 -3.54 -27.08
C SER A 109 10.90 -4.71 -27.66
N GLY A 110 9.75 -4.41 -28.26
CA GLY A 110 8.93 -5.46 -28.85
C GLY A 110 7.57 -5.58 -28.18
N GLY A 1 -28.30 3.31 8.40
CA GLY A 1 -26.87 3.55 8.52
C GLY A 1 -26.45 3.83 9.94
N SER A 2 -25.36 3.20 10.38
CA SER A 2 -24.86 3.39 11.73
C SER A 2 -23.36 3.09 11.81
N SER A 3 -22.77 3.35 12.97
CA SER A 3 -21.34 3.10 13.16
C SER A 3 -20.90 1.86 12.40
N GLY A 4 -19.62 1.84 12.03
CA GLY A 4 -19.08 0.70 11.30
C GLY A 4 -18.24 1.12 10.11
N SER A 5 -18.89 1.29 8.96
CA SER A 5 -18.20 1.68 7.74
C SER A 5 -17.47 3.01 7.94
N SER A 6 -16.65 3.38 6.95
CA SER A 6 -15.89 4.62 7.02
C SER A 6 -16.65 5.77 6.37
N GLY A 7 -16.01 6.93 6.30
CA GLY A 7 -16.64 8.09 5.69
C GLY A 7 -16.14 8.36 4.28
N THR A 8 -14.82 8.34 4.11
CA THR A 8 -14.21 8.58 2.82
C THR A 8 -14.00 7.28 2.05
N SER A 9 -13.85 7.40 0.74
CA SER A 9 -13.64 6.22 -0.11
C SER A 9 -12.19 5.78 -0.08
N PRO A 10 -11.96 4.46 -0.19
CA PRO A 10 -10.61 3.89 -0.17
C PRO A 10 -9.83 4.23 -1.44
N PRO A 11 -8.52 3.92 -1.43
CA PRO A 11 -7.64 4.17 -2.56
C PRO A 11 -7.94 3.26 -3.75
N THR A 12 -8.20 3.86 -4.91
CA THR A 12 -8.50 3.11 -6.12
C THR A 12 -7.32 3.11 -7.08
N LEU A 13 -7.38 2.24 -8.08
CA LEU A 13 -6.31 2.14 -9.07
C LEU A 13 -4.98 1.82 -8.41
N LEU A 14 -4.97 0.82 -7.55
CA LEU A 14 -3.76 0.41 -6.84
C LEU A 14 -2.88 -0.47 -7.73
N THR A 15 -1.76 0.07 -8.17
CA THR A 15 -0.83 -0.66 -9.02
C THR A 15 0.61 -0.36 -8.65
N VAL A 16 1.51 -1.27 -9.01
CA VAL A 16 2.93 -1.10 -8.72
C VAL A 16 3.57 -0.07 -9.65
N ASP A 17 4.34 0.83 -9.09
CA ASP A 17 5.00 1.87 -9.88
C ASP A 17 6.37 1.39 -10.36
N SER A 18 7.18 0.91 -9.43
CA SER A 18 8.52 0.42 -9.78
C SER A 18 8.85 -0.85 -8.99
N VAL A 19 9.97 -1.48 -9.34
CA VAL A 19 10.39 -2.71 -8.66
C VAL A 19 11.89 -2.93 -8.84
N THR A 20 12.59 -3.15 -7.73
CA THR A 20 14.02 -3.37 -7.76
C THR A 20 14.43 -4.44 -6.77
N ASP A 21 15.50 -5.17 -7.09
CA ASP A 21 15.99 -6.24 -6.22
C ASP A 21 16.34 -5.70 -4.83
N THR A 22 16.38 -4.37 -4.71
CA THR A 22 16.70 -3.72 -3.45
C THR A 22 15.44 -3.24 -2.74
N THR A 23 14.59 -2.52 -3.46
CA THR A 23 13.36 -1.98 -2.91
C THR A 23 12.24 -2.00 -3.95
N VAL A 24 11.01 -1.80 -3.48
CA VAL A 24 9.85 -1.78 -4.37
C VAL A 24 9.07 -0.48 -4.24
N THR A 25 8.42 -0.08 -5.33
CA THR A 25 7.63 1.15 -5.34
C THR A 25 6.17 0.87 -5.67
N MET A 26 5.26 1.59 -5.01
CA MET A 26 3.84 1.42 -5.25
C MET A 26 3.16 2.77 -5.44
N ARG A 27 2.17 2.80 -6.34
CA ARG A 27 1.44 4.04 -6.62
C ARG A 27 -0.06 3.80 -6.61
N TRP A 28 -0.83 4.85 -6.35
CA TRP A 28 -2.29 4.74 -6.31
C TRP A 28 -2.93 6.13 -6.39
N ARG A 29 -4.20 6.16 -6.77
CA ARG A 29 -4.93 7.41 -6.89
C ARG A 29 -5.84 7.63 -5.68
N PRO A 30 -5.99 8.90 -5.28
CA PRO A 30 -6.83 9.27 -4.13
C PRO A 30 -8.32 9.07 -4.41
N PRO A 31 -9.14 9.19 -3.36
CA PRO A 31 -10.60 9.03 -3.47
C PRO A 31 -11.25 10.18 -4.24
N ASP A 32 -12.01 9.84 -5.27
CA ASP A 32 -12.69 10.84 -6.08
C ASP A 32 -13.16 12.00 -5.22
N HIS A 33 -13.62 11.69 -4.01
CA HIS A 33 -14.11 12.71 -3.08
C HIS A 33 -13.78 12.33 -1.64
N ILE A 34 -13.71 13.33 -0.77
CA ILE A 34 -13.41 13.10 0.64
C ILE A 34 -14.69 13.03 1.47
N GLY A 35 -15.08 11.82 1.85
CA GLY A 35 -16.28 11.63 2.64
C GLY A 35 -16.52 12.77 3.61
N ALA A 36 -15.83 12.73 4.74
CA ALA A 36 -15.97 13.77 5.76
C ALA A 36 -14.78 13.76 6.71
N ALA A 37 -14.71 14.78 7.57
CA ALA A 37 -13.63 14.89 8.54
C ALA A 37 -12.27 14.94 7.84
N GLY A 38 -12.27 15.38 6.58
CA GLY A 38 -11.03 15.45 5.82
C GLY A 38 -10.35 14.11 5.69
N LEU A 39 -9.26 14.07 4.92
CA LEU A 39 -8.51 12.84 4.72
C LEU A 39 -7.17 12.90 5.43
N ASP A 40 -6.93 11.93 6.30
CA ASP A 40 -5.67 11.87 7.05
C ASP A 40 -4.70 10.88 6.40
N GLY A 41 -3.82 11.40 5.55
CA GLY A 41 -2.86 10.55 4.87
C GLY A 41 -3.41 9.16 4.56
N TYR A 42 -2.55 8.17 4.59
CA TYR A 42 -2.95 6.79 4.31
C TYR A 42 -2.08 5.80 5.06
N VAL A 43 -2.40 4.51 4.91
CA VAL A 43 -1.64 3.45 5.56
C VAL A 43 -1.27 2.36 4.59
N LEU A 44 0.02 1.99 4.57
CA LEU A 44 0.49 0.94 3.69
C LEU A 44 1.28 -0.12 4.45
N GLU A 45 0.97 -1.38 4.20
CA GLU A 45 1.66 -2.49 4.88
C GLU A 45 2.07 -3.56 3.88
N TYR A 46 2.75 -4.59 4.37
CA TYR A 46 3.20 -5.68 3.52
C TYR A 46 3.35 -6.97 4.32
N CYS A 47 2.74 -8.04 3.82
CA CYS A 47 2.81 -9.34 4.49
C CYS A 47 3.76 -10.27 3.76
N PHE A 48 4.94 -10.49 4.36
CA PHE A 48 5.94 -11.37 3.77
C PHE A 48 5.35 -12.74 3.46
N GLU A 49 6.15 -13.59 2.82
CA GLU A 49 5.71 -14.95 2.48
C GLU A 49 6.13 -15.95 3.54
N GLY A 50 6.49 -15.44 4.72
CA GLY A 50 6.91 -16.30 5.81
C GLY A 50 6.38 -15.84 7.15
N THR A 51 5.21 -15.21 7.15
CA THR A 51 4.61 -14.72 8.37
C THR A 51 3.09 -14.73 8.27
N GLU A 52 2.42 -14.62 9.41
CA GLU A 52 0.96 -14.61 9.46
C GLU A 52 0.44 -13.26 9.95
N ASP A 53 1.29 -12.25 9.91
CA ASP A 53 0.91 -10.91 10.36
C ASP A 53 1.39 -9.85 9.37
N TRP A 54 0.72 -8.71 9.36
CA TRP A 54 1.07 -7.62 8.47
C TRP A 54 2.11 -6.70 9.11
N ILE A 55 3.19 -6.44 8.38
CA ILE A 55 4.25 -5.57 8.89
C ILE A 55 4.00 -4.12 8.50
N VAL A 56 4.06 -3.24 9.50
CA VAL A 56 3.84 -1.81 9.27
C VAL A 56 5.03 -1.19 8.54
N ALA A 57 4.78 -0.72 7.32
CA ALA A 57 5.82 -0.09 6.51
C ALA A 57 6.05 1.35 6.92
N ASN A 58 4.98 2.16 6.87
CA ASN A 58 5.07 3.56 7.23
C ASN A 58 4.62 3.76 8.68
N LYS A 59 5.57 4.18 9.53
CA LYS A 59 5.27 4.42 10.94
C LYS A 59 4.13 5.43 11.09
N ASP A 60 4.22 6.53 10.36
CA ASP A 60 3.20 7.57 10.41
C ASP A 60 2.40 7.62 9.11
N LEU A 61 1.20 8.18 9.19
CA LEU A 61 0.34 8.29 8.02
C LEU A 61 1.11 8.82 6.81
N ILE A 62 0.77 8.32 5.63
CA ILE A 62 1.43 8.74 4.40
C ILE A 62 0.70 9.91 3.76
N ASP A 63 1.45 10.93 3.36
CA ASP A 63 0.87 12.11 2.73
C ASP A 63 0.92 11.98 1.20
N LYS A 64 2.00 11.40 0.70
CA LYS A 64 2.17 11.22 -0.74
C LYS A 64 1.47 9.94 -1.21
N THR A 65 0.95 9.98 -2.43
CA THR A 65 0.26 8.83 -3.01
C THR A 65 1.25 7.75 -3.45
N LYS A 66 2.54 8.07 -3.33
CA LYS A 66 3.59 7.13 -3.71
C LYS A 66 4.39 6.68 -2.49
N PHE A 67 4.70 5.38 -2.44
CA PHE A 67 5.46 4.84 -1.33
C PHE A 67 6.45 3.78 -1.82
N THR A 68 7.50 3.55 -1.05
CA THR A 68 8.52 2.57 -1.40
C THR A 68 9.07 1.87 -0.17
N ILE A 69 8.89 0.55 -0.10
CA ILE A 69 9.36 -0.23 1.03
C ILE A 69 10.89 -0.33 1.02
N THR A 70 11.47 -0.39 2.21
CA THR A 70 12.93 -0.49 2.34
C THR A 70 13.32 -1.74 3.11
N GLY A 71 14.41 -2.39 2.67
CA GLY A 71 14.87 -3.59 3.33
C GLY A 71 14.09 -4.82 2.92
N LEU A 72 14.28 -5.25 1.68
CA LEU A 72 13.58 -6.42 1.14
C LEU A 72 14.56 -7.37 0.47
N PRO A 73 14.45 -8.66 0.80
CA PRO A 73 15.32 -9.70 0.22
C PRO A 73 15.03 -9.95 -1.25
N THR A 74 16.08 -9.91 -2.07
CA THR A 74 15.94 -10.13 -3.51
C THR A 74 15.24 -11.45 -3.80
N ASP A 75 14.39 -11.45 -4.83
CA ASP A 75 13.67 -12.66 -5.21
C ASP A 75 12.75 -13.11 -4.08
N ALA A 76 11.95 -12.18 -3.56
CA ALA A 76 11.02 -12.49 -2.48
C ALA A 76 9.61 -12.04 -2.82
N LYS A 77 8.63 -12.90 -2.55
CA LYS A 77 7.24 -12.58 -2.83
C LYS A 77 6.57 -11.95 -1.60
N ILE A 78 5.91 -10.81 -1.82
CA ILE A 78 5.22 -10.12 -0.74
C ILE A 78 3.90 -9.52 -1.22
N PHE A 79 2.98 -9.33 -0.29
CA PHE A 79 1.67 -8.77 -0.62
C PHE A 79 1.59 -7.30 -0.19
N VAL A 80 0.89 -6.50 -0.99
CA VAL A 80 0.74 -5.08 -0.69
C VAL A 80 -0.73 -4.68 -0.68
N ARG A 81 -1.15 -4.01 0.38
CA ARG A 81 -2.53 -3.56 0.51
C ARG A 81 -2.60 -2.17 1.12
N VAL A 82 -3.37 -1.29 0.48
CA VAL A 82 -3.52 0.08 0.95
C VAL A 82 -4.99 0.40 1.27
N LYS A 83 -5.20 1.32 2.20
CA LYS A 83 -6.55 1.71 2.59
C LYS A 83 -6.57 3.16 3.07
N ALA A 84 -7.76 3.76 3.04
CA ALA A 84 -7.93 5.14 3.47
C ALA A 84 -8.43 5.22 4.91
N VAL A 85 -7.75 6.01 5.73
CA VAL A 85 -8.13 6.18 7.13
C VAL A 85 -8.47 7.63 7.44
N ASN A 86 -9.70 7.86 7.90
CA ASN A 86 -10.15 9.20 8.24
C ASN A 86 -10.75 9.24 9.64
N ALA A 87 -11.12 10.43 10.09
CA ALA A 87 -11.70 10.61 11.41
C ALA A 87 -12.76 9.54 11.70
N ALA A 88 -13.71 9.39 10.77
CA ALA A 88 -14.77 8.42 10.92
C ALA A 88 -14.20 7.04 11.27
N GLY A 89 -13.10 6.68 10.62
CA GLY A 89 -12.48 5.39 10.89
C GLY A 89 -11.53 4.97 9.79
N ALA A 90 -11.48 3.67 9.50
CA ALA A 90 -10.61 3.14 8.46
C ALA A 90 -11.42 2.48 7.36
N SER A 91 -10.78 2.27 6.21
CA SER A 91 -11.44 1.65 5.07
C SER A 91 -10.96 0.21 4.88
N GLU A 92 -11.75 -0.59 4.20
CA GLU A 92 -11.41 -1.98 3.94
C GLU A 92 -10.09 -2.10 3.19
N PRO A 93 -9.30 -3.13 3.53
CA PRO A 93 -8.00 -3.36 2.89
C PRO A 93 -8.15 -3.83 1.44
N LYS A 94 -7.13 -3.53 0.63
CA LYS A 94 -7.13 -3.92 -0.77
C LYS A 94 -6.02 -4.91 -1.07
N TYR A 95 -6.40 -6.14 -1.41
CA TYR A 95 -5.42 -7.18 -1.72
C TYR A 95 -5.18 -7.26 -3.23
N TYR A 96 -3.95 -6.96 -3.63
CA TYR A 96 -3.58 -6.99 -5.04
C TYR A 96 -3.83 -8.37 -5.63
N SER A 97 -3.78 -8.46 -6.96
CA SER A 97 -4.00 -9.73 -7.65
C SER A 97 -2.93 -10.74 -7.28
N GLN A 98 -1.72 -10.54 -7.79
CA GLN A 98 -0.60 -11.43 -7.52
C GLN A 98 0.42 -10.76 -6.61
N PRO A 99 1.17 -11.58 -5.85
CA PRO A 99 2.19 -11.09 -4.93
C PRO A 99 3.40 -10.52 -5.67
N ILE A 100 3.78 -9.29 -5.31
CA ILE A 100 4.92 -8.64 -5.93
C ILE A 100 6.22 -9.32 -5.53
N LEU A 101 7.06 -9.61 -6.53
CA LEU A 101 8.35 -10.26 -6.28
C LEU A 101 9.50 -9.28 -6.48
N VAL A 102 9.95 -8.68 -5.39
CA VAL A 102 11.06 -7.73 -5.43
C VAL A 102 12.16 -8.20 -6.37
N LYS A 103 12.19 -7.61 -7.57
CA LYS A 103 13.19 -7.97 -8.57
C LYS A 103 13.65 -6.74 -9.35
N GLU A 104 14.87 -6.80 -9.88
CA GLU A 104 15.43 -5.69 -10.64
C GLU A 104 15.12 -5.86 -12.13
N SER A 105 15.02 -4.73 -12.84
CA SER A 105 14.73 -4.74 -14.26
C SER A 105 14.93 -3.36 -14.88
N GLY A 106 15.94 -3.24 -15.73
CA GLY A 106 16.22 -1.97 -16.37
C GLY A 106 15.09 -1.51 -17.27
N PRO A 107 15.11 -0.23 -17.64
CA PRO A 107 14.09 0.37 -18.51
C PRO A 107 14.17 -0.15 -19.94
N SER A 108 13.15 -0.90 -20.36
CA SER A 108 13.11 -1.46 -21.70
C SER A 108 12.40 -0.51 -22.66
N SER A 109 13.13 -0.07 -23.69
CA SER A 109 12.57 0.85 -24.67
C SER A 109 12.33 0.13 -26.00
N GLY A 110 11.55 0.77 -26.88
CA GLY A 110 11.26 0.17 -28.17
C GLY A 110 10.24 0.98 -28.95
N GLY A 1 -17.02 0.95 20.98
CA GLY A 1 -17.52 -0.21 20.27
C GLY A 1 -18.10 0.14 18.92
N SER A 2 -17.23 0.42 17.95
CA SER A 2 -17.67 0.79 16.61
C SER A 2 -17.26 -0.28 15.60
N SER A 3 -18.24 -0.79 14.85
CA SER A 3 -17.98 -1.82 13.85
C SER A 3 -16.78 -1.45 12.99
N GLY A 4 -16.79 -0.22 12.46
CA GLY A 4 -15.68 0.22 11.63
C GLY A 4 -16.14 0.70 10.27
N SER A 5 -16.48 1.99 10.18
CA SER A 5 -16.95 2.56 8.92
C SER A 5 -16.30 3.93 8.68
N SER A 6 -16.41 4.41 7.45
CA SER A 6 -15.84 5.71 7.09
C SER A 6 -16.66 6.38 6.01
N GLY A 7 -16.83 7.70 6.12
CA GLY A 7 -17.60 8.45 5.14
C GLY A 7 -16.82 8.68 3.86
N THR A 8 -15.59 8.18 3.81
CA THR A 8 -14.75 8.35 2.64
C THR A 8 -14.53 7.03 1.91
N SER A 9 -14.37 7.10 0.59
CA SER A 9 -14.16 5.90 -0.22
C SER A 9 -12.73 5.41 -0.10
N PRO A 10 -12.55 4.09 -0.24
CA PRO A 10 -11.22 3.46 -0.16
C PRO A 10 -10.33 3.80 -1.35
N PRO A 11 -9.05 3.48 -1.23
CA PRO A 11 -8.06 3.74 -2.30
C PRO A 11 -8.29 2.86 -3.52
N THR A 12 -8.21 3.46 -4.70
CA THR A 12 -8.39 2.73 -5.95
C THR A 12 -7.22 2.95 -6.90
N LEU A 13 -7.17 2.16 -7.97
CA LEU A 13 -6.11 2.27 -8.95
C LEU A 13 -4.75 1.99 -8.33
N LEU A 14 -4.65 0.87 -7.63
CA LEU A 14 -3.41 0.47 -6.96
C LEU A 14 -2.57 -0.43 -7.87
N THR A 15 -1.39 0.04 -8.24
CA THR A 15 -0.50 -0.72 -9.11
C THR A 15 0.97 -0.45 -8.78
N VAL A 16 1.83 -1.40 -9.06
CA VAL A 16 3.26 -1.26 -8.80
C VAL A 16 3.93 -0.48 -9.92
N ASP A 17 4.27 0.78 -9.63
CA ASP A 17 4.94 1.63 -10.60
C ASP A 17 6.28 1.05 -11.01
N SER A 18 7.22 1.00 -10.07
CA SER A 18 8.54 0.47 -10.33
C SER A 18 8.87 -0.68 -9.37
N VAL A 19 10.02 -1.31 -9.59
CA VAL A 19 10.45 -2.42 -8.75
C VAL A 19 11.96 -2.62 -8.83
N THR A 20 12.61 -2.70 -7.67
CA THR A 20 14.06 -2.88 -7.62
C THR A 20 14.42 -4.06 -6.72
N ASP A 21 15.54 -4.70 -7.01
CA ASP A 21 16.01 -5.84 -6.22
C ASP A 21 16.38 -5.40 -4.81
N THR A 22 16.33 -4.09 -4.57
CA THR A 22 16.66 -3.55 -3.25
C THR A 22 15.43 -3.00 -2.56
N THR A 23 14.46 -2.54 -3.34
CA THR A 23 13.22 -1.98 -2.80
C THR A 23 12.11 -2.01 -3.85
N VAL A 24 10.88 -1.76 -3.39
CA VAL A 24 9.73 -1.76 -4.28
C VAL A 24 9.06 -0.39 -4.29
N THR A 25 8.18 -0.18 -5.27
CA THR A 25 7.47 1.09 -5.40
C THR A 25 5.99 0.86 -5.66
N MET A 26 5.14 1.30 -4.73
CA MET A 26 3.70 1.15 -4.87
C MET A 26 3.02 2.51 -4.99
N ARG A 27 2.36 2.73 -6.12
CA ARG A 27 1.66 4.00 -6.36
C ARG A 27 0.14 3.79 -6.32
N TRP A 28 -0.58 4.86 -6.00
CA TRP A 28 -2.03 4.80 -5.93
C TRP A 28 -2.64 6.19 -6.07
N ARG A 29 -3.96 6.23 -6.22
CA ARG A 29 -4.67 7.51 -6.36
C ARG A 29 -5.72 7.67 -5.28
N PRO A 30 -6.15 8.92 -5.06
CA PRO A 30 -7.17 9.25 -4.05
C PRO A 30 -8.54 8.72 -4.42
N PRO A 31 -9.46 8.70 -3.43
CA PRO A 31 -10.83 8.22 -3.63
C PRO A 31 -11.65 9.16 -4.50
N ASP A 32 -12.88 8.76 -4.81
CA ASP A 32 -13.76 9.57 -5.64
C ASP A 32 -13.80 11.02 -5.16
N HIS A 33 -13.81 11.18 -3.84
CA HIS A 33 -13.84 12.52 -3.24
C HIS A 33 -13.69 12.44 -1.73
N ILE A 34 -13.22 13.53 -1.13
CA ILE A 34 -13.03 13.58 0.32
C ILE A 34 -14.12 14.43 0.99
N GLY A 35 -14.72 13.87 2.04
CA GLY A 35 -15.77 14.59 2.74
C GLY A 35 -15.79 14.26 4.23
N ALA A 36 -15.64 12.98 4.55
CA ALA A 36 -15.64 12.54 5.93
C ALA A 36 -14.46 13.13 6.71
N ALA A 37 -14.73 14.19 7.46
CA ALA A 37 -13.69 14.85 8.25
C ALA A 37 -12.38 14.94 7.47
N GLY A 38 -12.51 15.12 6.15
CA GLY A 38 -11.33 15.24 5.31
C GLY A 38 -10.55 13.93 5.23
N LEU A 39 -9.30 14.02 4.81
CA LEU A 39 -8.44 12.84 4.69
C LEU A 39 -7.07 13.09 5.31
N ASP A 40 -6.57 12.10 6.04
CA ASP A 40 -5.27 12.21 6.67
C ASP A 40 -4.35 11.06 6.25
N GLY A 41 -3.51 11.32 5.26
CA GLY A 41 -2.60 10.29 4.77
C GLY A 41 -3.28 8.95 4.61
N TYR A 42 -2.48 7.91 4.41
CA TYR A 42 -3.01 6.56 4.22
C TYR A 42 -2.15 5.54 4.96
N VAL A 43 -2.63 4.29 5.01
CA VAL A 43 -1.90 3.22 5.68
C VAL A 43 -1.45 2.16 4.67
N LEU A 44 -0.19 1.75 4.78
CA LEU A 44 0.37 0.74 3.90
C LEU A 44 1.19 -0.28 4.67
N GLU A 45 0.99 -1.55 4.37
CA GLU A 45 1.71 -2.62 5.04
C GLU A 45 2.05 -3.74 4.07
N TYR A 46 2.99 -4.60 4.47
CA TYR A 46 3.41 -5.72 3.62
C TYR A 46 3.54 -7.00 4.44
N CYS A 47 3.06 -8.10 3.88
CA CYS A 47 3.13 -9.39 4.56
C CYS A 47 4.15 -10.30 3.90
N PHE A 48 5.13 -10.74 4.68
CA PHE A 48 6.18 -11.62 4.17
C PHE A 48 5.73 -13.08 4.19
N GLU A 49 6.16 -13.83 3.17
CA GLU A 49 5.79 -15.24 3.06
C GLU A 49 6.27 -16.02 4.28
N GLY A 50 5.34 -16.39 5.16
CA GLY A 50 5.70 -17.14 6.35
C GLY A 50 5.61 -16.30 7.61
N THR A 51 4.57 -15.47 7.69
CA THR A 51 4.37 -14.61 8.85
C THR A 51 3.00 -14.83 9.46
N GLU A 52 2.76 -14.22 10.63
CA GLU A 52 1.49 -14.35 11.33
C GLU A 52 0.67 -13.08 11.19
N ASP A 53 1.34 -11.94 11.20
CA ASP A 53 0.67 -10.65 11.07
C ASP A 53 1.42 -9.74 10.10
N TRP A 54 0.68 -8.95 9.35
CA TRP A 54 1.27 -8.03 8.39
C TRP A 54 2.34 -7.15 9.04
N ILE A 55 3.32 -6.73 8.25
CA ILE A 55 4.39 -5.89 8.76
C ILE A 55 4.16 -4.43 8.42
N VAL A 56 3.90 -3.62 9.45
CA VAL A 56 3.66 -2.19 9.26
C VAL A 56 4.80 -1.54 8.46
N ALA A 57 4.46 -1.03 7.28
CA ALA A 57 5.45 -0.37 6.44
C ALA A 57 5.70 1.06 6.87
N ASN A 58 4.65 1.88 6.78
CA ASN A 58 4.75 3.29 7.18
C ASN A 58 4.73 3.43 8.69
N LYS A 59 5.27 4.55 9.18
CA LYS A 59 5.31 4.82 10.62
C LYS A 59 3.97 5.33 11.11
N ASP A 60 3.55 6.49 10.61
CA ASP A 60 2.29 7.10 11.00
C ASP A 60 1.33 7.14 9.82
N LEU A 61 1.66 7.95 8.83
CA LEU A 61 0.82 8.09 7.63
C LEU A 61 1.68 8.41 6.41
N ILE A 62 1.06 8.34 5.24
CA ILE A 62 1.76 8.62 3.99
C ILE A 62 1.23 9.90 3.34
N ASP A 63 1.99 10.98 3.47
CA ASP A 63 1.59 12.26 2.89
C ASP A 63 1.33 12.13 1.39
N LYS A 64 2.37 11.77 0.64
CA LYS A 64 2.26 11.61 -0.80
C LYS A 64 1.51 10.33 -1.15
N THR A 65 1.02 10.25 -2.38
CA THR A 65 0.28 9.09 -2.84
C THR A 65 1.23 7.96 -3.26
N LYS A 66 2.50 8.12 -2.90
CA LYS A 66 3.51 7.12 -3.24
C LYS A 66 4.21 6.59 -1.98
N PHE A 67 4.83 5.44 -2.10
CA PHE A 67 5.54 4.83 -0.98
C PHE A 67 6.50 3.75 -1.46
N THR A 68 7.63 3.62 -0.77
CA THR A 68 8.63 2.62 -1.13
C THR A 68 9.10 1.84 0.09
N ILE A 69 9.14 0.52 -0.03
CA ILE A 69 9.57 -0.33 1.07
C ILE A 69 11.09 -0.49 1.08
N THR A 70 11.68 -0.36 2.27
CA THR A 70 13.13 -0.50 2.41
C THR A 70 13.49 -1.74 3.19
N GLY A 71 14.40 -2.54 2.64
CA GLY A 71 14.81 -3.77 3.31
C GLY A 71 14.03 -4.98 2.83
N LEU A 72 14.28 -5.38 1.59
CA LEU A 72 13.60 -6.54 1.01
C LEU A 72 14.59 -7.51 0.38
N PRO A 73 14.53 -8.77 0.79
CA PRO A 73 15.42 -9.82 0.27
C PRO A 73 15.12 -10.17 -1.18
N THR A 74 16.17 -10.20 -2.00
CA THR A 74 16.02 -10.52 -3.42
C THR A 74 15.20 -11.78 -3.62
N ASP A 75 14.60 -11.92 -4.79
CA ASP A 75 13.78 -13.08 -5.11
C ASP A 75 12.81 -13.40 -3.97
N ALA A 76 12.23 -12.35 -3.39
CA ALA A 76 11.29 -12.52 -2.29
C ALA A 76 9.93 -11.94 -2.65
N LYS A 77 8.88 -12.76 -2.49
CA LYS A 77 7.52 -12.33 -2.79
C LYS A 77 6.83 -11.78 -1.54
N ILE A 78 6.17 -10.64 -1.70
CA ILE A 78 5.47 -10.02 -0.58
C ILE A 78 4.11 -9.48 -1.02
N PHE A 79 3.20 -9.34 -0.07
CA PHE A 79 1.86 -8.83 -0.35
C PHE A 79 1.75 -7.35 -0.05
N VAL A 80 0.83 -6.67 -0.72
CA VAL A 80 0.63 -5.24 -0.51
C VAL A 80 -0.85 -4.90 -0.43
N ARG A 81 -1.20 -4.06 0.53
CA ARG A 81 -2.59 -3.65 0.72
C ARG A 81 -2.67 -2.27 1.38
N VAL A 82 -3.52 -1.41 0.84
CA VAL A 82 -3.70 -0.06 1.36
C VAL A 82 -5.15 0.22 1.68
N LYS A 83 -5.39 1.27 2.47
CA LYS A 83 -6.75 1.65 2.85
C LYS A 83 -6.82 3.14 3.18
N ALA A 84 -8.04 3.63 3.37
CA ALA A 84 -8.25 5.04 3.68
C ALA A 84 -8.59 5.23 5.17
N VAL A 85 -7.61 5.64 5.95
CA VAL A 85 -7.81 5.86 7.37
C VAL A 85 -7.91 7.35 7.70
N ASN A 86 -9.11 7.79 8.05
CA ASN A 86 -9.34 9.19 8.39
C ASN A 86 -9.99 9.33 9.76
N ALA A 87 -10.25 10.55 10.16
CA ALA A 87 -10.88 10.82 11.45
C ALA A 87 -12.14 9.99 11.64
N ALA A 88 -12.94 9.89 10.59
CA ALA A 88 -14.17 9.12 10.63
C ALA A 88 -13.90 7.66 11.00
N GLY A 89 -12.92 7.06 10.33
CA GLY A 89 -12.57 5.68 10.60
C GLY A 89 -11.59 5.12 9.59
N ALA A 90 -11.87 3.92 9.10
CA ALA A 90 -11.00 3.27 8.13
C ALA A 90 -11.81 2.64 6.99
N SER A 91 -11.18 2.47 5.84
CA SER A 91 -11.84 1.87 4.69
C SER A 91 -11.29 0.48 4.40
N GLU A 92 -12.08 -0.33 3.70
CA GLU A 92 -11.69 -1.69 3.37
C GLU A 92 -10.31 -1.70 2.70
N PRO A 93 -9.51 -2.73 3.02
CA PRO A 93 -8.16 -2.88 2.47
C PRO A 93 -8.18 -3.23 0.99
N LYS A 94 -7.11 -2.88 0.28
CA LYS A 94 -7.00 -3.16 -1.14
C LYS A 94 -6.06 -4.33 -1.40
N TYR A 95 -6.64 -5.51 -1.61
CA TYR A 95 -5.85 -6.71 -1.86
C TYR A 95 -5.43 -6.78 -3.33
N TYR A 96 -4.12 -6.74 -3.56
CA TYR A 96 -3.58 -6.81 -4.92
C TYR A 96 -3.76 -8.20 -5.51
N SER A 97 -4.45 -8.27 -6.64
CA SER A 97 -4.70 -9.54 -7.31
C SER A 97 -3.49 -10.47 -7.18
N GLN A 98 -2.41 -10.12 -7.87
CA GLN A 98 -1.19 -10.92 -7.83
C GLN A 98 -0.14 -10.27 -6.92
N PRO A 99 0.76 -11.10 -6.36
CA PRO A 99 1.82 -10.63 -5.48
C PRO A 99 2.88 -9.82 -6.22
N ILE A 100 3.67 -9.06 -5.45
CA ILE A 100 4.72 -8.23 -6.03
C ILE A 100 6.09 -8.88 -5.87
N LEU A 101 6.87 -8.88 -6.95
CA LEU A 101 8.20 -9.48 -6.92
C LEU A 101 9.28 -8.40 -6.78
N VAL A 102 10.31 -8.70 -6.01
CA VAL A 102 11.40 -7.75 -5.78
C VAL A 102 12.60 -8.10 -6.66
N LYS A 103 12.51 -7.76 -7.95
CA LYS A 103 13.59 -8.03 -8.89
C LYS A 103 13.87 -6.81 -9.76
N GLU A 104 15.14 -6.53 -10.00
CA GLU A 104 15.54 -5.39 -10.81
C GLU A 104 15.30 -5.67 -12.30
N SER A 105 15.29 -4.61 -13.09
CA SER A 105 15.07 -4.74 -14.53
C SER A 105 16.39 -4.72 -15.29
N GLY A 106 17.04 -3.56 -15.31
CA GLY A 106 18.30 -3.42 -16.00
C GLY A 106 18.44 -2.09 -16.71
N PRO A 107 18.05 -2.05 -18.00
CA PRO A 107 18.13 -0.84 -18.80
C PRO A 107 17.12 0.22 -18.36
N SER A 108 17.37 1.47 -18.74
CA SER A 108 16.48 2.57 -18.38
C SER A 108 16.48 2.80 -16.87
N SER A 109 17.65 2.63 -16.26
CA SER A 109 17.79 2.81 -14.82
C SER A 109 18.25 4.23 -14.50
N GLY A 110 17.85 5.18 -15.34
CA GLY A 110 18.24 6.57 -15.13
C GLY A 110 19.16 7.09 -16.22
N GLY A 1 -21.74 4.49 23.15
CA GLY A 1 -21.12 4.96 21.93
C GLY A 1 -21.72 4.33 20.69
N SER A 2 -21.18 4.69 19.53
CA SER A 2 -21.67 4.16 18.26
C SER A 2 -20.54 4.04 17.24
N SER A 3 -20.24 2.82 16.82
CA SER A 3 -19.18 2.57 15.86
C SER A 3 -19.35 3.47 14.63
N GLY A 4 -18.36 4.33 14.40
CA GLY A 4 -18.42 5.23 13.26
C GLY A 4 -18.10 4.53 11.96
N SER A 5 -18.98 4.69 10.97
CA SER A 5 -18.78 4.07 9.67
C SER A 5 -18.09 5.02 8.71
N SER A 6 -16.83 4.72 8.40
CA SER A 6 -16.05 5.56 7.49
C SER A 6 -16.86 5.91 6.23
N GLY A 7 -17.25 7.17 6.13
CA GLY A 7 -18.02 7.61 4.98
C GLY A 7 -17.14 8.08 3.84
N THR A 8 -16.09 7.32 3.55
CA THR A 8 -15.17 7.67 2.48
C THR A 8 -14.86 6.46 1.60
N SER A 9 -14.31 6.71 0.42
CA SER A 9 -13.98 5.64 -0.51
C SER A 9 -12.54 5.19 -0.31
N PRO A 10 -12.30 3.88 -0.47
CA PRO A 10 -10.97 3.29 -0.32
C PRO A 10 -10.01 3.69 -1.44
N PRO A 11 -8.72 3.40 -1.27
CA PRO A 11 -7.69 3.72 -2.25
C PRO A 11 -7.81 2.87 -3.51
N THR A 12 -7.95 3.53 -4.66
CA THR A 12 -8.09 2.83 -5.93
C THR A 12 -6.85 3.04 -6.79
N LEU A 13 -6.89 2.53 -8.02
CA LEU A 13 -5.77 2.65 -8.95
C LEU A 13 -4.47 2.22 -8.29
N LEU A 14 -4.53 1.14 -7.52
CA LEU A 14 -3.35 0.63 -6.83
C LEU A 14 -2.58 -0.34 -7.73
N THR A 15 -1.41 0.09 -8.18
CA THR A 15 -0.57 -0.74 -9.05
C THR A 15 0.90 -0.56 -8.72
N VAL A 16 1.70 -1.57 -9.05
CA VAL A 16 3.14 -1.52 -8.79
C VAL A 16 3.85 -0.63 -9.81
N ASP A 17 4.06 0.63 -9.45
CA ASP A 17 4.73 1.57 -10.33
C ASP A 17 6.06 1.00 -10.83
N SER A 18 6.97 0.75 -9.89
CA SER A 18 8.28 0.21 -10.22
C SER A 18 8.72 -0.83 -9.19
N VAL A 19 9.74 -1.61 -9.55
CA VAL A 19 10.26 -2.64 -8.67
C VAL A 19 11.77 -2.78 -8.81
N THR A 20 12.47 -2.82 -7.68
CA THR A 20 13.92 -2.95 -7.68
C THR A 20 14.37 -4.10 -6.79
N ASP A 21 15.24 -4.95 -7.31
CA ASP A 21 15.76 -6.09 -6.56
C ASP A 21 16.01 -5.72 -5.11
N THR A 22 16.29 -4.44 -4.87
CA THR A 22 16.55 -3.96 -3.52
C THR A 22 15.25 -3.54 -2.83
N THR A 23 14.54 -2.60 -3.45
CA THR A 23 13.28 -2.11 -2.90
C THR A 23 12.20 -2.06 -3.96
N VAL A 24 10.94 -2.08 -3.52
CA VAL A 24 9.81 -2.03 -4.44
C VAL A 24 9.06 -0.70 -4.32
N THR A 25 8.49 -0.24 -5.43
CA THR A 25 7.74 1.01 -5.45
C THR A 25 6.27 0.76 -5.72
N MET A 26 5.41 1.54 -5.05
CA MET A 26 3.97 1.40 -5.23
C MET A 26 3.32 2.77 -5.41
N ARG A 27 2.26 2.81 -6.22
CA ARG A 27 1.56 4.06 -6.48
C ARG A 27 0.05 3.88 -6.27
N TRP A 28 -0.63 4.97 -5.91
CA TRP A 28 -2.06 4.94 -5.68
C TRP A 28 -2.66 6.34 -5.78
N ARG A 29 -3.99 6.40 -5.77
CA ARG A 29 -4.69 7.68 -5.85
C ARG A 29 -5.79 7.78 -4.79
N PRO A 30 -6.13 9.01 -4.40
CA PRO A 30 -7.16 9.26 -3.40
C PRO A 30 -8.56 8.93 -3.90
N PRO A 31 -9.54 8.93 -2.99
CA PRO A 31 -10.94 8.64 -3.32
C PRO A 31 -11.58 9.74 -4.16
N ASP A 32 -12.59 9.38 -4.94
CA ASP A 32 -13.29 10.34 -5.79
C ASP A 32 -13.50 11.66 -5.05
N HIS A 33 -13.86 11.57 -3.77
CA HIS A 33 -14.09 12.76 -2.96
C HIS A 33 -14.17 12.40 -1.48
N ILE A 34 -14.19 13.42 -0.63
CA ILE A 34 -14.27 13.21 0.82
C ILE A 34 -15.65 13.56 1.35
N GLY A 35 -16.17 12.72 2.24
CA GLY A 35 -17.47 12.96 2.82
C GLY A 35 -17.43 13.96 3.96
N ALA A 36 -17.06 15.19 3.64
CA ALA A 36 -16.99 16.25 4.65
C ALA A 36 -16.50 15.70 5.98
N ALA A 37 -15.55 14.77 5.93
CA ALA A 37 -15.00 14.17 7.14
C ALA A 37 -13.51 14.50 7.29
N GLY A 38 -12.79 14.47 6.18
CA GLY A 38 -11.37 14.77 6.21
C GLY A 38 -10.52 13.52 6.11
N LEU A 39 -9.85 13.35 4.97
CA LEU A 39 -8.99 12.20 4.76
C LEU A 39 -7.62 12.40 5.39
N ASP A 40 -7.19 11.44 6.19
CA ASP A 40 -5.89 11.51 6.85
C ASP A 40 -4.88 10.58 6.19
N GLY A 41 -4.09 11.14 5.27
CA GLY A 41 -3.10 10.34 4.58
C GLY A 41 -3.56 8.93 4.30
N TYR A 42 -2.66 7.96 4.45
CA TYR A 42 -2.99 6.56 4.21
C TYR A 42 -2.01 5.64 4.94
N VAL A 43 -2.35 4.37 5.00
CA VAL A 43 -1.51 3.38 5.68
C VAL A 43 -1.21 2.20 4.76
N LEU A 44 0.07 1.84 4.67
CA LEU A 44 0.50 0.74 3.83
C LEU A 44 1.28 -0.29 4.65
N GLU A 45 1.06 -1.57 4.35
CA GLU A 45 1.75 -2.65 5.05
C GLU A 45 2.03 -3.81 4.11
N TYR A 46 3.05 -4.60 4.44
CA TYR A 46 3.43 -5.75 3.63
C TYR A 46 3.58 -7.00 4.49
N CYS A 47 2.93 -8.08 4.08
CA CYS A 47 3.00 -9.34 4.81
C CYS A 47 3.95 -10.32 4.13
N PHE A 48 5.16 -10.41 4.66
CA PHE A 48 6.17 -11.31 4.10
C PHE A 48 5.64 -12.74 4.03
N GLU A 49 6.33 -13.58 3.26
CA GLU A 49 5.93 -14.98 3.10
C GLU A 49 6.30 -15.79 4.34
N GLY A 50 7.39 -15.39 5.00
CA GLY A 50 7.82 -16.10 6.19
C GLY A 50 7.40 -15.40 7.47
N THR A 51 6.17 -14.92 7.50
CA THR A 51 5.64 -14.21 8.66
C THR A 51 4.18 -14.55 8.90
N GLU A 52 3.67 -14.21 10.08
CA GLU A 52 2.28 -14.47 10.42
C GLU A 52 1.47 -13.19 10.45
N ASP A 53 2.08 -12.11 10.95
CA ASP A 53 1.42 -10.82 11.02
C ASP A 53 2.06 -9.82 10.07
N TRP A 54 1.26 -8.86 9.60
CA TRP A 54 1.76 -7.85 8.67
C TRP A 54 2.89 -7.04 9.30
N ILE A 55 3.79 -6.54 8.46
CA ILE A 55 4.92 -5.76 8.94
C ILE A 55 4.73 -4.27 8.63
N VAL A 56 4.26 -3.53 9.63
CA VAL A 56 4.03 -2.09 9.47
C VAL A 56 5.15 -1.44 8.65
N ALA A 57 4.77 -0.81 7.55
CA ALA A 57 5.74 -0.15 6.68
C ALA A 57 5.92 1.32 7.07
N ASN A 58 4.80 2.02 7.21
CA ASN A 58 4.83 3.44 7.58
C ASN A 58 4.83 3.60 9.10
N LYS A 59 5.21 4.79 9.55
CA LYS A 59 5.27 5.08 10.98
C LYS A 59 3.89 5.52 11.49
N ASP A 60 3.34 6.56 10.88
CA ASP A 60 2.03 7.08 11.27
C ASP A 60 1.08 7.08 10.09
N LEU A 61 1.39 7.90 9.09
CA LEU A 61 0.55 8.00 7.89
C LEU A 61 1.38 8.44 6.69
N ILE A 62 0.90 8.08 5.49
CA ILE A 62 1.59 8.43 4.26
C ILE A 62 0.90 9.60 3.56
N ASP A 63 1.67 10.65 3.29
CA ASP A 63 1.13 11.84 2.63
C ASP A 63 1.20 11.69 1.11
N LYS A 64 2.35 11.24 0.62
CA LYS A 64 2.55 11.05 -0.81
C LYS A 64 1.66 9.93 -1.33
N THR A 65 1.45 9.92 -2.65
CA THR A 65 0.61 8.90 -3.27
C THR A 65 1.44 7.67 -3.64
N LYS A 66 2.72 7.70 -3.29
CA LYS A 66 3.61 6.58 -3.57
C LYS A 66 4.38 6.16 -2.32
N PHE A 67 4.76 4.89 -2.27
CA PHE A 67 5.50 4.36 -1.12
C PHE A 67 6.53 3.33 -1.57
N THR A 68 7.63 3.25 -0.83
CA THR A 68 8.70 2.31 -1.15
C THR A 68 9.14 1.55 0.09
N ILE A 69 8.99 0.22 0.05
CA ILE A 69 9.37 -0.62 1.18
C ILE A 69 10.89 -0.77 1.25
N THR A 70 11.44 -0.59 2.45
CA THR A 70 12.88 -0.71 2.66
C THR A 70 13.23 -2.00 3.38
N GLY A 71 14.26 -2.68 2.88
CA GLY A 71 14.67 -3.93 3.49
C GLY A 71 13.91 -5.13 2.96
N LEU A 72 14.23 -5.55 1.75
CA LEU A 72 13.57 -6.69 1.12
C LEU A 72 14.58 -7.60 0.44
N PRO A 73 14.51 -8.90 0.77
CA PRO A 73 15.41 -9.90 0.19
C PRO A 73 15.12 -10.16 -1.28
N THR A 74 16.17 -10.14 -2.11
CA THR A 74 16.02 -10.38 -3.53
C THR A 74 15.27 -11.68 -3.80
N ASP A 75 14.46 -11.68 -4.85
CA ASP A 75 13.68 -12.87 -5.22
C ASP A 75 12.73 -13.27 -4.10
N ALA A 76 12.03 -12.27 -3.55
CA ALA A 76 11.08 -12.52 -2.47
C ALA A 76 9.70 -11.99 -2.84
N LYS A 77 8.67 -12.73 -2.44
CA LYS A 77 7.30 -12.35 -2.72
C LYS A 77 6.62 -11.79 -1.48
N ILE A 78 5.89 -10.70 -1.65
CA ILE A 78 5.18 -10.07 -0.54
C ILE A 78 3.83 -9.51 -0.98
N PHE A 79 2.92 -9.36 -0.04
CA PHE A 79 1.58 -8.83 -0.32
C PHE A 79 1.47 -7.37 0.12
N VAL A 80 1.14 -6.50 -0.83
CA VAL A 80 0.99 -5.08 -0.54
C VAL A 80 -0.48 -4.67 -0.58
N ARG A 81 -0.87 -3.83 0.38
CA ARG A 81 -2.25 -3.36 0.45
C ARG A 81 -2.32 -1.99 1.10
N VAL A 82 -3.15 -1.11 0.55
CA VAL A 82 -3.30 0.24 1.07
C VAL A 82 -4.73 0.48 1.57
N LYS A 83 -4.85 1.30 2.61
CA LYS A 83 -6.16 1.61 3.19
C LYS A 83 -6.31 3.11 3.40
N ALA A 84 -7.51 3.62 3.14
CA ALA A 84 -7.80 5.04 3.30
C ALA A 84 -8.26 5.34 4.73
N VAL A 85 -7.42 6.04 5.48
CA VAL A 85 -7.74 6.39 6.86
C VAL A 85 -8.24 7.83 6.96
N ASN A 86 -9.37 8.01 7.62
CA ASN A 86 -9.96 9.34 7.77
C ASN A 86 -10.36 9.59 9.23
N ALA A 87 -10.80 10.80 9.52
CA ALA A 87 -11.22 11.16 10.87
C ALA A 87 -12.33 10.25 11.36
N ALA A 88 -13.28 9.95 10.48
CA ALA A 88 -14.41 9.08 10.82
C ALA A 88 -13.92 7.69 11.19
N GLY A 89 -13.12 7.08 10.33
CA GLY A 89 -12.61 5.75 10.59
C GLY A 89 -11.64 5.28 9.52
N ALA A 90 -11.91 4.10 8.96
CA ALA A 90 -11.04 3.54 7.92
C ALA A 90 -11.86 2.76 6.91
N SER A 91 -11.35 2.67 5.69
CA SER A 91 -12.04 1.95 4.62
C SER A 91 -11.42 0.56 4.42
N GLU A 92 -12.10 -0.27 3.63
CA GLU A 92 -11.63 -1.63 3.36
C GLU A 92 -10.24 -1.60 2.71
N PRO A 93 -9.40 -2.58 3.07
CA PRO A 93 -8.05 -2.70 2.54
C PRO A 93 -8.03 -3.08 1.07
N LYS A 94 -7.04 -2.58 0.33
CA LYS A 94 -6.91 -2.86 -1.08
C LYS A 94 -5.94 -4.01 -1.32
N TYR A 95 -6.49 -5.19 -1.62
CA TYR A 95 -5.66 -6.37 -1.87
C TYR A 95 -5.25 -6.45 -3.34
N TYR A 96 -3.95 -6.49 -3.59
CA TYR A 96 -3.43 -6.57 -4.94
C TYR A 96 -3.68 -7.95 -5.54
N SER A 97 -4.19 -7.98 -6.77
CA SER A 97 -4.47 -9.23 -7.46
C SER A 97 -3.30 -10.20 -7.31
N GLN A 98 -2.20 -9.89 -8.00
CA GLN A 98 -1.01 -10.73 -7.95
C GLN A 98 0.05 -10.13 -7.04
N PRO A 99 0.83 -11.00 -6.38
CA PRO A 99 1.90 -10.58 -5.48
C PRO A 99 3.07 -9.94 -6.21
N ILE A 100 3.73 -8.99 -5.56
CA ILE A 100 4.87 -8.31 -6.15
C ILE A 100 6.17 -9.08 -5.92
N LEU A 101 7.04 -9.08 -6.92
CA LEU A 101 8.31 -9.78 -6.84
C LEU A 101 9.47 -8.80 -6.85
N VAL A 102 10.05 -8.54 -5.68
CA VAL A 102 11.18 -7.63 -5.57
C VAL A 102 12.32 -8.04 -6.49
N LYS A 103 12.22 -7.65 -7.75
CA LYS A 103 13.26 -7.98 -8.73
C LYS A 103 13.48 -6.82 -9.70
N GLU A 104 14.75 -6.51 -9.96
CA GLU A 104 15.09 -5.42 -10.86
C GLU A 104 14.82 -5.82 -12.32
N SER A 105 14.65 -4.81 -13.17
CA SER A 105 14.38 -5.04 -14.58
C SER A 105 15.61 -5.61 -15.29
N GLY A 106 16.79 -5.29 -14.76
CA GLY A 106 18.03 -5.77 -15.35
C GLY A 106 18.59 -4.80 -16.37
N PRO A 107 19.44 -5.32 -17.27
CA PRO A 107 20.07 -4.51 -18.31
C PRO A 107 19.07 -4.04 -19.37
N SER A 108 17.84 -4.51 -19.26
CA SER A 108 16.79 -4.14 -20.21
C SER A 108 16.87 -2.65 -20.55
N SER A 109 16.71 -2.34 -21.83
CA SER A 109 16.77 -0.97 -22.30
C SER A 109 15.81 -0.08 -21.52
N GLY A 110 16.36 0.93 -20.85
CA GLY A 110 15.54 1.84 -20.08
C GLY A 110 16.36 2.82 -19.25
N GLY A 1 -18.19 -4.61 2.75
CA GLY A 1 -18.91 -5.01 3.95
C GLY A 1 -20.28 -4.36 4.04
N SER A 2 -20.95 -4.55 5.17
CA SER A 2 -22.27 -3.99 5.37
C SER A 2 -22.27 -2.99 6.53
N SER A 3 -21.70 -1.81 6.26
CA SER A 3 -21.63 -0.76 7.27
C SER A 3 -21.06 0.53 6.69
N GLY A 4 -21.28 1.63 7.39
CA GLY A 4 -20.78 2.92 6.92
C GLY A 4 -19.44 2.79 6.23
N SER A 5 -19.28 3.51 5.12
CA SER A 5 -18.02 3.48 4.36
C SER A 5 -16.96 4.36 5.01
N SER A 6 -16.73 4.15 6.31
CA SER A 6 -15.75 4.93 7.05
C SER A 6 -15.71 6.37 6.55
N GLY A 7 -16.89 6.96 6.38
CA GLY A 7 -16.97 8.33 5.91
C GLY A 7 -16.52 8.47 4.47
N THR A 8 -15.21 8.42 4.26
CA THR A 8 -14.64 8.55 2.91
C THR A 8 -14.43 7.18 2.28
N SER A 9 -14.21 7.17 0.96
CA SER A 9 -14.00 5.93 0.24
C SER A 9 -12.52 5.56 0.22
N PRO A 10 -12.24 4.25 0.17
CA PRO A 10 -10.87 3.74 0.14
C PRO A 10 -10.15 4.04 -1.16
N PRO A 11 -8.83 3.79 -1.19
CA PRO A 11 -8.00 4.04 -2.38
C PRO A 11 -8.31 3.06 -3.50
N THR A 12 -8.16 3.52 -4.74
CA THR A 12 -8.40 2.68 -5.91
C THR A 12 -7.29 2.81 -6.93
N LEU A 13 -7.40 2.05 -8.01
CA LEU A 13 -6.40 2.09 -9.08
C LEU A 13 -5.01 1.82 -8.52
N LEU A 14 -4.87 0.70 -7.80
CA LEU A 14 -3.58 0.32 -7.23
C LEU A 14 -2.71 -0.40 -8.24
N THR A 15 -1.55 0.18 -8.54
CA THR A 15 -0.63 -0.42 -9.51
C THR A 15 0.81 -0.21 -9.08
N VAL A 16 1.70 -1.09 -9.54
CA VAL A 16 3.11 -1.00 -9.20
C VAL A 16 3.86 -0.13 -10.21
N ASP A 17 4.34 1.01 -9.74
CA ASP A 17 5.08 1.93 -10.60
C ASP A 17 6.45 1.36 -10.96
N SER A 18 7.18 0.90 -9.95
CA SER A 18 8.51 0.33 -10.16
C SER A 18 8.91 -0.56 -8.99
N VAL A 19 9.78 -1.52 -9.26
CA VAL A 19 10.24 -2.44 -8.23
C VAL A 19 11.71 -2.78 -8.42
N THR A 20 12.50 -2.65 -7.35
CA THR A 20 13.92 -2.94 -7.40
C THR A 20 14.24 -4.24 -6.66
N ASP A 21 15.53 -4.58 -6.61
CA ASP A 21 15.97 -5.79 -5.93
C ASP A 21 16.24 -5.52 -4.45
N THR A 22 16.14 -4.25 -4.06
CA THR A 22 16.36 -3.85 -2.67
C THR A 22 15.17 -3.09 -2.11
N THR A 23 14.36 -2.53 -3.01
CA THR A 23 13.18 -1.77 -2.60
C THR A 23 12.04 -1.96 -3.59
N VAL A 24 10.84 -1.56 -3.19
CA VAL A 24 9.67 -1.68 -4.04
C VAL A 24 8.85 -0.39 -4.03
N THR A 25 8.42 0.04 -5.22
CA THR A 25 7.63 1.25 -5.34
C THR A 25 6.16 0.93 -5.59
N MET A 26 5.27 1.56 -4.82
CA MET A 26 3.84 1.35 -4.96
C MET A 26 3.10 2.67 -5.08
N ARG A 27 2.31 2.82 -6.14
CA ARG A 27 1.55 4.03 -6.37
C ARG A 27 0.05 3.75 -6.36
N TRP A 28 -0.73 4.72 -5.87
CA TRP A 28 -2.17 4.57 -5.80
C TRP A 28 -2.87 5.87 -6.17
N ARG A 29 -4.20 5.85 -6.18
CA ARG A 29 -4.99 7.02 -6.52
C ARG A 29 -5.91 7.41 -5.37
N PRO A 30 -6.20 8.73 -5.27
CA PRO A 30 -7.07 9.25 -4.22
C PRO A 30 -8.52 8.84 -4.40
N PRO A 31 -9.32 8.97 -3.33
CA PRO A 31 -10.74 8.62 -3.34
C PRO A 31 -11.56 9.58 -4.19
N ASP A 32 -12.55 9.04 -4.90
CA ASP A 32 -13.41 9.85 -5.75
C ASP A 32 -13.81 11.15 -5.04
N HIS A 33 -14.27 11.03 -3.80
CA HIS A 33 -14.68 12.18 -3.01
C HIS A 33 -14.15 12.08 -1.58
N ILE A 34 -13.86 13.23 -1.00
CA ILE A 34 -13.35 13.27 0.38
C ILE A 34 -14.48 13.49 1.38
N GLY A 35 -14.79 12.45 2.14
CA GLY A 35 -15.84 12.55 3.13
C GLY A 35 -15.73 13.79 3.98
N ALA A 36 -16.87 14.33 4.39
CA ALA A 36 -16.90 15.53 5.21
C ALA A 36 -15.79 15.50 6.26
N ALA A 37 -15.59 14.34 6.88
CA ALA A 37 -14.56 14.18 7.89
C ALA A 37 -13.20 14.61 7.37
N GLY A 38 -12.86 14.15 6.17
CA GLY A 38 -11.59 14.49 5.57
C GLY A 38 -10.62 13.32 5.55
N LEU A 39 -9.92 13.16 4.43
CA LEU A 39 -8.96 12.07 4.28
C LEU A 39 -7.65 12.41 4.96
N ASP A 40 -7.12 11.46 5.73
CA ASP A 40 -5.86 11.67 6.44
C ASP A 40 -4.80 10.69 5.94
N GLY A 41 -3.95 11.17 5.04
CA GLY A 41 -2.89 10.33 4.50
C GLY A 41 -3.37 8.92 4.21
N TYR A 42 -2.49 7.94 4.39
CA TYR A 42 -2.82 6.55 4.13
C TYR A 42 -1.93 5.62 4.95
N VAL A 43 -2.24 4.33 4.90
CA VAL A 43 -1.45 3.33 5.63
C VAL A 43 -1.01 2.20 4.71
N LEU A 44 0.28 1.87 4.77
CA LEU A 44 0.83 0.81 3.94
C LEU A 44 1.22 -0.40 4.80
N GLU A 45 0.88 -1.59 4.32
CA GLU A 45 1.20 -2.83 5.04
C GLU A 45 1.51 -3.95 4.07
N TYR A 46 2.62 -4.66 4.33
CA TYR A 46 3.03 -5.76 3.48
C TYR A 46 3.20 -7.04 4.29
N CYS A 47 2.62 -8.13 3.79
CA CYS A 47 2.70 -9.42 4.46
C CYS A 47 3.82 -10.27 3.88
N PHE A 48 4.75 -10.67 4.74
CA PHE A 48 5.88 -11.49 4.31
C PHE A 48 5.52 -12.98 4.33
N GLU A 49 5.93 -13.69 3.29
CA GLU A 49 5.65 -15.12 3.17
C GLU A 49 6.14 -15.86 4.42
N GLY A 50 7.31 -15.47 4.91
CA GLY A 50 7.87 -16.11 6.09
C GLY A 50 7.08 -15.80 7.34
N THR A 51 6.29 -14.73 7.29
CA THR A 51 5.49 -14.33 8.44
C THR A 51 4.01 -14.64 8.22
N GLU A 52 3.19 -14.32 9.21
CA GLU A 52 1.75 -14.56 9.11
C GLU A 52 0.97 -13.26 9.25
N ASP A 53 1.47 -12.36 10.10
CA ASP A 53 0.82 -11.08 10.34
C ASP A 53 1.34 -10.02 9.37
N TRP A 54 0.49 -9.07 9.04
CA TRP A 54 0.86 -7.99 8.11
C TRP A 54 1.85 -7.03 8.77
N ILE A 55 2.86 -6.62 8.01
CA ILE A 55 3.86 -5.69 8.52
C ILE A 55 3.62 -4.27 8.02
N VAL A 56 3.86 -3.30 8.88
CA VAL A 56 3.66 -1.90 8.53
C VAL A 56 4.95 -1.27 8.02
N ALA A 57 4.82 -0.29 7.13
CA ALA A 57 5.98 0.39 6.57
C ALA A 57 6.11 1.80 7.12
N ASN A 58 4.98 2.48 7.27
CA ASN A 58 4.97 3.84 7.80
C ASN A 58 4.84 3.84 9.31
N LYS A 59 5.41 4.87 9.95
CA LYS A 59 5.36 4.98 11.40
C LYS A 59 4.04 5.61 11.85
N ASP A 60 3.51 6.51 11.03
CA ASP A 60 2.25 7.18 11.34
C ASP A 60 1.32 7.17 10.13
N LEU A 61 1.67 7.97 9.12
CA LEU A 61 0.86 8.06 7.91
C LEU A 61 1.72 8.50 6.72
N ILE A 62 1.20 8.27 5.52
CA ILE A 62 1.91 8.65 4.31
C ILE A 62 1.29 9.88 3.66
N ASP A 63 2.02 10.98 3.66
CA ASP A 63 1.54 12.23 3.08
C ASP A 63 1.92 12.31 1.60
N LYS A 64 1.87 11.18 0.92
CA LYS A 64 2.21 11.12 -0.51
C LYS A 64 1.52 9.94 -1.19
N THR A 65 1.03 10.16 -2.39
CA THR A 65 0.35 9.11 -3.15
C THR A 65 1.33 8.01 -3.54
N LYS A 66 2.60 8.20 -3.22
CA LYS A 66 3.62 7.21 -3.54
C LYS A 66 4.33 6.74 -2.26
N PHE A 67 5.09 5.66 -2.39
CA PHE A 67 5.82 5.10 -1.26
C PHE A 67 6.85 4.08 -1.72
N THR A 68 7.87 3.87 -0.90
CA THR A 68 8.93 2.91 -1.22
C THR A 68 9.43 2.19 0.02
N ILE A 69 9.46 0.86 -0.04
CA ILE A 69 9.91 0.06 1.09
C ILE A 69 11.41 -0.23 0.99
N THR A 70 12.09 -0.18 2.13
CA THR A 70 13.53 -0.43 2.17
C THR A 70 13.85 -1.63 3.07
N GLY A 71 14.75 -2.48 2.60
CA GLY A 71 15.13 -3.65 3.38
C GLY A 71 14.33 -4.89 3.00
N LEU A 72 14.45 -5.30 1.74
CA LEU A 72 13.74 -6.47 1.25
C LEU A 72 14.67 -7.42 0.51
N PRO A 73 14.59 -8.71 0.83
CA PRO A 73 15.42 -9.74 0.20
C PRO A 73 15.05 -9.98 -1.26
N THR A 74 16.04 -10.29 -2.09
CA THR A 74 15.81 -10.54 -3.50
C THR A 74 15.13 -11.89 -3.72
N ASP A 75 14.40 -12.01 -4.82
CA ASP A 75 13.70 -13.24 -5.15
C ASP A 75 12.75 -13.64 -4.03
N ALA A 76 12.10 -12.64 -3.43
CA ALA A 76 11.16 -12.89 -2.34
C ALA A 76 9.75 -12.47 -2.73
N LYS A 77 8.75 -13.16 -2.18
CA LYS A 77 7.36 -12.85 -2.47
C LYS A 77 6.68 -12.19 -1.27
N ILE A 78 5.92 -11.14 -1.54
CA ILE A 78 5.22 -10.42 -0.49
C ILE A 78 3.89 -9.86 -1.00
N PHE A 79 2.94 -9.67 -0.08
CA PHE A 79 1.63 -9.16 -0.43
C PHE A 79 1.52 -7.67 -0.07
N VAL A 80 1.03 -6.88 -1.01
CA VAL A 80 0.88 -5.44 -0.80
C VAL A 80 -0.60 -5.07 -0.63
N ARG A 81 -0.86 -4.10 0.22
CA ARG A 81 -2.22 -3.64 0.47
C ARG A 81 -2.23 -2.24 1.06
N VAL A 82 -3.09 -1.38 0.52
CA VAL A 82 -3.19 0.00 1.00
C VAL A 82 -4.63 0.33 1.39
N LYS A 83 -4.78 1.15 2.42
CA LYS A 83 -6.10 1.55 2.91
C LYS A 83 -6.15 3.06 3.15
N ALA A 84 -7.34 3.56 3.48
CA ALA A 84 -7.52 4.98 3.74
C ALA A 84 -7.97 5.22 5.17
N VAL A 85 -7.30 6.14 5.84
CA VAL A 85 -7.63 6.47 7.24
C VAL A 85 -8.08 7.92 7.36
N ASN A 86 -9.21 8.13 8.03
CA ASN A 86 -9.76 9.46 8.22
C ASN A 86 -10.46 9.57 9.57
N ALA A 87 -10.98 10.76 9.86
CA ALA A 87 -11.69 11.00 11.12
C ALA A 87 -12.73 9.92 11.37
N ALA A 88 -13.58 9.68 10.38
CA ALA A 88 -14.63 8.67 10.50
C ALA A 88 -14.06 7.37 11.04
N GLY A 89 -13.01 6.86 10.42
CA GLY A 89 -12.40 5.62 10.85
C GLY A 89 -11.36 5.11 9.87
N ALA A 90 -11.48 3.84 9.50
CA ALA A 90 -10.54 3.23 8.57
C ALA A 90 -11.28 2.41 7.52
N SER A 91 -10.76 2.42 6.29
CA SER A 91 -11.38 1.68 5.19
C SER A 91 -10.63 0.39 4.92
N GLU A 92 -11.34 -0.60 4.40
CA GLU A 92 -10.73 -1.90 4.09
C GLU A 92 -9.55 -1.73 3.13
N PRO A 93 -8.50 -2.54 3.35
CA PRO A 93 -7.29 -2.49 2.52
C PRO A 93 -7.53 -3.05 1.12
N LYS A 94 -6.81 -2.51 0.15
CA LYS A 94 -6.94 -2.95 -1.24
C LYS A 94 -5.95 -4.06 -1.56
N TYR A 95 -6.48 -5.25 -1.82
CA TYR A 95 -5.64 -6.40 -2.13
C TYR A 95 -5.43 -6.52 -3.64
N TYR A 96 -4.17 -6.47 -4.06
CA TYR A 96 -3.82 -6.57 -5.48
C TYR A 96 -4.13 -7.97 -6.01
N SER A 97 -4.12 -8.10 -7.33
CA SER A 97 -4.38 -9.38 -7.97
C SER A 97 -3.32 -10.41 -7.59
N GLN A 98 -2.14 -10.26 -8.17
CA GLN A 98 -1.04 -11.18 -7.89
C GLN A 98 0.00 -10.53 -6.98
N PRO A 99 0.81 -11.36 -6.31
CA PRO A 99 1.86 -10.89 -5.41
C PRO A 99 3.01 -10.21 -6.14
N ILE A 100 3.62 -9.22 -5.51
CA ILE A 100 4.72 -8.49 -6.10
C ILE A 100 6.06 -9.17 -5.79
N LEU A 101 6.85 -9.40 -6.83
CA LEU A 101 8.15 -10.04 -6.67
C LEU A 101 9.27 -9.00 -6.66
N VAL A 102 9.89 -8.81 -5.50
CA VAL A 102 10.98 -7.85 -5.36
C VAL A 102 12.14 -8.19 -6.30
N LYS A 103 12.01 -7.77 -7.55
CA LYS A 103 13.05 -8.03 -8.55
C LYS A 103 13.19 -6.85 -9.50
N GLU A 104 14.42 -6.60 -9.96
CA GLU A 104 14.69 -5.49 -10.88
C GLU A 104 14.31 -5.87 -12.30
N SER A 105 13.89 -4.88 -13.08
CA SER A 105 13.49 -5.11 -14.47
C SER A 105 13.18 -3.79 -15.17
N GLY A 106 14.05 -3.40 -16.09
CA GLY A 106 13.85 -2.16 -16.82
C GLY A 106 12.93 -2.32 -18.02
N PRO A 107 12.54 -1.20 -18.63
CA PRO A 107 11.65 -1.20 -19.79
C PRO A 107 12.33 -1.75 -21.04
N SER A 108 11.56 -1.90 -22.11
CA SER A 108 12.09 -2.42 -23.37
C SER A 108 11.92 -1.41 -24.49
N SER A 109 12.96 -1.24 -25.30
CA SER A 109 12.92 -0.30 -26.41
C SER A 109 12.77 -1.03 -27.74
N GLY A 110 11.53 -1.23 -28.16
CA GLY A 110 11.27 -1.91 -29.41
C GLY A 110 9.97 -1.47 -30.05
N GLY A 1 -21.67 -6.24 10.88
CA GLY A 1 -21.43 -4.85 10.52
C GLY A 1 -20.00 -4.43 10.79
N SER A 2 -19.27 -4.09 9.73
CA SER A 2 -17.88 -3.66 9.86
C SER A 2 -17.65 -2.33 9.16
N SER A 3 -16.57 -1.65 9.53
CA SER A 3 -16.24 -0.35 8.93
C SER A 3 -15.75 -0.52 7.50
N GLY A 4 -16.46 0.09 6.57
CA GLY A 4 -16.09 -0.01 5.16
C GLY A 4 -15.89 1.35 4.53
N SER A 5 -16.93 2.18 4.56
CA SER A 5 -16.87 3.51 3.97
C SER A 5 -15.89 4.40 4.74
N SER A 6 -16.16 4.59 6.02
CA SER A 6 -15.30 5.43 6.87
C SER A 6 -15.38 6.89 6.45
N GLY A 7 -16.53 7.27 5.90
CA GLY A 7 -16.72 8.65 5.47
C GLY A 7 -16.21 8.89 4.06
N THR A 8 -14.92 8.69 3.87
CA THR A 8 -14.30 8.89 2.55
C THR A 8 -14.09 7.57 1.84
N SER A 9 -13.94 7.63 0.51
CA SER A 9 -13.73 6.43 -0.29
C SER A 9 -12.29 5.95 -0.20
N PRO A 10 -12.10 4.62 -0.29
CA PRO A 10 -10.77 4.01 -0.23
C PRO A 10 -9.91 4.33 -1.45
N PRO A 11 -8.62 4.01 -1.37
CA PRO A 11 -7.67 4.26 -2.46
C PRO A 11 -7.91 3.34 -3.66
N THR A 12 -8.15 3.96 -4.82
CA THR A 12 -8.40 3.20 -6.03
C THR A 12 -7.20 3.26 -6.97
N LEU A 13 -7.35 2.64 -8.15
CA LEU A 13 -6.27 2.62 -9.13
C LEU A 13 -4.95 2.18 -8.49
N LEU A 14 -4.99 1.09 -7.76
CA LEU A 14 -3.80 0.57 -7.09
C LEU A 14 -3.02 -0.35 -8.02
N THR A 15 -1.82 0.08 -8.41
CA THR A 15 -0.97 -0.70 -9.29
C THR A 15 0.50 -0.35 -9.09
N VAL A 16 1.36 -1.36 -9.18
CA VAL A 16 2.79 -1.17 -9.02
C VAL A 16 3.37 -0.28 -10.11
N ASP A 17 4.37 0.51 -9.76
CA ASP A 17 5.00 1.41 -10.71
C ASP A 17 6.38 0.90 -11.13
N SER A 18 7.24 0.68 -10.13
CA SER A 18 8.60 0.19 -10.39
C SER A 18 9.00 -0.85 -9.36
N VAL A 19 9.82 -1.81 -9.79
CA VAL A 19 10.28 -2.88 -8.90
C VAL A 19 11.79 -3.06 -9.00
N THR A 20 12.46 -2.98 -7.86
CA THR A 20 13.91 -3.14 -7.81
C THR A 20 14.33 -4.11 -6.72
N ASP A 21 15.14 -5.10 -7.08
CA ASP A 21 15.60 -6.09 -6.13
C ASP A 21 15.84 -5.46 -4.75
N THR A 22 16.26 -4.20 -4.75
CA THR A 22 16.52 -3.48 -3.51
C THR A 22 15.23 -3.17 -2.77
N THR A 23 14.30 -2.51 -3.48
CA THR A 23 13.02 -2.15 -2.89
C THR A 23 11.93 -2.06 -3.96
N VAL A 24 10.68 -2.08 -3.52
CA VAL A 24 9.55 -2.01 -4.43
C VAL A 24 8.91 -0.62 -4.40
N THR A 25 8.08 -0.33 -5.40
CA THR A 25 7.41 0.96 -5.47
C THR A 25 5.94 0.79 -5.83
N MET A 26 5.06 1.30 -4.96
CA MET A 26 3.63 1.20 -5.19
C MET A 26 3.02 2.57 -5.44
N ARG A 27 2.23 2.68 -6.52
CA ARG A 27 1.59 3.94 -6.87
C ARG A 27 0.08 3.83 -6.77
N TRP A 28 -0.56 4.95 -6.45
CA TRP A 28 -2.02 4.98 -6.32
C TRP A 28 -2.54 6.41 -6.35
N ARG A 29 -3.86 6.56 -6.36
CA ARG A 29 -4.48 7.87 -6.40
C ARG A 29 -5.53 8.01 -5.29
N PRO A 30 -5.81 9.26 -4.90
CA PRO A 30 -6.80 9.55 -3.85
C PRO A 30 -8.24 9.26 -4.30
N PRO A 31 -9.16 9.28 -3.34
CA PRO A 31 -10.58 9.01 -3.62
C PRO A 31 -11.24 10.14 -4.41
N ASP A 32 -12.05 9.76 -5.39
CA ASP A 32 -12.74 10.75 -6.23
C ASP A 32 -13.23 11.91 -5.39
N HIS A 33 -13.78 11.61 -4.22
CA HIS A 33 -14.30 12.64 -3.33
C HIS A 33 -13.83 12.40 -1.89
N ILE A 34 -13.93 13.43 -1.06
CA ILE A 34 -13.52 13.33 0.34
C ILE A 34 -14.71 13.47 1.27
N GLY A 35 -14.95 12.44 2.07
CA GLY A 35 -16.06 12.47 3.00
C GLY A 35 -16.11 13.75 3.82
N ALA A 36 -17.28 14.09 4.32
CA ALA A 36 -17.46 15.30 5.11
C ALA A 36 -16.48 15.32 6.28
N ALA A 37 -16.31 14.18 6.94
CA ALA A 37 -15.40 14.07 8.07
C ALA A 37 -14.00 14.49 7.69
N GLY A 38 -13.66 14.35 6.41
CA GLY A 38 -12.34 14.72 5.94
C GLY A 38 -11.47 13.51 5.65
N LEU A 39 -10.21 13.76 5.31
CA LEU A 39 -9.28 12.69 5.01
C LEU A 39 -7.94 12.91 5.71
N ASP A 40 -7.40 11.85 6.31
CA ASP A 40 -6.14 11.93 7.02
C ASP A 40 -5.12 10.96 6.42
N GLY A 41 -4.27 11.47 5.54
CA GLY A 41 -3.26 10.64 4.91
C GLY A 41 -3.76 9.24 4.62
N TYR A 42 -2.84 8.28 4.61
CA TYR A 42 -3.21 6.88 4.34
C TYR A 42 -2.28 5.93 5.09
N VAL A 43 -2.54 4.64 4.96
CA VAL A 43 -1.73 3.62 5.61
C VAL A 43 -1.38 2.49 4.65
N LEU A 44 -0.16 1.98 4.77
CA LEU A 44 0.30 0.89 3.92
C LEU A 44 1.10 -0.13 4.72
N GLU A 45 0.83 -1.41 4.47
CA GLU A 45 1.52 -2.48 5.17
C GLU A 45 1.88 -3.61 4.21
N TYR A 46 2.87 -4.41 4.58
CA TYR A 46 3.32 -5.52 3.76
C TYR A 46 3.58 -6.77 4.61
N CYS A 47 3.06 -7.90 4.14
CA CYS A 47 3.23 -9.17 4.86
C CYS A 47 4.30 -10.02 4.20
N PHE A 48 5.27 -10.48 4.98
CA PHE A 48 6.35 -11.32 4.47
C PHE A 48 5.96 -12.79 4.48
N GLU A 49 6.36 -13.52 3.45
CA GLU A 49 6.05 -14.94 3.34
C GLU A 49 6.67 -15.71 4.50
N GLY A 50 7.77 -15.20 5.05
CA GLY A 50 8.43 -15.86 6.15
C GLY A 50 7.69 -15.67 7.46
N THR A 51 6.81 -14.68 7.51
CA THR A 51 6.04 -14.40 8.72
C THR A 51 4.54 -14.46 8.44
N GLU A 52 3.78 -14.95 9.42
CA GLU A 52 2.34 -15.07 9.28
C GLU A 52 1.64 -13.81 9.80
N ASP A 53 2.34 -12.68 9.73
CA ASP A 53 1.79 -11.41 10.20
C ASP A 53 2.15 -10.28 9.24
N TRP A 54 1.31 -9.26 9.19
CA TRP A 54 1.55 -8.11 8.32
C TRP A 54 2.50 -7.11 8.97
N ILE A 55 3.61 -6.83 8.30
CA ILE A 55 4.59 -5.90 8.82
C ILE A 55 4.31 -4.47 8.34
N VAL A 56 3.73 -3.67 9.24
CA VAL A 56 3.40 -2.29 8.91
C VAL A 56 4.64 -1.53 8.45
N ALA A 57 4.55 -0.93 7.26
CA ALA A 57 5.65 -0.16 6.71
C ALA A 57 5.65 1.26 7.24
N ASN A 58 4.53 1.95 7.09
CA ASN A 58 4.40 3.33 7.55
C ASN A 58 4.26 3.38 9.07
N LYS A 59 4.76 4.46 9.67
CA LYS A 59 4.69 4.63 11.11
C LYS A 59 3.37 5.29 11.51
N ASP A 60 3.19 6.55 11.10
CA ASP A 60 1.98 7.29 11.42
C ASP A 60 1.05 7.35 10.22
N LEU A 61 1.46 8.07 9.18
CA LEU A 61 0.66 8.20 7.97
C LEU A 61 1.55 8.52 6.77
N ILE A 62 1.02 8.26 5.58
CA ILE A 62 1.77 8.52 4.34
C ILE A 62 1.24 9.78 3.65
N ASP A 63 2.16 10.70 3.36
CA ASP A 63 1.80 11.95 2.69
C ASP A 63 2.28 11.96 1.25
N LYS A 64 2.20 10.81 0.60
CA LYS A 64 2.64 10.67 -0.79
C LYS A 64 1.83 9.61 -1.51
N THR A 65 1.58 9.83 -2.80
CA THR A 65 0.82 8.89 -3.61
C THR A 65 1.67 7.68 -3.99
N LYS A 66 2.89 7.64 -3.49
CA LYS A 66 3.81 6.54 -3.77
C LYS A 66 4.64 6.18 -2.55
N PHE A 67 4.81 4.89 -2.31
CA PHE A 67 5.58 4.41 -1.16
C PHE A 67 6.63 3.40 -1.60
N THR A 68 7.73 3.34 -0.85
CA THR A 68 8.80 2.40 -1.15
C THR A 68 9.28 1.67 0.10
N ILE A 69 9.12 0.36 0.11
CA ILE A 69 9.53 -0.46 1.24
C ILE A 69 11.04 -0.69 1.23
N THR A 70 11.74 -0.04 2.15
CA THR A 70 13.19 -0.18 2.25
C THR A 70 13.57 -1.41 3.07
N GLY A 71 14.46 -2.23 2.51
CA GLY A 71 14.89 -3.43 3.20
C GLY A 71 14.12 -4.66 2.75
N LEU A 72 14.37 -5.10 1.53
CA LEU A 72 13.70 -6.27 0.98
C LEU A 72 14.69 -7.22 0.31
N PRO A 73 14.68 -8.49 0.72
CA PRO A 73 15.57 -9.51 0.17
C PRO A 73 15.21 -9.88 -1.26
N THR A 74 16.22 -9.93 -2.13
CA THR A 74 16.02 -10.27 -3.53
C THR A 74 15.38 -11.64 -3.68
N ASP A 75 14.49 -11.78 -4.65
CA ASP A 75 13.80 -13.04 -4.90
C ASP A 75 12.81 -13.34 -3.79
N ALA A 76 12.26 -12.29 -3.18
CA ALA A 76 11.30 -12.44 -2.10
C ALA A 76 9.92 -11.94 -2.53
N LYS A 77 8.88 -12.65 -2.10
CA LYS A 77 7.51 -12.27 -2.43
C LYS A 77 6.78 -11.72 -1.21
N ILE A 78 6.05 -10.63 -1.41
CA ILE A 78 5.30 -10.01 -0.32
C ILE A 78 3.96 -9.49 -0.81
N PHE A 79 3.03 -9.30 0.14
CA PHE A 79 1.70 -8.82 -0.19
C PHE A 79 1.54 -7.35 0.19
N VAL A 80 1.02 -6.55 -0.73
CA VAL A 80 0.82 -5.13 -0.49
C VAL A 80 -0.66 -4.78 -0.41
N ARG A 81 -1.04 -4.02 0.61
CA ARG A 81 -2.42 -3.63 0.81
C ARG A 81 -2.51 -2.24 1.43
N VAL A 82 -3.29 -1.36 0.80
CA VAL A 82 -3.46 0.00 1.30
C VAL A 82 -4.93 0.34 1.48
N LYS A 83 -5.21 1.26 2.41
CA LYS A 83 -6.59 1.68 2.68
C LYS A 83 -6.63 3.15 3.06
N ALA A 84 -7.84 3.71 3.10
CA ALA A 84 -8.02 5.10 3.46
C ALA A 84 -8.32 5.24 4.96
N VAL A 85 -7.46 5.98 5.66
CA VAL A 85 -7.63 6.19 7.09
C VAL A 85 -8.08 7.63 7.38
N ASN A 86 -9.23 7.75 8.02
CA ASN A 86 -9.77 9.07 8.36
C ASN A 86 -10.39 9.05 9.76
N ALA A 87 -10.86 10.21 10.20
CA ALA A 87 -11.49 10.34 11.51
C ALA A 87 -12.62 9.33 11.69
N ALA A 88 -13.47 9.23 10.67
CA ALA A 88 -14.59 8.30 10.71
C ALA A 88 -14.15 6.91 11.15
N GLY A 89 -12.94 6.54 10.78
CA GLY A 89 -12.41 5.24 11.15
C GLY A 89 -11.42 4.70 10.14
N ALA A 90 -11.82 3.67 9.41
CA ALA A 90 -10.95 3.06 8.40
C ALA A 90 -11.77 2.36 7.32
N SER A 91 -11.22 2.29 6.12
CA SER A 91 -11.89 1.65 4.99
C SER A 91 -11.34 0.25 4.74
N GLU A 92 -12.13 -0.59 4.10
CA GLU A 92 -11.72 -1.95 3.79
C GLU A 92 -10.34 -1.96 3.13
N PRO A 93 -9.54 -2.99 3.47
CA PRO A 93 -8.19 -3.14 2.93
C PRO A 93 -8.19 -3.52 1.46
N LYS A 94 -7.17 -3.09 0.73
CA LYS A 94 -7.06 -3.39 -0.70
C LYS A 94 -6.07 -4.53 -0.94
N TYR A 95 -6.56 -5.60 -1.54
CA TYR A 95 -5.72 -6.76 -1.84
C TYR A 95 -5.33 -6.79 -3.31
N TYR A 96 -4.02 -6.79 -3.56
CA TYR A 96 -3.52 -6.81 -4.94
C TYR A 96 -3.71 -8.20 -5.56
N SER A 97 -4.04 -8.21 -6.85
CA SER A 97 -4.26 -9.46 -7.57
C SER A 97 -3.12 -10.44 -7.30
N GLN A 98 -1.97 -10.16 -7.91
CA GLN A 98 -0.80 -11.03 -7.74
C GLN A 98 0.26 -10.35 -6.88
N PRO A 99 1.06 -11.16 -6.17
CA PRO A 99 2.13 -10.66 -5.30
C PRO A 99 3.27 -10.05 -6.09
N ILE A 100 3.93 -9.06 -5.49
CA ILE A 100 5.05 -8.39 -6.13
C ILE A 100 6.37 -9.08 -5.79
N LEU A 101 7.12 -9.45 -6.83
CA LEU A 101 8.40 -10.12 -6.65
C LEU A 101 9.55 -9.13 -6.75
N VAL A 102 10.09 -8.74 -5.60
CA VAL A 102 11.21 -7.80 -5.55
C VAL A 102 12.38 -8.28 -6.41
N LYS A 103 12.30 -8.00 -7.71
CA LYS A 103 13.35 -8.40 -8.64
C LYS A 103 13.57 -7.33 -9.70
N GLU A 104 14.84 -6.99 -9.94
CA GLU A 104 15.19 -5.97 -10.93
C GLU A 104 15.24 -6.58 -12.33
N SER A 105 14.94 -5.76 -13.33
CA SER A 105 14.95 -6.21 -14.72
C SER A 105 16.38 -6.34 -15.24
N GLY A 106 17.19 -5.31 -15.01
CA GLY A 106 18.56 -5.33 -15.46
C GLY A 106 18.94 -4.07 -16.23
N PRO A 107 18.85 -4.15 -17.57
CA PRO A 107 19.18 -3.03 -18.45
C PRO A 107 18.16 -1.90 -18.35
N SER A 108 18.64 -0.66 -18.45
CA SER A 108 17.77 0.51 -18.37
C SER A 108 17.45 1.03 -19.76
N SER A 109 18.49 1.24 -20.56
CA SER A 109 18.32 1.75 -21.92
C SER A 109 18.91 0.79 -22.95
N GLY A 110 18.07 0.33 -23.87
CA GLY A 110 18.53 -0.59 -24.89
C GLY A 110 17.98 -0.26 -26.26
N GLY A 1 -11.96 -6.02 12.54
CA GLY A 1 -13.31 -6.17 12.02
C GLY A 1 -14.14 -4.92 12.20
N SER A 2 -14.09 -4.03 11.21
CA SER A 2 -14.85 -2.79 11.27
C SER A 2 -16.29 -3.00 10.83
N SER A 3 -17.22 -2.36 11.54
CA SER A 3 -18.64 -2.49 11.23
C SER A 3 -19.20 -1.17 10.73
N GLY A 4 -19.33 -1.04 9.41
CA GLY A 4 -19.85 0.19 8.84
C GLY A 4 -18.83 0.92 7.99
N SER A 5 -19.31 1.61 6.95
CA SER A 5 -18.42 2.35 6.06
C SER A 5 -17.70 3.46 6.82
N SER A 6 -16.56 3.90 6.28
CA SER A 6 -15.78 4.95 6.90
C SER A 6 -16.13 6.31 6.30
N GLY A 7 -17.24 6.37 5.58
CA GLY A 7 -17.66 7.61 4.96
C GLY A 7 -16.97 7.87 3.64
N THR A 8 -15.64 7.87 3.66
CA THR A 8 -14.85 8.11 2.45
C THR A 8 -14.51 6.80 1.76
N SER A 9 -14.37 6.85 0.44
CA SER A 9 -14.04 5.67 -0.35
C SER A 9 -12.56 5.34 -0.25
N PRO A 10 -12.22 4.04 -0.35
CA PRO A 10 -10.84 3.57 -0.26
C PRO A 10 -10.03 3.97 -1.49
N PRO A 11 -8.70 3.77 -1.40
CA PRO A 11 -7.78 4.10 -2.49
C PRO A 11 -7.94 3.17 -3.69
N THR A 12 -8.07 3.75 -4.87
CA THR A 12 -8.24 2.97 -6.10
C THR A 12 -7.04 3.13 -7.02
N LEU A 13 -7.10 2.49 -8.18
CA LEU A 13 -6.01 2.56 -9.15
C LEU A 13 -4.69 2.11 -8.51
N LEU A 14 -4.72 0.97 -7.85
CA LEU A 14 -3.52 0.44 -7.19
C LEU A 14 -2.65 -0.30 -8.20
N THR A 15 -1.50 0.28 -8.52
CA THR A 15 -0.57 -0.32 -9.47
C THR A 15 0.86 -0.28 -8.94
N VAL A 16 1.70 -1.16 -9.46
CA VAL A 16 3.10 -1.22 -9.03
C VAL A 16 3.99 -0.41 -9.97
N ASP A 17 4.07 0.89 -9.70
CA ASP A 17 4.89 1.78 -10.52
C ASP A 17 6.17 1.08 -10.98
N SER A 18 6.98 0.64 -10.02
CA SER A 18 8.23 -0.04 -10.33
C SER A 18 8.68 -0.89 -9.15
N VAL A 19 9.80 -1.60 -9.34
CA VAL A 19 10.35 -2.45 -8.30
C VAL A 19 11.82 -2.77 -8.54
N THR A 20 12.58 -2.92 -7.46
CA THR A 20 14.00 -3.22 -7.57
C THR A 20 14.39 -4.36 -6.64
N ASP A 21 15.51 -5.01 -6.95
CA ASP A 21 15.99 -6.12 -6.13
C ASP A 21 16.26 -5.67 -4.70
N THR A 22 16.33 -4.36 -4.51
CA THR A 22 16.59 -3.80 -3.19
C THR A 22 15.30 -3.34 -2.52
N THR A 23 14.52 -2.52 -3.22
CA THR A 23 13.26 -2.03 -2.69
C THR A 23 12.19 -1.99 -3.78
N VAL A 24 10.93 -1.90 -3.35
CA VAL A 24 9.81 -1.86 -4.28
C VAL A 24 9.14 -0.49 -4.28
N THR A 25 8.34 -0.23 -5.31
CA THR A 25 7.64 1.05 -5.43
C THR A 25 6.17 0.83 -5.76
N MET A 26 5.30 1.46 -4.97
CA MET A 26 3.86 1.34 -5.18
C MET A 26 3.25 2.70 -5.55
N ARG A 27 2.06 2.66 -6.14
CA ARG A 27 1.37 3.88 -6.55
C ARG A 27 -0.13 3.70 -6.48
N TRP A 28 -0.85 4.79 -6.25
CA TRP A 28 -2.30 4.75 -6.15
C TRP A 28 -2.89 6.16 -6.28
N ARG A 29 -4.22 6.24 -6.36
CA ARG A 29 -4.91 7.51 -6.49
C ARG A 29 -5.93 7.70 -5.36
N PRO A 30 -6.22 8.96 -5.04
CA PRO A 30 -7.19 9.29 -3.98
C PRO A 30 -8.62 8.94 -4.37
N PRO A 31 -9.53 8.99 -3.38
CA PRO A 31 -10.95 8.69 -3.61
C PRO A 31 -11.65 9.75 -4.44
N ASP A 32 -12.71 9.36 -5.13
CA ASP A 32 -13.48 10.28 -5.97
C ASP A 32 -13.61 11.64 -5.29
N HIS A 33 -14.03 11.63 -4.03
CA HIS A 33 -14.20 12.86 -3.27
C HIS A 33 -14.28 12.57 -1.78
N ILE A 34 -13.98 13.58 -0.97
CA ILE A 34 -14.01 13.44 0.49
C ILE A 34 -15.26 14.07 1.07
N GLY A 35 -16.00 13.29 1.85
CA GLY A 35 -17.21 13.79 2.46
C GLY A 35 -17.23 13.59 3.97
N ALA A 36 -16.83 12.41 4.41
CA ALA A 36 -16.80 12.10 5.84
C ALA A 36 -15.94 13.11 6.60
N ALA A 37 -15.76 12.87 7.90
CA ALA A 37 -14.96 13.75 8.73
C ALA A 37 -13.81 14.36 7.95
N GLY A 38 -13.25 13.59 7.01
CA GLY A 38 -12.15 14.07 6.20
C GLY A 38 -11.23 12.95 5.76
N LEU A 39 -10.00 13.30 5.39
CA LEU A 39 -9.03 12.32 4.93
C LEU A 39 -7.68 12.54 5.61
N ASP A 40 -7.18 11.48 6.26
CA ASP A 40 -5.89 11.55 6.94
C ASP A 40 -4.85 10.72 6.22
N GLY A 41 -4.06 11.37 5.37
CA GLY A 41 -3.03 10.68 4.62
C GLY A 41 -3.45 9.29 4.20
N TYR A 42 -2.56 8.32 4.38
CA TYR A 42 -2.85 6.94 4.02
C TYR A 42 -1.96 5.98 4.79
N VAL A 43 -2.27 4.68 4.71
CA VAL A 43 -1.49 3.66 5.40
C VAL A 43 -1.19 2.48 4.48
N LEU A 44 0.08 2.12 4.38
CA LEU A 44 0.51 1.01 3.54
C LEU A 44 1.23 -0.05 4.35
N GLU A 45 0.82 -1.30 4.18
CA GLU A 45 1.42 -2.42 4.89
C GLU A 45 1.72 -3.59 3.96
N TYR A 46 2.71 -4.39 4.31
CA TYR A 46 3.08 -5.54 3.50
C TYR A 46 3.27 -6.79 4.37
N CYS A 47 2.77 -7.92 3.89
CA CYS A 47 2.88 -9.17 4.62
C CYS A 47 3.88 -10.10 3.94
N PHE A 48 4.76 -10.70 4.74
CA PHE A 48 5.77 -11.61 4.22
C PHE A 48 5.26 -13.05 4.22
N GLU A 49 5.71 -13.83 3.24
CA GLU A 49 5.30 -15.22 3.13
C GLU A 49 5.68 -16.01 4.38
N GLY A 50 4.73 -16.79 4.89
CA GLY A 50 4.98 -17.58 6.09
C GLY A 50 4.55 -16.88 7.35
N THR A 51 4.92 -15.62 7.49
CA THR A 51 4.56 -14.83 8.66
C THR A 51 3.09 -14.42 8.62
N GLU A 52 2.33 -14.88 9.62
CA GLU A 52 0.91 -14.56 9.69
C GLU A 52 0.69 -13.20 10.34
N ASP A 53 1.57 -12.25 10.04
CA ASP A 53 1.47 -10.91 10.59
C ASP A 53 1.92 -9.87 9.58
N TRP A 54 1.19 -8.76 9.50
CA TRP A 54 1.51 -7.69 8.57
C TRP A 54 2.59 -6.78 9.14
N ILE A 55 3.56 -6.42 8.31
CA ILE A 55 4.65 -5.55 8.73
C ILE A 55 4.40 -4.11 8.30
N VAL A 56 4.38 -3.20 9.28
CA VAL A 56 4.15 -1.79 9.01
C VAL A 56 5.35 -1.16 8.30
N ALA A 57 5.09 -0.46 7.21
CA ALA A 57 6.15 0.19 6.44
C ALA A 57 6.35 1.64 6.90
N ASN A 58 5.24 2.38 6.98
CA ASN A 58 5.30 3.78 7.41
C ASN A 58 5.32 3.89 8.93
N LYS A 59 5.66 5.07 9.42
CA LYS A 59 5.72 5.31 10.86
C LYS A 59 4.39 5.82 11.38
N ASP A 60 3.84 6.83 10.71
CA ASP A 60 2.56 7.41 11.11
C ASP A 60 1.58 7.41 9.94
N LEU A 61 1.79 8.32 9.00
CA LEU A 61 0.91 8.42 7.83
C LEU A 61 1.73 8.64 6.56
N ILE A 62 1.06 8.62 5.43
CA ILE A 62 1.72 8.83 4.14
C ILE A 62 1.21 10.09 3.45
N ASP A 63 2.13 10.98 3.10
CA ASP A 63 1.77 12.22 2.44
C ASP A 63 1.63 12.03 0.93
N LYS A 64 2.70 11.54 0.30
CA LYS A 64 2.71 11.30 -1.13
C LYS A 64 1.79 10.13 -1.48
N THR A 65 1.47 10.00 -2.76
CA THR A 65 0.60 8.93 -3.24
C THR A 65 1.41 7.67 -3.52
N LYS A 66 2.72 7.77 -3.39
CA LYS A 66 3.60 6.62 -3.63
C LYS A 66 4.38 6.27 -2.36
N PHE A 67 4.95 5.07 -2.34
CA PHE A 67 5.73 4.61 -1.20
C PHE A 67 6.76 3.57 -1.62
N THR A 68 7.84 3.46 -0.85
CA THR A 68 8.90 2.50 -1.15
C THR A 68 9.26 1.68 0.09
N ILE A 69 9.15 0.36 -0.04
CA ILE A 69 9.47 -0.54 1.06
C ILE A 69 10.96 -0.88 1.08
N THR A 70 11.68 -0.26 2.00
CA THR A 70 13.12 -0.51 2.13
C THR A 70 13.39 -1.71 3.03
N GLY A 71 14.33 -2.56 2.60
CA GLY A 71 14.67 -3.73 3.38
C GLY A 71 13.87 -4.95 2.97
N LEU A 72 14.09 -5.40 1.73
CA LEU A 72 13.38 -6.57 1.21
C LEU A 72 14.35 -7.54 0.55
N PRO A 73 14.22 -8.83 0.88
CA PRO A 73 15.08 -9.89 0.32
C PRO A 73 14.79 -10.14 -1.15
N THR A 74 15.84 -10.17 -1.97
CA THR A 74 15.70 -10.41 -3.39
C THR A 74 15.04 -11.75 -3.67
N ASP A 75 14.12 -11.77 -4.62
CA ASP A 75 13.42 -13.00 -4.99
C ASP A 75 12.48 -13.43 -3.87
N ALA A 76 11.65 -12.50 -3.40
CA ALA A 76 10.69 -12.78 -2.34
C ALA A 76 9.31 -12.27 -2.70
N LYS A 77 8.30 -13.06 -2.38
CA LYS A 77 6.91 -12.71 -2.68
C LYS A 77 6.25 -12.06 -1.45
N ILE A 78 5.69 -10.86 -1.66
CA ILE A 78 5.03 -10.15 -0.58
C ILE A 78 3.74 -9.49 -1.07
N PHE A 79 2.75 -9.42 -0.19
CA PHE A 79 1.47 -8.80 -0.54
C PHE A 79 1.38 -7.38 0.00
N VAL A 80 0.84 -6.48 -0.82
CA VAL A 80 0.70 -5.08 -0.42
C VAL A 80 -0.77 -4.67 -0.36
N ARG A 81 -1.09 -3.79 0.58
CA ARG A 81 -2.46 -3.31 0.75
C ARG A 81 -2.47 -1.87 1.22
N VAL A 82 -3.31 -1.05 0.57
CA VAL A 82 -3.43 0.36 0.92
C VAL A 82 -4.87 0.75 1.19
N LYS A 83 -5.11 1.37 2.34
CA LYS A 83 -6.46 1.79 2.72
C LYS A 83 -6.46 3.24 3.21
N ALA A 84 -7.64 3.84 3.27
CA ALA A 84 -7.78 5.22 3.71
C ALA A 84 -8.25 5.28 5.17
N VAL A 85 -7.63 6.15 5.95
CA VAL A 85 -7.99 6.30 7.35
C VAL A 85 -8.45 7.72 7.64
N ASN A 86 -9.55 7.84 8.39
CA ASN A 86 -10.10 9.15 8.74
C ASN A 86 -10.68 9.13 10.16
N ALA A 87 -10.98 10.32 10.68
CA ALA A 87 -11.55 10.43 12.02
C ALA A 87 -12.57 9.33 12.28
N ALA A 88 -13.42 9.07 11.29
CA ALA A 88 -14.44 8.03 11.42
C ALA A 88 -13.82 6.69 11.74
N GLY A 89 -12.84 6.28 10.93
CA GLY A 89 -12.18 5.00 11.16
C GLY A 89 -11.24 4.65 10.03
N ALA A 90 -11.36 3.42 9.53
CA ALA A 90 -10.50 2.94 8.44
C ALA A 90 -11.35 2.36 7.30
N SER A 91 -10.74 2.26 6.13
CA SER A 91 -11.42 1.73 4.96
C SER A 91 -10.96 0.30 4.67
N GLU A 92 -11.70 -0.39 3.79
CA GLU A 92 -11.36 -1.76 3.42
C GLU A 92 -10.00 -1.83 2.75
N PRO A 93 -9.24 -2.89 3.04
CA PRO A 93 -7.90 -3.10 2.47
C PRO A 93 -7.95 -3.42 0.99
N LYS A 94 -6.93 -2.99 0.25
CA LYS A 94 -6.85 -3.23 -1.18
C LYS A 94 -5.79 -4.27 -1.50
N TYR A 95 -6.23 -5.51 -1.72
CA TYR A 95 -5.31 -6.60 -2.03
C TYR A 95 -4.99 -6.64 -3.52
N TYR A 96 -3.72 -6.40 -3.85
CA TYR A 96 -3.29 -6.41 -5.25
C TYR A 96 -3.65 -7.72 -5.93
N SER A 97 -3.34 -7.82 -7.22
CA SER A 97 -3.63 -9.03 -7.98
C SER A 97 -2.60 -10.12 -7.69
N GLN A 98 -1.39 -9.92 -8.20
CA GLN A 98 -0.31 -10.89 -7.99
C GLN A 98 0.66 -10.40 -6.91
N PRO A 99 1.34 -11.36 -6.26
CA PRO A 99 2.31 -11.06 -5.21
C PRO A 99 3.56 -10.39 -5.74
N ILE A 100 3.75 -9.12 -5.38
CA ILE A 100 4.92 -8.37 -5.83
C ILE A 100 6.21 -9.10 -5.48
N LEU A 101 6.90 -9.59 -6.51
CA LEU A 101 8.16 -10.31 -6.31
C LEU A 101 9.35 -9.36 -6.40
N VAL A 102 9.75 -8.81 -5.26
CA VAL A 102 10.88 -7.90 -5.22
C VAL A 102 11.99 -8.34 -6.15
N LYS A 103 11.99 -7.83 -7.37
CA LYS A 103 12.99 -8.17 -8.37
C LYS A 103 13.33 -6.97 -9.24
N GLU A 104 14.59 -6.87 -9.63
CA GLU A 104 15.05 -5.77 -10.48
C GLU A 104 14.67 -6.00 -11.94
N SER A 105 14.67 -4.94 -12.72
CA SER A 105 14.33 -5.03 -14.14
C SER A 105 15.57 -4.91 -15.01
N GLY A 106 16.53 -4.10 -14.57
CA GLY A 106 17.75 -3.93 -15.32
C GLY A 106 18.84 -3.26 -14.50
N PRO A 107 20.10 -3.64 -14.76
CA PRO A 107 21.25 -3.10 -14.04
C PRO A 107 21.53 -1.65 -14.40
N SER A 108 21.14 -1.27 -15.62
CA SER A 108 21.34 0.11 -16.09
C SER A 108 20.52 1.10 -15.27
N SER A 109 21.17 2.14 -14.77
CA SER A 109 20.51 3.15 -13.97
C SER A 109 20.22 4.39 -14.80
N GLY A 110 18.97 4.85 -14.77
CA GLY A 110 18.59 6.03 -15.52
C GLY A 110 17.22 5.89 -16.17
N GLY A 1 -24.79 -3.75 9.64
CA GLY A 1 -23.84 -4.55 10.39
C GLY A 1 -22.60 -4.87 9.60
N SER A 2 -22.07 -3.88 8.89
CA SER A 2 -20.88 -4.06 8.08
C SER A 2 -19.67 -3.37 8.72
N SER A 3 -18.80 -4.16 9.34
CA SER A 3 -17.62 -3.62 9.99
C SER A 3 -16.80 -2.77 9.03
N GLY A 4 -15.78 -2.11 9.55
CA GLY A 4 -14.93 -1.27 8.73
C GLY A 4 -15.69 -0.11 8.11
N SER A 5 -16.27 0.74 8.95
CA SER A 5 -17.04 1.88 8.48
C SER A 5 -16.31 3.19 8.78
N SER A 6 -16.09 3.99 7.75
CA SER A 6 -15.40 5.26 7.89
C SER A 6 -16.20 6.40 7.23
N GLY A 7 -16.65 6.15 6.01
CA GLY A 7 -17.42 7.15 5.29
C GLY A 7 -16.86 7.42 3.90
N THR A 8 -15.53 7.47 3.80
CA THR A 8 -14.88 7.73 2.53
C THR A 8 -14.56 6.43 1.80
N SER A 9 -14.10 6.55 0.57
CA SER A 9 -13.77 5.37 -0.24
C SER A 9 -12.26 5.09 -0.19
N PRO A 10 -11.91 3.80 -0.31
CA PRO A 10 -10.51 3.36 -0.28
C PRO A 10 -9.73 3.80 -1.51
N PRO A 11 -8.41 3.63 -1.46
CA PRO A 11 -7.52 4.00 -2.57
C PRO A 11 -7.70 3.10 -3.78
N THR A 12 -8.05 3.69 -4.92
CA THR A 12 -8.26 2.93 -6.15
C THR A 12 -7.05 3.07 -7.08
N LEU A 13 -7.11 2.37 -8.21
CA LEU A 13 -6.02 2.42 -9.18
C LEU A 13 -4.69 2.03 -8.54
N LEU A 14 -4.71 0.96 -7.77
CA LEU A 14 -3.50 0.49 -7.10
C LEU A 14 -2.70 -0.43 -8.01
N THR A 15 -1.55 0.06 -8.47
CA THR A 15 -0.68 -0.71 -9.35
C THR A 15 0.77 -0.60 -8.93
N VAL A 16 1.58 -1.59 -9.33
CA VAL A 16 3.00 -1.61 -8.98
C VAL A 16 3.78 -0.63 -9.85
N ASP A 17 3.89 0.60 -9.39
CA ASP A 17 4.62 1.64 -10.12
C ASP A 17 5.95 1.09 -10.62
N SER A 18 6.80 0.64 -9.70
CA SER A 18 8.10 0.11 -10.04
C SER A 18 8.58 -0.88 -8.98
N VAL A 19 9.68 -1.56 -9.28
CA VAL A 19 10.25 -2.54 -8.36
C VAL A 19 11.76 -2.66 -8.54
N THR A 20 12.49 -2.72 -7.43
CA THR A 20 13.94 -2.84 -7.47
C THR A 20 14.44 -3.90 -6.49
N ASP A 21 15.38 -4.72 -6.94
CA ASP A 21 15.94 -5.77 -6.10
C ASP A 21 16.09 -5.30 -4.66
N THR A 22 16.32 -4.00 -4.48
CA THR A 22 16.48 -3.43 -3.16
C THR A 22 15.13 -3.11 -2.53
N THR A 23 14.39 -2.19 -3.15
CA THR A 23 13.08 -1.80 -2.65
C THR A 23 12.04 -1.83 -3.77
N VAL A 24 10.77 -1.77 -3.39
CA VAL A 24 9.68 -1.78 -4.35
C VAL A 24 8.84 -0.51 -4.27
N THR A 25 8.19 -0.16 -5.37
CA THR A 25 7.36 1.03 -5.42
C THR A 25 5.90 0.69 -5.71
N MET A 26 5.00 1.42 -5.08
CA MET A 26 3.57 1.19 -5.28
C MET A 26 2.80 2.50 -5.36
N ARG A 27 2.12 2.73 -6.47
CA ARG A 27 1.35 3.95 -6.66
C ARG A 27 -0.14 3.69 -6.46
N TRP A 28 -0.86 4.73 -6.04
CA TRP A 28 -2.30 4.61 -5.80
C TRP A 28 -2.99 5.97 -5.98
N ARG A 29 -4.31 5.94 -6.09
CA ARG A 29 -5.08 7.17 -6.25
C ARG A 29 -6.10 7.32 -5.13
N PRO A 30 -6.24 8.57 -4.63
CA PRO A 30 -7.18 8.88 -3.55
C PRO A 30 -8.64 8.77 -3.98
N PRO A 31 -9.55 8.76 -3.00
CA PRO A 31 -10.99 8.67 -3.27
C PRO A 31 -11.54 9.94 -3.90
N ASP A 32 -12.43 9.77 -4.88
CA ASP A 32 -13.03 10.90 -5.57
C ASP A 32 -13.85 11.76 -4.60
N HIS A 33 -14.67 11.10 -3.78
CA HIS A 33 -15.50 11.80 -2.81
C HIS A 33 -14.79 11.89 -1.46
N ILE A 34 -14.95 13.02 -0.78
CA ILE A 34 -14.34 13.23 0.52
C ILE A 34 -15.33 13.81 1.52
N GLY A 35 -15.62 13.04 2.56
CA GLY A 35 -16.55 13.49 3.58
C GLY A 35 -16.11 13.14 4.98
N ALA A 36 -15.79 11.86 5.20
CA ALA A 36 -15.34 11.41 6.51
C ALA A 36 -14.17 12.24 7.01
N ALA A 37 -14.48 13.30 7.76
CA ALA A 37 -13.46 14.17 8.31
C ALA A 37 -12.31 14.34 7.34
N GLY A 38 -12.63 14.41 6.05
CA GLY A 38 -11.60 14.58 5.03
C GLY A 38 -10.70 13.37 4.92
N LEU A 39 -9.47 13.58 4.47
CA LEU A 39 -8.51 12.50 4.32
C LEU A 39 -7.17 12.85 4.97
N ASP A 40 -6.60 11.90 5.68
CA ASP A 40 -5.32 12.11 6.35
C ASP A 40 -4.29 11.10 5.88
N GLY A 41 -3.48 11.49 4.89
CA GLY A 41 -2.47 10.59 4.37
C GLY A 41 -2.97 9.18 4.17
N TYR A 42 -2.05 8.23 4.06
CA TYR A 42 -2.41 6.83 3.86
C TYR A 42 -1.51 5.91 4.70
N VAL A 43 -1.73 4.61 4.57
CA VAL A 43 -0.94 3.64 5.31
C VAL A 43 -0.61 2.42 4.44
N LEU A 44 0.63 1.97 4.50
CA LEU A 44 1.08 0.83 3.72
C LEU A 44 1.42 -0.35 4.63
N GLU A 45 0.98 -1.54 4.22
CA GLU A 45 1.23 -2.75 5.00
C GLU A 45 1.46 -3.94 4.08
N TYR A 46 2.51 -4.72 4.37
CA TYR A 46 2.85 -5.88 3.57
C TYR A 46 2.98 -7.12 4.46
N CYS A 47 2.58 -8.27 3.91
CA CYS A 47 2.66 -9.53 4.64
C CYS A 47 3.67 -10.47 4.00
N PHE A 48 4.87 -10.53 4.58
CA PHE A 48 5.93 -11.39 4.07
C PHE A 48 5.44 -12.83 3.94
N GLU A 49 6.10 -13.60 3.08
CA GLU A 49 5.73 -14.99 2.86
C GLU A 49 6.08 -15.84 4.07
N GLY A 50 7.26 -15.59 4.65
CA GLY A 50 7.69 -16.34 5.82
C GLY A 50 7.24 -15.70 7.12
N THR A 51 6.02 -15.19 7.13
CA THR A 51 5.48 -14.55 8.32
C THR A 51 4.00 -14.90 8.51
N GLU A 52 3.39 -14.33 9.54
CA GLU A 52 1.99 -14.57 9.84
C GLU A 52 1.23 -13.27 10.07
N ASP A 53 1.92 -12.30 10.68
CA ASP A 53 1.31 -11.01 10.95
C ASP A 53 1.68 -9.99 9.88
N TRP A 54 0.74 -9.10 9.57
CA TRP A 54 0.98 -8.07 8.56
C TRP A 54 1.97 -7.03 9.05
N ILE A 55 3.05 -6.86 8.29
CA ILE A 55 4.09 -5.88 8.65
C ILE A 55 3.76 -4.50 8.09
N VAL A 56 3.99 -3.48 8.91
CA VAL A 56 3.72 -2.10 8.50
C VAL A 56 4.96 -1.47 7.87
N ALA A 57 4.81 -1.00 6.64
CA ALA A 57 5.91 -0.37 5.92
C ALA A 57 6.18 1.03 6.46
N ASN A 58 5.12 1.71 6.88
CA ASN A 58 5.25 3.06 7.42
C ASN A 58 4.13 3.36 8.41
N LYS A 59 4.47 3.43 9.69
CA LYS A 59 3.50 3.70 10.74
C LYS A 59 2.82 5.05 10.49
N ASP A 60 3.60 6.11 10.43
CA ASP A 60 3.07 7.44 10.20
C ASP A 60 2.18 7.47 8.95
N LEU A 61 1.72 8.66 8.59
CA LEU A 61 0.87 8.83 7.42
C LEU A 61 1.67 9.25 6.20
N ILE A 62 1.41 8.61 5.07
CA ILE A 62 2.11 8.93 3.84
C ILE A 62 1.41 10.05 3.07
N ASP A 63 2.02 11.23 3.09
CA ASP A 63 1.44 12.39 2.40
C ASP A 63 1.23 12.09 0.92
N LYS A 64 2.32 11.87 0.20
CA LYS A 64 2.26 11.56 -1.23
C LYS A 64 1.42 10.32 -1.48
N THR A 65 1.11 10.07 -2.75
CA THR A 65 0.31 8.91 -3.12
C THR A 65 1.20 7.76 -3.62
N LYS A 66 2.39 7.64 -3.02
CA LYS A 66 3.33 6.60 -3.40
C LYS A 66 4.33 6.33 -2.27
N PHE A 67 4.58 5.06 -2.00
CA PHE A 67 5.51 4.68 -0.95
C PHE A 67 6.49 3.62 -1.45
N THR A 68 7.65 3.54 -0.81
CA THR A 68 8.68 2.58 -1.19
C THR A 68 9.19 1.82 0.01
N ILE A 69 8.73 0.59 0.18
CA ILE A 69 9.15 -0.26 1.30
C ILE A 69 10.67 -0.26 1.45
N THR A 70 11.14 -0.19 2.69
CA THR A 70 12.57 -0.20 2.96
C THR A 70 13.01 -1.47 3.66
N GLY A 71 14.03 -2.13 3.12
CA GLY A 71 14.52 -3.36 3.70
C GLY A 71 13.76 -4.57 3.22
N LEU A 72 14.11 -5.04 2.03
CA LEU A 72 13.44 -6.20 1.45
C LEU A 72 14.46 -7.15 0.80
N PRO A 73 14.37 -8.43 1.13
CA PRO A 73 15.27 -9.46 0.60
C PRO A 73 15.03 -9.73 -0.88
N THR A 74 16.10 -9.69 -1.67
CA THR A 74 16.00 -9.93 -3.10
C THR A 74 15.43 -11.32 -3.39
N ASP A 75 14.63 -11.40 -4.44
CA ASP A 75 14.02 -12.68 -4.83
C ASP A 75 13.03 -13.14 -3.78
N ALA A 76 12.15 -12.24 -3.34
CA ALA A 76 11.15 -12.55 -2.34
C ALA A 76 9.77 -12.03 -2.75
N LYS A 77 8.73 -12.76 -2.38
CA LYS A 77 7.37 -12.37 -2.71
C LYS A 77 6.65 -11.82 -1.48
N ILE A 78 5.78 -10.84 -1.70
CA ILE A 78 5.04 -10.22 -0.61
C ILE A 78 3.72 -9.64 -1.11
N PHE A 79 2.76 -9.50 -0.20
CA PHE A 79 1.45 -8.96 -0.55
C PHE A 79 1.33 -7.50 -0.14
N VAL A 80 0.93 -6.65 -1.08
CA VAL A 80 0.78 -5.23 -0.81
C VAL A 80 -0.68 -4.83 -0.76
N ARG A 81 -1.02 -3.93 0.16
CA ARG A 81 -2.40 -3.46 0.31
C ARG A 81 -2.44 -2.13 1.05
N VAL A 82 -3.19 -1.18 0.50
CA VAL A 82 -3.31 0.14 1.11
C VAL A 82 -4.76 0.44 1.48
N LYS A 83 -4.94 1.20 2.55
CA LYS A 83 -6.27 1.56 3.02
C LYS A 83 -6.32 3.02 3.48
N ALA A 84 -7.40 3.71 3.14
CA ALA A 84 -7.56 5.11 3.52
C ALA A 84 -7.79 5.25 5.01
N VAL A 85 -7.16 6.23 5.63
CA VAL A 85 -7.29 6.47 7.06
C VAL A 85 -7.72 7.91 7.33
N ASN A 86 -8.77 8.06 8.14
CA ASN A 86 -9.28 9.38 8.48
C ASN A 86 -9.77 9.41 9.93
N ALA A 87 -10.13 10.61 10.40
CA ALA A 87 -10.62 10.77 11.76
C ALA A 87 -11.59 9.65 12.14
N ALA A 88 -12.64 9.50 11.34
CA ALA A 88 -13.65 8.47 11.59
C ALA A 88 -12.99 7.11 11.85
N GLY A 89 -12.14 6.69 10.92
CA GLY A 89 -11.46 5.42 11.07
C GLY A 89 -10.60 5.08 9.86
N ALA A 90 -10.97 4.03 9.15
CA ALA A 90 -10.23 3.60 7.97
C ALA A 90 -11.14 2.90 6.96
N SER A 91 -10.64 2.72 5.75
CA SER A 91 -11.42 2.08 4.69
C SER A 91 -10.92 0.65 4.45
N GLU A 92 -11.71 -0.12 3.72
CA GLU A 92 -11.35 -1.51 3.41
C GLU A 92 -10.01 -1.59 2.70
N PRO A 93 -9.23 -2.64 3.01
CA PRO A 93 -7.92 -2.85 2.40
C PRO A 93 -7.99 -3.21 0.93
N LYS A 94 -7.05 -2.71 0.14
CA LYS A 94 -7.02 -2.99 -1.29
C LYS A 94 -6.00 -4.06 -1.61
N TYR A 95 -6.49 -5.25 -1.97
CA TYR A 95 -5.61 -6.37 -2.30
C TYR A 95 -5.34 -6.42 -3.80
N TYR A 96 -4.06 -6.39 -4.16
CA TYR A 96 -3.67 -6.43 -5.57
C TYR A 96 -4.04 -7.76 -6.20
N SER A 97 -3.73 -7.90 -7.48
CA SER A 97 -4.04 -9.13 -8.21
C SER A 97 -3.00 -10.21 -7.91
N GLN A 98 -1.79 -10.00 -8.37
CA GLN A 98 -0.71 -10.95 -8.15
C GLN A 98 0.27 -10.44 -7.09
N PRO A 99 0.97 -11.37 -6.42
CA PRO A 99 1.95 -11.03 -5.38
C PRO A 99 3.19 -10.36 -5.95
N ILE A 100 3.51 -9.18 -5.42
CA ILE A 100 4.68 -8.43 -5.87
C ILE A 100 5.98 -9.15 -5.49
N LEU A 101 6.92 -9.17 -6.41
CA LEU A 101 8.21 -9.81 -6.17
C LEU A 101 9.36 -8.80 -6.25
N VAL A 102 9.97 -8.52 -5.11
CA VAL A 102 11.08 -7.57 -5.07
C VAL A 102 12.22 -8.02 -5.97
N LYS A 103 12.09 -7.74 -7.26
CA LYS A 103 13.12 -8.11 -8.23
C LYS A 103 13.38 -6.98 -9.21
N GLU A 104 14.63 -6.84 -9.64
CA GLU A 104 15.01 -5.79 -10.58
C GLU A 104 14.84 -6.26 -12.02
N SER A 105 14.92 -5.33 -12.96
CA SER A 105 14.77 -5.65 -14.37
C SER A 105 16.07 -5.36 -15.13
N GLY A 106 17.17 -5.88 -14.62
CA GLY A 106 18.46 -5.67 -15.25
C GLY A 106 19.00 -4.26 -15.02
N PRO A 107 19.89 -3.81 -15.91
CA PRO A 107 20.51 -2.49 -15.81
C PRO A 107 19.51 -1.36 -16.10
N SER A 108 18.79 -0.96 -15.07
CA SER A 108 17.79 0.10 -15.21
C SER A 108 18.25 1.38 -14.51
N SER A 109 17.95 2.52 -15.11
CA SER A 109 18.34 3.81 -14.54
C SER A 109 17.20 4.82 -14.65
N GLY A 110 16.63 5.17 -13.50
CA GLY A 110 15.53 6.13 -13.49
C GLY A 110 15.89 7.41 -12.77
N GLY A 1 -17.46 -10.45 6.44
CA GLY A 1 -17.86 -9.07 6.19
C GLY A 1 -17.89 -8.25 7.45
N SER A 2 -17.01 -7.25 7.53
CA SER A 2 -16.95 -6.39 8.71
C SER A 2 -17.96 -5.25 8.60
N SER A 3 -18.01 -4.41 9.62
CA SER A 3 -18.94 -3.29 9.65
C SER A 3 -18.31 -2.07 10.33
N GLY A 4 -18.38 -0.93 9.65
CA GLY A 4 -17.81 0.29 10.19
C GLY A 4 -17.17 1.16 9.12
N SER A 5 -18.01 1.86 8.36
CA SER A 5 -17.53 2.73 7.29
C SER A 5 -16.80 3.94 7.87
N SER A 6 -15.78 4.41 7.15
CA SER A 6 -15.01 5.57 7.59
C SER A 6 -15.54 6.85 6.96
N GLY A 7 -16.50 6.71 6.05
CA GLY A 7 -17.07 7.86 5.40
C GLY A 7 -16.50 8.09 4.01
N THR A 8 -15.18 8.21 3.93
CA THR A 8 -14.51 8.43 2.66
C THR A 8 -14.28 7.11 1.92
N SER A 9 -13.97 7.21 0.63
CA SER A 9 -13.72 6.03 -0.18
C SER A 9 -12.25 5.61 -0.12
N PRO A 10 -12.01 4.30 -0.28
CA PRO A 10 -10.65 3.74 -0.24
C PRO A 10 -9.83 4.14 -1.47
N PRO A 11 -8.51 3.92 -1.39
CA PRO A 11 -7.59 4.24 -2.48
C PRO A 11 -7.77 3.32 -3.68
N THR A 12 -8.16 3.91 -4.82
CA THR A 12 -8.37 3.13 -6.04
C THR A 12 -7.17 3.24 -6.97
N LEU A 13 -7.26 2.60 -8.13
CA LEU A 13 -6.18 2.63 -9.11
C LEU A 13 -4.87 2.17 -8.49
N LEU A 14 -4.93 1.06 -7.76
CA LEU A 14 -3.74 0.51 -7.11
C LEU A 14 -2.93 -0.34 -8.09
N THR A 15 -1.72 0.13 -8.39
CA THR A 15 -0.84 -0.58 -9.32
C THR A 15 0.63 -0.45 -8.89
N VAL A 16 1.45 -1.39 -9.33
CA VAL A 16 2.86 -1.39 -9.01
C VAL A 16 3.65 -0.52 -9.99
N ASP A 17 4.00 0.68 -9.56
CA ASP A 17 4.76 1.60 -10.39
C ASP A 17 6.03 0.95 -10.91
N SER A 18 6.92 0.58 -9.99
CA SER A 18 8.18 -0.05 -10.35
C SER A 18 8.60 -1.06 -9.29
N VAL A 19 9.65 -1.82 -9.59
CA VAL A 19 10.16 -2.83 -8.66
C VAL A 19 11.66 -3.04 -8.85
N THR A 20 12.40 -2.95 -7.75
CA THR A 20 13.84 -3.13 -7.79
C THR A 20 14.29 -4.23 -6.82
N ASP A 21 15.15 -5.12 -7.30
CA ASP A 21 15.66 -6.20 -6.47
C ASP A 21 15.93 -5.73 -5.04
N THR A 22 16.21 -4.44 -4.91
CA THR A 22 16.50 -3.86 -3.60
C THR A 22 15.22 -3.43 -2.90
N THR A 23 14.43 -2.59 -3.57
CA THR A 23 13.18 -2.10 -3.00
C THR A 23 12.09 -2.03 -4.07
N VAL A 24 10.83 -1.96 -3.63
CA VAL A 24 9.70 -1.88 -4.54
C VAL A 24 8.97 -0.55 -4.41
N THR A 25 8.34 -0.13 -5.48
CA THR A 25 7.60 1.14 -5.49
C THR A 25 6.15 0.92 -5.89
N MET A 26 5.24 1.60 -5.19
CA MET A 26 3.82 1.48 -5.48
C MET A 26 3.21 2.84 -5.80
N ARG A 27 1.99 2.83 -6.34
CA ARG A 27 1.31 4.07 -6.70
C ARG A 27 -0.21 3.91 -6.58
N TRP A 28 -0.89 4.98 -6.21
CA TRP A 28 -2.34 4.95 -6.06
C TRP A 28 -2.91 6.36 -6.18
N ARG A 29 -4.24 6.44 -6.32
CA ARG A 29 -4.92 7.72 -6.45
C ARG A 29 -5.92 7.92 -5.32
N PRO A 30 -6.22 9.18 -5.00
CA PRO A 30 -7.16 9.54 -3.93
C PRO A 30 -8.60 9.19 -4.29
N PRO A 31 -9.49 9.20 -3.28
CA PRO A 31 -10.90 8.88 -3.47
C PRO A 31 -11.64 9.97 -4.26
N ASP A 32 -12.60 9.55 -5.06
CA ASP A 32 -13.39 10.48 -5.87
C ASP A 32 -13.61 11.79 -5.12
N HIS A 33 -14.04 11.69 -3.87
CA HIS A 33 -14.29 12.85 -3.05
C HIS A 33 -14.31 12.48 -1.57
N ILE A 34 -13.87 13.41 -0.71
CA ILE A 34 -13.83 13.18 0.72
C ILE A 34 -14.93 13.98 1.42
N GLY A 35 -15.63 13.32 2.35
CA GLY A 35 -16.69 14.00 3.08
C GLY A 35 -16.88 13.41 4.47
N ALA A 36 -15.79 13.12 5.16
CA ALA A 36 -15.84 12.56 6.50
C ALA A 36 -14.59 12.91 7.30
N ALA A 37 -14.74 13.80 8.27
CA ALA A 37 -13.62 14.22 9.11
C ALA A 37 -12.36 14.39 8.28
N GLY A 38 -12.52 14.74 7.01
CA GLY A 38 -11.38 14.93 6.13
C GLY A 38 -10.58 13.66 5.95
N LEU A 39 -9.49 13.75 5.18
CA LEU A 39 -8.64 12.60 4.92
C LEU A 39 -7.25 12.81 5.52
N ASP A 40 -6.71 11.75 6.12
CA ASP A 40 -5.38 11.81 6.72
C ASP A 40 -4.43 10.82 6.06
N GLY A 41 -3.60 11.32 5.15
CA GLY A 41 -2.66 10.46 4.46
C GLY A 41 -3.23 9.08 4.16
N TYR A 42 -2.37 8.08 4.18
CA TYR A 42 -2.79 6.71 3.91
C TYR A 42 -1.91 5.70 4.65
N VAL A 43 -2.45 4.51 4.89
CA VAL A 43 -1.71 3.47 5.59
C VAL A 43 -1.36 2.32 4.65
N LEU A 44 -0.09 1.96 4.61
CA LEU A 44 0.38 0.88 3.75
C LEU A 44 1.07 -0.20 4.57
N GLU A 45 0.71 -1.46 4.31
CA GLU A 45 1.30 -2.58 5.02
C GLU A 45 1.68 -3.69 4.05
N TYR A 46 2.49 -4.64 4.52
CA TYR A 46 2.93 -5.76 3.70
C TYR A 46 3.09 -7.02 4.53
N CYS A 47 2.72 -8.15 3.96
CA CYS A 47 2.83 -9.43 4.66
C CYS A 47 3.91 -10.30 4.03
N PHE A 48 4.94 -10.61 4.82
CA PHE A 48 6.05 -11.43 4.34
C PHE A 48 5.68 -12.91 4.35
N GLU A 49 6.02 -13.61 3.27
CA GLU A 49 5.71 -15.03 3.15
C GLU A 49 6.19 -15.79 4.39
N GLY A 50 5.35 -16.70 4.87
CA GLY A 50 5.69 -17.47 6.05
C GLY A 50 5.05 -16.93 7.31
N THR A 51 5.15 -15.62 7.51
CA THR A 51 4.58 -14.99 8.69
C THR A 51 3.09 -14.73 8.51
N GLU A 52 2.28 -15.30 9.40
CA GLU A 52 0.84 -15.13 9.33
C GLU A 52 0.41 -13.82 9.99
N ASP A 53 1.20 -12.78 9.77
CA ASP A 53 0.90 -11.46 10.33
C ASP A 53 1.25 -10.35 9.34
N TRP A 54 0.47 -9.28 9.36
CA TRP A 54 0.69 -8.16 8.47
C TRP A 54 1.61 -7.12 9.11
N ILE A 55 2.81 -6.98 8.55
CA ILE A 55 3.79 -6.03 9.06
C ILE A 55 3.47 -4.61 8.61
N VAL A 56 3.85 -3.63 9.41
CA VAL A 56 3.62 -2.23 9.09
C VAL A 56 4.80 -1.64 8.34
N ALA A 57 4.52 -1.08 7.15
CA ALA A 57 5.56 -0.47 6.33
C ALA A 57 5.88 0.94 6.82
N ASN A 58 4.83 1.68 7.19
CA ASN A 58 5.00 3.05 7.66
C ASN A 58 4.01 3.36 8.79
N LYS A 59 4.54 3.90 9.89
CA LYS A 59 3.70 4.23 11.04
C LYS A 59 2.99 5.57 10.82
N ASP A 60 3.75 6.59 10.42
CA ASP A 60 3.19 7.91 10.17
C ASP A 60 2.30 7.89 8.94
N LEU A 61 1.67 9.03 8.64
CA LEU A 61 0.79 9.14 7.49
C LEU A 61 1.59 9.49 6.23
N ILE A 62 1.25 8.82 5.13
CA ILE A 62 1.93 9.04 3.86
C ILE A 62 1.28 10.20 3.10
N ASP A 63 1.97 11.33 3.05
CA ASP A 63 1.47 12.51 2.35
C ASP A 63 1.37 12.24 0.85
N LYS A 64 2.51 11.94 0.22
CA LYS A 64 2.55 11.65 -1.20
C LYS A 64 1.63 10.50 -1.56
N THR A 65 1.44 10.27 -2.86
CA THR A 65 0.58 9.19 -3.33
C THR A 65 1.40 7.99 -3.76
N LYS A 66 2.63 7.90 -3.27
CA LYS A 66 3.52 6.80 -3.61
C LYS A 66 4.35 6.37 -2.40
N PHE A 67 4.79 5.12 -2.40
CA PHE A 67 5.60 4.60 -1.30
C PHE A 67 6.62 3.59 -1.82
N THR A 68 7.76 3.51 -1.13
CA THR A 68 8.82 2.58 -1.51
C THR A 68 9.37 1.85 -0.30
N ILE A 69 8.90 0.62 -0.09
CA ILE A 69 9.35 -0.19 1.04
C ILE A 69 10.87 -0.24 1.11
N THR A 70 11.41 0.11 2.27
CA THR A 70 12.86 0.11 2.46
C THR A 70 13.30 -1.14 3.22
N GLY A 71 14.35 -1.79 2.71
CA GLY A 71 14.85 -3.00 3.34
C GLY A 71 14.09 -4.23 2.92
N LEU A 72 14.40 -4.75 1.74
CA LEU A 72 13.74 -5.94 1.23
C LEU A 72 14.76 -6.92 0.62
N PRO A 73 14.63 -8.20 0.99
CA PRO A 73 15.53 -9.25 0.49
C PRO A 73 15.31 -9.55 -0.99
N THR A 74 16.40 -9.80 -1.70
CA THR A 74 16.33 -10.10 -3.13
C THR A 74 15.66 -11.44 -3.38
N ASP A 75 14.86 -11.51 -4.43
CA ASP A 75 14.16 -12.75 -4.78
C ASP A 75 13.22 -13.17 -3.67
N ALA A 76 12.43 -12.22 -3.17
CA ALA A 76 11.48 -12.49 -2.10
C ALA A 76 10.06 -12.11 -2.51
N LYS A 77 9.09 -12.93 -2.12
CA LYS A 77 7.69 -12.66 -2.43
C LYS A 77 6.99 -11.99 -1.27
N ILE A 78 6.29 -10.89 -1.56
CA ILE A 78 5.58 -10.15 -0.53
C ILE A 78 4.26 -9.60 -1.07
N PHE A 79 3.37 -9.22 -0.16
CA PHE A 79 2.06 -8.67 -0.55
C PHE A 79 1.95 -7.20 -0.16
N VAL A 80 1.18 -6.45 -0.94
CA VAL A 80 0.99 -5.03 -0.69
C VAL A 80 -0.49 -4.70 -0.52
N ARG A 81 -0.83 -4.02 0.57
CA ARG A 81 -2.21 -3.64 0.84
C ARG A 81 -2.30 -2.17 1.22
N VAL A 82 -3.25 -1.45 0.61
CA VAL A 82 -3.45 -0.04 0.89
C VAL A 82 -4.91 0.27 1.19
N LYS A 83 -5.14 1.22 2.08
CA LYS A 83 -6.48 1.61 2.47
C LYS A 83 -6.52 3.02 3.02
N ALA A 84 -7.68 3.66 2.97
CA ALA A 84 -7.84 5.01 3.47
C ALA A 84 -8.01 5.03 4.98
N VAL A 85 -7.65 6.14 5.61
CA VAL A 85 -7.76 6.28 7.06
C VAL A 85 -8.04 7.73 7.45
N ASN A 86 -9.06 7.92 8.28
CA ASN A 86 -9.42 9.26 8.74
C ASN A 86 -9.95 9.22 10.18
N ALA A 87 -10.12 10.40 10.76
CA ALA A 87 -10.62 10.51 12.14
C ALA A 87 -11.76 9.52 12.38
N ALA A 88 -12.72 9.51 11.47
CA ALA A 88 -13.86 8.61 11.59
C ALA A 88 -13.42 7.16 11.72
N GLY A 89 -12.72 6.66 10.71
CA GLY A 89 -12.24 5.29 10.74
C GLY A 89 -11.38 4.94 9.54
N ALA A 90 -11.40 3.67 9.15
CA ALA A 90 -10.62 3.22 8.01
C ALA A 90 -11.50 2.50 6.99
N SER A 91 -10.99 2.35 5.77
CA SER A 91 -11.74 1.68 4.72
C SER A 91 -11.23 0.26 4.50
N GLU A 92 -12.01 -0.54 3.77
CA GLU A 92 -11.63 -1.93 3.51
C GLU A 92 -10.24 -2.01 2.89
N PRO A 93 -9.48 -3.03 3.27
CA PRO A 93 -8.11 -3.25 2.77
C PRO A 93 -8.10 -3.67 1.31
N LYS A 94 -7.19 -3.07 0.54
CA LYS A 94 -7.07 -3.37 -0.88
C LYS A 94 -6.14 -4.56 -1.10
N TYR A 95 -6.65 -5.59 -1.76
CA TYR A 95 -5.87 -6.80 -2.04
C TYR A 95 -5.48 -6.86 -3.51
N TYR A 96 -4.18 -6.73 -3.77
CA TYR A 96 -3.67 -6.77 -5.15
C TYR A 96 -3.94 -8.13 -5.79
N SER A 97 -3.79 -8.19 -7.10
CA SER A 97 -4.02 -9.44 -7.83
C SER A 97 -2.93 -10.45 -7.54
N GLN A 98 -1.75 -10.22 -8.09
CA GLN A 98 -0.61 -11.12 -7.90
C GLN A 98 0.37 -10.53 -6.89
N PRO A 99 1.11 -11.41 -6.20
CA PRO A 99 2.10 -11.01 -5.20
C PRO A 99 3.31 -10.34 -5.81
N ILE A 100 3.78 -9.27 -5.18
CA ILE A 100 4.95 -8.54 -5.67
C ILE A 100 6.25 -9.25 -5.28
N LEU A 101 7.13 -9.43 -6.26
CA LEU A 101 8.41 -10.09 -6.01
C LEU A 101 9.57 -9.12 -6.21
N VAL A 102 10.14 -8.67 -5.10
CA VAL A 102 11.27 -7.74 -5.15
C VAL A 102 12.35 -8.23 -6.10
N LYS A 103 12.25 -7.81 -7.36
CA LYS A 103 13.22 -8.21 -8.37
C LYS A 103 13.59 -7.03 -9.27
N GLU A 104 14.86 -6.98 -9.67
CA GLU A 104 15.33 -5.90 -10.53
C GLU A 104 14.78 -6.05 -11.95
N SER A 105 14.54 -4.92 -12.61
CA SER A 105 14.01 -4.92 -13.96
C SER A 105 15.10 -5.18 -14.98
N GLY A 106 16.06 -4.26 -15.07
CA GLY A 106 17.15 -4.41 -16.01
C GLY A 106 16.82 -3.84 -17.37
N PRO A 107 17.52 -4.35 -18.41
CA PRO A 107 17.31 -3.90 -19.79
C PRO A 107 15.96 -4.34 -20.35
N SER A 108 15.16 -5.01 -19.52
CA SER A 108 13.86 -5.48 -19.93
C SER A 108 13.97 -6.45 -21.09
N SER A 109 14.97 -7.33 -21.03
CA SER A 109 15.20 -8.31 -22.09
C SER A 109 14.41 -9.60 -21.81
N GLY A 110 13.18 -9.43 -21.36
CA GLY A 110 12.35 -10.59 -21.06
C GLY A 110 11.22 -10.26 -20.10
N GLY A 1 -21.12 -7.93 8.63
CA GLY A 1 -19.98 -8.77 8.99
C GLY A 1 -18.67 -8.00 8.95
N SER A 2 -18.52 -7.14 7.94
CA SER A 2 -17.30 -6.35 7.78
C SER A 2 -17.48 -4.96 8.38
N SER A 3 -17.54 -4.90 9.71
CA SER A 3 -17.71 -3.63 10.41
C SER A 3 -16.86 -2.55 9.78
N GLY A 4 -17.37 -1.31 9.78
CA GLY A 4 -16.64 -0.21 9.20
C GLY A 4 -17.52 1.02 8.98
N SER A 5 -17.60 1.47 7.74
CA SER A 5 -18.40 2.64 7.39
C SER A 5 -17.74 3.91 7.90
N SER A 6 -16.47 4.10 7.54
CA SER A 6 -15.72 5.27 7.95
C SER A 6 -16.35 6.54 7.40
N GLY A 7 -16.63 6.53 6.09
CA GLY A 7 -17.25 7.69 5.46
C GLY A 7 -16.75 7.90 4.04
N THR A 8 -15.45 8.05 3.88
CA THR A 8 -14.85 8.27 2.57
C THR A 8 -14.61 6.93 1.85
N SER A 9 -14.32 7.01 0.56
CA SER A 9 -14.07 5.81 -0.24
C SER A 9 -12.61 5.39 -0.13
N PRO A 10 -12.36 4.08 -0.24
CA PRO A 10 -11.01 3.51 -0.17
C PRO A 10 -10.17 3.87 -1.39
N PRO A 11 -8.86 3.59 -1.30
CA PRO A 11 -7.91 3.87 -2.38
C PRO A 11 -8.13 2.97 -3.59
N THR A 12 -8.21 3.58 -4.77
CA THR A 12 -8.43 2.83 -6.00
C THR A 12 -7.26 3.01 -6.96
N LEU A 13 -7.31 2.32 -8.10
CA LEU A 13 -6.26 2.41 -9.11
C LEU A 13 -4.91 1.99 -8.51
N LEU A 14 -4.90 0.87 -7.80
CA LEU A 14 -3.69 0.36 -7.19
C LEU A 14 -2.85 -0.42 -8.20
N THR A 15 -1.60 -0.02 -8.36
CA THR A 15 -0.69 -0.68 -9.29
C THR A 15 0.76 -0.50 -8.87
N VAL A 16 1.61 -1.45 -9.27
CA VAL A 16 3.03 -1.38 -8.95
C VAL A 16 3.76 -0.37 -9.82
N ASP A 17 4.36 0.62 -9.19
CA ASP A 17 5.09 1.66 -9.92
C ASP A 17 6.46 1.15 -10.36
N SER A 18 7.32 0.85 -9.39
CA SER A 18 8.66 0.36 -9.69
C SER A 18 9.02 -0.80 -8.77
N VAL A 19 9.90 -1.68 -9.25
CA VAL A 19 10.33 -2.83 -8.48
C VAL A 19 11.82 -3.10 -8.68
N THR A 20 12.55 -3.19 -7.57
CA THR A 20 13.99 -3.44 -7.63
C THR A 20 14.39 -4.52 -6.62
N ASP A 21 15.32 -5.37 -7.02
CA ASP A 21 15.80 -6.45 -6.15
C ASP A 21 16.08 -5.93 -4.75
N THR A 22 16.31 -4.62 -4.65
CA THR A 22 16.61 -3.99 -3.36
C THR A 22 15.32 -3.60 -2.64
N THR A 23 14.49 -2.80 -3.30
CA THR A 23 13.23 -2.36 -2.72
C THR A 23 12.15 -2.26 -3.79
N VAL A 24 10.91 -2.06 -3.35
CA VAL A 24 9.77 -1.94 -4.26
C VAL A 24 9.02 -0.63 -4.03
N THR A 25 8.25 -0.23 -5.03
CA THR A 25 7.47 1.00 -4.94
C THR A 25 6.06 0.80 -5.48
N MET A 26 5.08 1.26 -4.72
CA MET A 26 3.68 1.14 -5.11
C MET A 26 3.03 2.51 -5.26
N ARG A 27 2.04 2.59 -6.15
CA ARG A 27 1.34 3.85 -6.38
C ARG A 27 -0.17 3.65 -6.28
N TRP A 28 -0.90 4.75 -6.03
CA TRP A 28 -2.34 4.69 -5.91
C TRP A 28 -2.96 6.09 -6.07
N ARG A 29 -4.28 6.13 -6.18
CA ARG A 29 -4.98 7.40 -6.34
C ARG A 29 -5.99 7.61 -5.23
N PRO A 30 -6.26 8.88 -4.89
CA PRO A 30 -7.20 9.24 -3.83
C PRO A 30 -8.65 8.94 -4.22
N PRO A 31 -9.56 9.04 -3.24
CA PRO A 31 -10.99 8.79 -3.47
C PRO A 31 -11.64 9.86 -4.31
N ASP A 32 -12.63 9.48 -5.11
CA ASP A 32 -13.34 10.41 -5.97
C ASP A 32 -14.06 11.48 -5.15
N HIS A 33 -14.83 11.03 -4.16
CA HIS A 33 -15.57 11.94 -3.29
C HIS A 33 -15.05 11.88 -1.86
N ILE A 34 -14.91 13.04 -1.23
CA ILE A 34 -14.42 13.12 0.14
C ILE A 34 -15.37 13.92 1.02
N GLY A 35 -16.25 13.21 1.73
CA GLY A 35 -17.20 13.87 2.60
C GLY A 35 -17.25 13.24 3.98
N ALA A 36 -16.08 13.02 4.58
CA ALA A 36 -16.00 12.42 5.90
C ALA A 36 -14.75 12.88 6.64
N ALA A 37 -14.93 13.75 7.62
CA ALA A 37 -13.81 14.27 8.40
C ALA A 37 -12.58 14.49 7.52
N GLY A 38 -12.82 14.80 6.25
CA GLY A 38 -11.72 15.02 5.33
C GLY A 38 -10.89 13.78 5.11
N LEU A 39 -9.62 13.97 4.77
CA LEU A 39 -8.71 12.86 4.53
C LEU A 39 -7.43 13.01 5.35
N ASP A 40 -6.98 11.91 5.94
CA ASP A 40 -5.77 11.92 6.75
C ASP A 40 -4.75 10.93 6.20
N GLY A 41 -3.83 11.42 5.39
CA GLY A 41 -2.81 10.56 4.80
C GLY A 41 -3.34 9.18 4.47
N TYR A 42 -2.45 8.18 4.55
CA TYR A 42 -2.84 6.81 4.25
C TYR A 42 -1.94 5.82 5.01
N VAL A 43 -2.32 4.55 4.95
CA VAL A 43 -1.56 3.50 5.63
C VAL A 43 -1.20 2.38 4.66
N LEU A 44 0.06 1.96 4.68
CA LEU A 44 0.53 0.89 3.81
C LEU A 44 1.26 -0.19 4.61
N GLU A 45 1.02 -1.44 4.27
CA GLU A 45 1.66 -2.56 4.96
C GLU A 45 1.89 -3.72 4.00
N TYR A 46 2.96 -4.47 4.24
CA TYR A 46 3.29 -5.61 3.39
C TYR A 46 3.53 -6.86 4.24
N CYS A 47 2.91 -7.97 3.84
CA CYS A 47 3.05 -9.22 4.56
C CYS A 47 4.07 -10.13 3.87
N PHE A 48 5.10 -10.53 4.62
CA PHE A 48 6.14 -11.39 4.09
C PHE A 48 5.63 -12.82 3.90
N GLU A 49 6.39 -13.62 3.16
CA GLU A 49 6.01 -15.00 2.90
C GLU A 49 6.27 -15.88 4.13
N GLY A 50 5.24 -16.62 4.53
CA GLY A 50 5.37 -17.49 5.69
C GLY A 50 5.15 -16.75 6.99
N THR A 51 4.57 -15.56 6.91
CA THR A 51 4.32 -14.75 8.10
C THR A 51 2.84 -14.39 8.21
N GLU A 52 2.25 -14.67 9.37
CA GLU A 52 0.85 -14.38 9.60
C GLU A 52 0.68 -13.04 10.32
N ASP A 53 1.66 -12.16 10.15
CA ASP A 53 1.62 -10.84 10.78
C ASP A 53 2.04 -9.76 9.79
N TRP A 54 1.12 -8.82 9.54
CA TRP A 54 1.39 -7.72 8.61
C TRP A 54 2.40 -6.75 9.19
N ILE A 55 3.42 -6.41 8.39
CA ILE A 55 4.46 -5.49 8.83
C ILE A 55 4.09 -4.05 8.46
N VAL A 56 4.20 -3.15 9.44
CA VAL A 56 3.89 -1.74 9.22
C VAL A 56 5.04 -1.03 8.54
N ALA A 57 4.78 -0.50 7.34
CA ALA A 57 5.79 0.21 6.58
C ALA A 57 5.87 1.68 7.00
N ASN A 58 4.72 2.33 7.10
CA ASN A 58 4.66 3.73 7.50
C ASN A 58 4.53 3.87 9.01
N LYS A 59 5.34 4.75 9.59
CA LYS A 59 5.31 4.97 11.03
C LYS A 59 3.93 5.45 11.48
N ASP A 60 3.54 6.63 11.02
CA ASP A 60 2.24 7.20 11.37
C ASP A 60 1.31 7.22 10.16
N LEU A 61 1.57 8.14 9.24
CA LEU A 61 0.75 8.27 8.04
C LEU A 61 1.62 8.60 6.83
N ILE A 62 1.09 8.31 5.64
CA ILE A 62 1.82 8.58 4.41
C ILE A 62 1.28 9.83 3.71
N ASP A 63 2.13 10.84 3.57
CA ASP A 63 1.74 12.08 2.92
C ASP A 63 2.15 12.08 1.44
N LYS A 64 1.92 10.97 0.77
CA LYS A 64 2.26 10.84 -0.64
C LYS A 64 1.44 9.76 -1.31
N THR A 65 1.34 9.82 -2.63
CA THR A 65 0.57 8.84 -3.39
C THR A 65 1.43 7.63 -3.76
N LYS A 66 2.63 7.58 -3.20
CA LYS A 66 3.55 6.47 -3.46
C LYS A 66 4.35 6.12 -2.21
N PHE A 67 4.79 4.88 -2.14
CA PHE A 67 5.57 4.41 -1.00
C PHE A 67 6.58 3.36 -1.42
N THR A 68 7.75 3.37 -0.77
CA THR A 68 8.81 2.41 -1.09
C THR A 68 9.23 1.65 0.15
N ILE A 69 9.08 0.32 0.11
CA ILE A 69 9.46 -0.52 1.24
C ILE A 69 10.96 -0.76 1.26
N THR A 70 11.65 -0.07 2.16
CA THR A 70 13.09 -0.21 2.29
C THR A 70 13.46 -1.43 3.13
N GLY A 71 14.45 -2.19 2.67
CA GLY A 71 14.87 -3.37 3.40
C GLY A 71 14.11 -4.62 2.98
N LEU A 72 14.24 -4.99 1.72
CA LEU A 72 13.56 -6.17 1.19
C LEU A 72 14.52 -7.06 0.43
N PRO A 73 14.49 -8.37 0.73
CA PRO A 73 15.37 -9.36 0.10
C PRO A 73 15.00 -9.59 -1.36
N THR A 74 15.90 -10.21 -2.11
CA THR A 74 15.67 -10.49 -3.52
C THR A 74 14.90 -11.79 -3.70
N ASP A 75 14.33 -11.99 -4.89
CA ASP A 75 13.57 -13.19 -5.19
C ASP A 75 12.58 -13.50 -4.07
N ALA A 76 12.13 -12.46 -3.39
CA ALA A 76 11.17 -12.61 -2.30
C ALA A 76 9.76 -12.26 -2.75
N LYS A 77 8.77 -12.96 -2.20
CA LYS A 77 7.38 -12.73 -2.55
C LYS A 77 6.62 -12.12 -1.37
N ILE A 78 6.05 -10.93 -1.58
CA ILE A 78 5.29 -10.26 -0.53
C ILE A 78 3.98 -9.73 -1.07
N PHE A 79 3.04 -9.45 -0.17
CA PHE A 79 1.74 -8.92 -0.55
C PHE A 79 1.59 -7.46 -0.13
N VAL A 80 1.10 -6.63 -1.05
CA VAL A 80 0.91 -5.21 -0.77
C VAL A 80 -0.57 -4.88 -0.65
N ARG A 81 -0.90 -4.05 0.34
CA ARG A 81 -2.29 -3.64 0.57
C ARG A 81 -2.35 -2.23 1.15
N VAL A 82 -3.26 -1.43 0.62
CA VAL A 82 -3.43 -0.05 1.09
C VAL A 82 -4.89 0.25 1.40
N LYS A 83 -5.11 1.29 2.19
CA LYS A 83 -6.47 1.69 2.57
C LYS A 83 -6.52 3.17 2.92
N ALA A 84 -7.73 3.67 3.16
CA ALA A 84 -7.91 5.08 3.50
C ALA A 84 -8.28 5.23 4.98
N VAL A 85 -7.40 5.90 5.73
CA VAL A 85 -7.63 6.11 7.15
C VAL A 85 -7.89 7.59 7.44
N ASN A 86 -8.96 7.85 8.19
CA ASN A 86 -9.33 9.22 8.54
C ASN A 86 -9.81 9.30 9.98
N ALA A 87 -10.05 10.52 10.46
CA ALA A 87 -10.51 10.74 11.82
C ALA A 87 -11.73 9.87 12.13
N ALA A 88 -12.66 9.81 11.18
CA ALA A 88 -13.87 9.02 11.35
C ALA A 88 -13.54 7.57 11.67
N GLY A 89 -12.85 6.91 10.74
CA GLY A 89 -12.48 5.52 10.95
C GLY A 89 -11.52 5.02 9.88
N ALA A 90 -11.71 3.78 9.45
CA ALA A 90 -10.85 3.18 8.44
C ALA A 90 -11.68 2.54 7.32
N SER A 91 -11.08 2.42 6.14
CA SER A 91 -11.77 1.84 5.00
C SER A 91 -11.30 0.40 4.77
N GLU A 92 -12.01 -0.31 3.90
CA GLU A 92 -11.68 -1.70 3.58
C GLU A 92 -10.32 -1.79 2.89
N PRO A 93 -9.57 -2.86 3.19
CA PRO A 93 -8.25 -3.08 2.59
C PRO A 93 -8.32 -3.42 1.11
N LYS A 94 -7.32 -3.00 0.35
CA LYS A 94 -7.27 -3.26 -1.08
C LYS A 94 -5.99 -4.02 -1.45
N TYR A 95 -6.14 -5.27 -1.87
CA TYR A 95 -5.00 -6.08 -2.26
C TYR A 95 -4.87 -6.15 -3.78
N TYR A 96 -3.63 -6.08 -4.25
CA TYR A 96 -3.36 -6.13 -5.68
C TYR A 96 -3.75 -7.49 -6.27
N SER A 97 -3.80 -7.57 -7.59
CA SER A 97 -4.15 -8.81 -8.27
C SER A 97 -3.06 -9.86 -8.10
N GLN A 98 -1.89 -9.58 -8.64
CA GLN A 98 -0.75 -10.50 -8.55
C GLN A 98 0.26 -10.02 -7.51
N PRO A 99 1.04 -10.96 -6.96
CA PRO A 99 2.06 -10.66 -5.96
C PRO A 99 3.23 -9.87 -6.54
N ILE A 100 3.81 -8.99 -5.72
CA ILE A 100 4.94 -8.18 -6.16
C ILE A 100 6.26 -8.89 -5.88
N LEU A 101 6.93 -9.31 -6.96
CA LEU A 101 8.20 -10.00 -6.83
C LEU A 101 9.36 -9.00 -6.78
N VAL A 102 9.90 -8.79 -5.58
CA VAL A 102 11.00 -7.86 -5.40
C VAL A 102 12.24 -8.32 -6.17
N LYS A 103 12.30 -7.96 -7.45
CA LYS A 103 13.42 -8.33 -8.30
C LYS A 103 13.87 -7.15 -9.15
N GLU A 104 15.16 -7.11 -9.46
CA GLU A 104 15.72 -6.05 -10.28
C GLU A 104 15.34 -6.22 -11.75
N SER A 105 15.23 -5.10 -12.47
CA SER A 105 14.86 -5.13 -13.87
C SER A 105 15.23 -3.81 -14.55
N GLY A 106 16.13 -3.88 -15.53
CA GLY A 106 16.54 -2.69 -16.24
C GLY A 106 18.03 -2.65 -16.49
N PRO A 107 18.56 -1.45 -16.82
CA PRO A 107 19.98 -1.26 -17.08
C PRO A 107 20.83 -1.40 -15.82
N SER A 108 22.06 -1.89 -15.99
CA SER A 108 22.98 -2.07 -14.87
C SER A 108 24.16 -1.11 -14.98
N SER A 109 23.87 0.15 -15.28
CA SER A 109 24.91 1.16 -15.42
C SER A 109 24.89 2.12 -14.22
N GLY A 110 26.07 2.50 -13.76
CA GLY A 110 26.17 3.41 -12.63
C GLY A 110 26.49 2.69 -11.34
N GLY A 1 -20.26 -2.32 22.01
CA GLY A 1 -19.35 -1.92 20.94
C GLY A 1 -19.94 -0.83 20.06
N SER A 2 -19.17 -0.39 19.07
CA SER A 2 -19.62 0.66 18.18
C SER A 2 -19.99 0.09 16.80
N SER A 3 -20.94 0.73 16.13
CA SER A 3 -21.38 0.27 14.82
C SER A 3 -21.42 1.44 13.83
N GLY A 4 -20.80 1.25 12.67
CA GLY A 4 -20.78 2.29 11.67
C GLY A 4 -19.73 2.05 10.60
N SER A 5 -19.86 2.75 9.48
CA SER A 5 -18.91 2.61 8.37
C SER A 5 -18.08 3.87 8.21
N SER A 6 -17.20 3.86 7.21
CA SER A 6 -16.34 5.00 6.94
C SER A 6 -17.09 6.09 6.18
N GLY A 7 -16.52 7.30 6.16
CA GLY A 7 -17.15 8.41 5.48
C GLY A 7 -16.47 8.73 4.16
N THR A 8 -15.39 8.03 3.86
CA THR A 8 -14.64 8.25 2.63
C THR A 8 -14.42 6.95 1.87
N SER A 9 -13.93 7.05 0.64
CA SER A 9 -13.69 5.88 -0.19
C SER A 9 -12.24 5.41 -0.05
N PRO A 10 -12.03 4.09 -0.16
CA PRO A 10 -10.70 3.49 -0.06
C PRO A 10 -9.81 3.82 -1.26
N PRO A 11 -8.53 3.50 -1.14
CA PRO A 11 -7.54 3.76 -2.21
C PRO A 11 -7.77 2.86 -3.42
N THR A 12 -7.82 3.47 -4.60
CA THR A 12 -8.03 2.73 -5.84
C THR A 12 -6.86 2.93 -6.80
N LEU A 13 -6.95 2.29 -7.96
CA LEU A 13 -5.90 2.40 -8.97
C LEU A 13 -4.53 2.06 -8.37
N LEU A 14 -4.48 0.96 -7.62
CA LEU A 14 -3.24 0.53 -6.99
C LEU A 14 -2.42 -0.35 -7.95
N THR A 15 -1.28 0.16 -8.38
CA THR A 15 -0.41 -0.57 -9.30
C THR A 15 1.06 -0.44 -8.88
N VAL A 16 1.87 -1.38 -9.32
CA VAL A 16 3.29 -1.38 -9.00
C VAL A 16 4.08 -0.51 -9.97
N ASP A 17 4.37 0.72 -9.56
CA ASP A 17 5.12 1.66 -10.39
C ASP A 17 6.46 1.06 -10.81
N SER A 18 7.30 0.75 -9.84
CA SER A 18 8.61 0.18 -10.11
C SER A 18 9.01 -0.80 -9.01
N VAL A 19 9.89 -1.75 -9.36
CA VAL A 19 10.35 -2.75 -8.41
C VAL A 19 11.82 -3.07 -8.62
N THR A 20 12.61 -3.01 -7.56
CA THR A 20 14.04 -3.30 -7.63
C THR A 20 14.41 -4.46 -6.72
N ASP A 21 15.45 -5.19 -7.10
CA ASP A 21 15.91 -6.33 -6.31
C ASP A 21 16.18 -5.92 -4.87
N THR A 22 16.29 -4.62 -4.64
CA THR A 22 16.55 -4.10 -3.31
C THR A 22 15.26 -3.63 -2.64
N THR A 23 14.61 -2.63 -3.25
CA THR A 23 13.37 -2.10 -2.72
C THR A 23 12.27 -2.12 -3.77
N VAL A 24 11.04 -1.87 -3.34
CA VAL A 24 9.89 -1.86 -4.26
C VAL A 24 9.17 -0.52 -4.22
N THR A 25 8.48 -0.19 -5.30
CA THR A 25 7.76 1.06 -5.40
C THR A 25 6.29 0.82 -5.77
N MET A 26 5.39 1.53 -5.08
CA MET A 26 3.96 1.39 -5.33
C MET A 26 3.34 2.75 -5.65
N ARG A 27 2.20 2.73 -6.34
CA ARG A 27 1.50 3.95 -6.70
C ARG A 27 0.00 3.78 -6.57
N TRP A 28 -0.67 4.82 -6.07
CA TRP A 28 -2.11 4.79 -5.87
C TRP A 28 -2.72 6.18 -6.05
N ARG A 29 -4.04 6.22 -6.19
CA ARG A 29 -4.74 7.50 -6.36
C ARG A 29 -5.74 7.72 -5.24
N PRO A 30 -6.09 8.99 -5.00
CA PRO A 30 -7.05 9.36 -3.94
C PRO A 30 -8.47 8.94 -4.28
N PRO A 31 -9.37 9.04 -3.28
CA PRO A 31 -10.78 8.66 -3.45
C PRO A 31 -11.53 9.62 -4.35
N ASP A 32 -12.47 9.08 -5.13
CA ASP A 32 -13.27 9.90 -6.04
C ASP A 32 -13.53 11.28 -5.44
N HIS A 33 -13.80 11.31 -4.14
CA HIS A 33 -14.07 12.57 -3.45
C HIS A 33 -13.86 12.43 -1.95
N ILE A 34 -13.89 13.53 -1.23
CA ILE A 34 -13.70 13.53 0.21
C ILE A 34 -14.92 14.10 0.93
N GLY A 35 -15.52 13.28 1.79
CA GLY A 35 -16.70 13.72 2.52
C GLY A 35 -16.36 14.69 3.64
N ALA A 36 -17.34 15.03 4.46
CA ALA A 36 -17.14 15.94 5.57
C ALA A 36 -16.09 15.41 6.54
N ALA A 37 -16.27 14.17 6.97
CA ALA A 37 -15.34 13.54 7.90
C ALA A 37 -13.90 13.98 7.62
N GLY A 38 -13.54 14.04 6.34
CA GLY A 38 -12.21 14.45 5.97
C GLY A 38 -11.30 13.27 5.67
N LEU A 39 -10.06 13.55 5.31
CA LEU A 39 -9.09 12.50 5.01
C LEU A 39 -7.76 12.77 5.70
N ASP A 40 -7.19 11.75 6.31
CA ASP A 40 -5.91 11.87 7.00
C ASP A 40 -4.90 10.87 6.47
N GLY A 41 -4.04 11.32 5.56
CA GLY A 41 -3.04 10.45 4.99
C GLY A 41 -3.59 9.07 4.66
N TYR A 42 -2.74 8.06 4.79
CA TYR A 42 -3.15 6.69 4.50
C TYR A 42 -2.26 5.68 5.22
N VAL A 43 -2.59 4.40 5.10
CA VAL A 43 -1.82 3.35 5.74
C VAL A 43 -1.37 2.30 4.73
N LEU A 44 -0.11 1.92 4.79
CA LEU A 44 0.44 0.92 3.88
C LEU A 44 1.33 -0.07 4.62
N GLU A 45 1.10 -1.36 4.39
CA GLU A 45 1.87 -2.41 5.04
C GLU A 45 2.09 -3.59 4.09
N TYR A 46 2.95 -4.51 4.51
CA TYR A 46 3.25 -5.70 3.71
C TYR A 46 3.34 -6.95 4.57
N CYS A 47 2.81 -8.06 4.06
CA CYS A 47 2.84 -9.32 4.79
C CYS A 47 3.79 -10.30 4.13
N PHE A 48 5.04 -10.30 4.57
CA PHE A 48 6.05 -11.20 4.01
C PHE A 48 5.54 -12.64 3.98
N GLU A 49 6.13 -13.44 3.11
CA GLU A 49 5.75 -14.84 2.99
C GLU A 49 6.32 -15.68 4.13
N GLY A 50 5.49 -16.55 4.69
CA GLY A 50 5.93 -17.39 5.79
C GLY A 50 5.55 -16.84 7.15
N THR A 51 5.76 -15.53 7.32
CA THR A 51 5.43 -14.88 8.59
C THR A 51 3.93 -14.84 8.82
N GLU A 52 3.18 -14.54 7.75
CA GLU A 52 1.73 -14.48 7.84
C GLU A 52 1.30 -13.28 8.69
N ASP A 53 2.14 -12.26 8.74
CA ASP A 53 1.85 -11.06 9.51
C ASP A 53 2.12 -9.81 8.69
N TRP A 54 1.27 -8.79 8.85
CA TRP A 54 1.42 -7.54 8.13
C TRP A 54 2.33 -6.58 8.89
N ILE A 55 3.52 -6.35 8.34
CA ILE A 55 4.48 -5.44 8.97
C ILE A 55 4.20 -4.00 8.59
N VAL A 56 4.32 -3.10 9.58
CA VAL A 56 4.09 -1.68 9.36
C VAL A 56 5.20 -1.06 8.52
N ALA A 57 4.87 -0.65 7.30
CA ALA A 57 5.85 -0.03 6.41
C ALA A 57 6.06 1.43 6.77
N ASN A 58 5.01 2.24 6.62
CA ASN A 58 5.09 3.66 6.93
C ASN A 58 4.87 3.92 8.41
N LYS A 59 5.97 4.08 9.14
CA LYS A 59 5.89 4.32 10.57
C LYS A 59 4.83 5.37 10.89
N ASP A 60 4.67 6.34 10.00
CA ASP A 60 3.68 7.40 10.18
C ASP A 60 2.80 7.53 8.94
N LEU A 61 1.54 7.90 9.17
CA LEU A 61 0.59 8.07 8.07
C LEU A 61 1.29 8.62 6.83
N ILE A 62 0.86 8.14 5.66
CA ILE A 62 1.45 8.58 4.39
C ILE A 62 0.69 9.78 3.83
N ASP A 63 1.44 10.74 3.28
CA ASP A 63 0.83 11.93 2.71
C ASP A 63 0.83 11.86 1.18
N LYS A 64 1.99 11.53 0.61
CA LYS A 64 2.12 11.43 -0.83
C LYS A 64 1.35 10.23 -1.37
N THR A 65 1.17 10.18 -2.69
CA THR A 65 0.45 9.08 -3.32
C THR A 65 1.40 8.01 -3.81
N LYS A 66 2.48 7.78 -3.06
CA LYS A 66 3.47 6.78 -3.41
C LYS A 66 4.30 6.39 -2.20
N PHE A 67 4.66 5.11 -2.13
CA PHE A 67 5.46 4.60 -1.02
C PHE A 67 6.45 3.54 -1.49
N THR A 68 7.52 3.36 -0.73
CA THR A 68 8.55 2.38 -1.07
C THR A 68 9.03 1.64 0.16
N ILE A 69 9.06 0.31 0.07
CA ILE A 69 9.51 -0.52 1.19
C ILE A 69 11.03 -0.69 1.17
N THR A 70 11.69 -0.26 2.24
CA THR A 70 13.13 -0.38 2.34
C THR A 70 13.53 -1.60 3.15
N GLY A 71 14.44 -2.41 2.59
CA GLY A 71 14.89 -3.60 3.29
C GLY A 71 14.12 -4.84 2.87
N LEU A 72 14.37 -5.32 1.65
CA LEU A 72 13.68 -6.49 1.14
C LEU A 72 14.67 -7.41 0.41
N PRO A 73 14.56 -8.72 0.68
CA PRO A 73 15.43 -9.72 0.06
C PRO A 73 15.13 -9.92 -1.43
N THR A 74 16.13 -10.34 -2.19
CA THR A 74 15.97 -10.56 -3.62
C THR A 74 15.28 -11.89 -3.90
N ASP A 75 14.45 -11.91 -4.94
CA ASP A 75 13.73 -13.13 -5.31
C ASP A 75 12.72 -13.51 -4.24
N ALA A 76 12.08 -12.50 -3.66
CA ALA A 76 11.08 -12.73 -2.62
C ALA A 76 9.71 -12.17 -3.04
N LYS A 77 8.65 -12.82 -2.56
CA LYS A 77 7.30 -12.40 -2.88
C LYS A 77 6.59 -11.82 -1.65
N ILE A 78 6.09 -10.60 -1.78
CA ILE A 78 5.40 -9.95 -0.67
C ILE A 78 4.04 -9.40 -1.13
N PHE A 79 3.12 -9.27 -0.19
CA PHE A 79 1.78 -8.76 -0.49
C PHE A 79 1.66 -7.31 -0.07
N VAL A 80 1.04 -6.49 -0.92
CA VAL A 80 0.85 -5.08 -0.64
C VAL A 80 -0.63 -4.72 -0.56
N ARG A 81 -1.00 -4.00 0.49
CA ARG A 81 -2.39 -3.60 0.69
C ARG A 81 -2.47 -2.24 1.35
N VAL A 82 -3.19 -1.31 0.72
CA VAL A 82 -3.34 0.04 1.26
C VAL A 82 -4.74 0.25 1.82
N LYS A 83 -4.89 1.26 2.67
CA LYS A 83 -6.17 1.56 3.29
C LYS A 83 -6.25 3.03 3.68
N ALA A 84 -7.45 3.59 3.63
CA ALA A 84 -7.67 4.99 4.00
C ALA A 84 -8.24 5.11 5.41
N VAL A 85 -7.79 6.12 6.14
CA VAL A 85 -8.27 6.36 7.49
C VAL A 85 -8.65 7.82 7.71
N ASN A 86 -9.82 8.04 8.29
CA ASN A 86 -10.30 9.39 8.55
C ASN A 86 -11.12 9.44 9.84
N ALA A 87 -11.63 10.63 10.16
CA ALA A 87 -12.43 10.81 11.36
C ALA A 87 -13.49 9.72 11.49
N ALA A 88 -14.24 9.50 10.42
CA ALA A 88 -15.28 8.47 10.42
C ALA A 88 -14.72 7.11 10.84
N GLY A 89 -13.43 6.92 10.62
CA GLY A 89 -12.79 5.67 10.97
C GLY A 89 -11.78 5.21 9.94
N ALA A 90 -12.04 4.07 9.32
CA ALA A 90 -11.15 3.52 8.30
C ALA A 90 -11.94 2.82 7.20
N SER A 91 -11.34 2.73 6.02
CA SER A 91 -11.99 2.08 4.88
C SER A 91 -11.45 0.67 4.68
N GLU A 92 -12.11 -0.09 3.82
CA GLU A 92 -11.70 -1.46 3.53
C GLU A 92 -10.33 -1.49 2.84
N PRO A 93 -9.51 -2.49 3.22
CA PRO A 93 -8.17 -2.65 2.65
C PRO A 93 -8.20 -3.09 1.19
N LYS A 94 -7.23 -2.62 0.41
CA LYS A 94 -7.15 -2.96 -1.01
C LYS A 94 -6.07 -4.00 -1.26
N TYR A 95 -6.49 -5.26 -1.38
CA TYR A 95 -5.55 -6.35 -1.61
C TYR A 95 -5.18 -6.45 -3.09
N TYR A 96 -3.89 -6.59 -3.37
CA TYR A 96 -3.41 -6.69 -4.73
C TYR A 96 -3.68 -8.09 -5.31
N SER A 97 -4.27 -8.13 -6.49
CA SER A 97 -4.59 -9.40 -7.14
C SER A 97 -3.42 -10.38 -6.99
N GLN A 98 -2.34 -10.11 -7.73
CA GLN A 98 -1.16 -10.97 -7.68
C GLN A 98 -0.05 -10.33 -6.86
N PRO A 99 0.77 -11.17 -6.20
CA PRO A 99 1.88 -10.71 -5.37
C PRO A 99 3.01 -10.11 -6.19
N ILE A 100 3.83 -9.28 -5.55
CA ILE A 100 4.95 -8.63 -6.23
C ILE A 100 6.25 -9.36 -5.93
N LEU A 101 7.09 -9.50 -6.96
CA LEU A 101 8.38 -10.18 -6.81
C LEU A 101 9.53 -9.17 -6.84
N VAL A 102 10.01 -8.80 -5.67
CA VAL A 102 11.12 -7.86 -5.56
C VAL A 102 12.28 -8.26 -6.46
N LYS A 103 12.22 -7.83 -7.72
CA LYS A 103 13.26 -8.14 -8.69
C LYS A 103 13.55 -6.94 -9.58
N GLU A 104 14.76 -6.89 -10.15
CA GLU A 104 15.15 -5.80 -11.02
C GLU A 104 14.99 -6.21 -12.49
N SER A 105 14.66 -5.23 -13.33
CA SER A 105 14.47 -5.48 -14.75
C SER A 105 15.64 -4.91 -15.57
N GLY A 106 16.58 -5.77 -15.92
CA GLY A 106 17.73 -5.33 -16.69
C GLY A 106 17.39 -4.23 -17.67
N PRO A 107 18.33 -3.31 -17.90
CA PRO A 107 18.15 -2.19 -18.81
C PRO A 107 18.11 -2.63 -20.27
N SER A 108 17.77 -1.70 -21.16
CA SER A 108 17.69 -2.00 -22.59
C SER A 108 17.55 -0.71 -23.40
N SER A 109 18.10 -0.74 -24.61
CA SER A 109 18.04 0.44 -25.49
C SER A 109 16.61 0.93 -25.64
N GLY A 110 16.43 2.24 -25.59
CA GLY A 110 15.11 2.82 -25.73
C GLY A 110 15.14 4.34 -25.79
N GLY A 1 -10.86 -3.90 18.29
CA GLY A 1 -12.17 -3.91 17.67
C GLY A 1 -12.95 -2.64 17.93
N SER A 2 -13.63 -2.15 16.90
CA SER A 2 -14.41 -0.92 17.01
C SER A 2 -15.25 -0.69 15.77
N SER A 3 -16.36 0.03 15.93
CA SER A 3 -17.26 0.32 14.82
C SER A 3 -16.48 0.85 13.61
N GLY A 4 -16.65 0.19 12.47
CA GLY A 4 -15.96 0.61 11.27
C GLY A 4 -16.88 1.31 10.29
N SER A 5 -17.26 2.54 10.62
CA SER A 5 -18.15 3.32 9.77
C SER A 5 -17.49 4.64 9.38
N SER A 6 -16.89 4.66 8.19
CA SER A 6 -16.22 5.86 7.70
C SER A 6 -17.01 6.48 6.55
N GLY A 7 -16.75 7.76 6.29
CA GLY A 7 -17.45 8.46 5.22
C GLY A 7 -16.52 8.84 4.08
N THR A 8 -15.62 7.93 3.72
CA THR A 8 -14.67 8.18 2.65
C THR A 8 -14.46 6.94 1.80
N SER A 9 -14.25 7.14 0.50
CA SER A 9 -14.03 6.02 -0.42
C SER A 9 -12.60 5.52 -0.34
N PRO A 10 -12.41 4.22 -0.59
CA PRO A 10 -11.09 3.59 -0.55
C PRO A 10 -10.20 4.03 -1.71
N PRO A 11 -8.89 3.85 -1.55
CA PRO A 11 -7.89 4.23 -2.56
C PRO A 11 -7.97 3.34 -3.80
N THR A 12 -8.00 3.96 -4.97
CA THR A 12 -8.06 3.23 -6.23
C THR A 12 -6.80 3.44 -7.06
N LEU A 13 -6.77 2.83 -8.24
CA LEU A 13 -5.61 2.94 -9.12
C LEU A 13 -4.34 2.49 -8.42
N LEU A 14 -4.46 1.45 -7.60
CA LEU A 14 -3.33 0.90 -6.88
C LEU A 14 -2.53 -0.07 -7.76
N THR A 15 -1.34 0.36 -8.17
CA THR A 15 -0.48 -0.47 -9.01
C THR A 15 0.99 -0.29 -8.64
N VAL A 16 1.79 -1.31 -8.92
CA VAL A 16 3.21 -1.26 -8.63
C VAL A 16 3.96 -0.40 -9.64
N ASP A 17 4.33 0.81 -9.23
CA ASP A 17 5.05 1.73 -10.10
C ASP A 17 6.29 1.08 -10.68
N SER A 18 7.20 0.66 -9.81
CA SER A 18 8.44 0.02 -10.24
C SER A 18 9.01 -0.86 -9.14
N VAL A 19 9.71 -1.91 -9.53
CA VAL A 19 10.31 -2.84 -8.58
C VAL A 19 11.78 -3.07 -8.89
N THR A 20 12.58 -3.30 -7.86
CA THR A 20 14.01 -3.54 -8.02
C THR A 20 14.53 -4.51 -6.97
N ASP A 21 15.53 -5.30 -7.33
CA ASP A 21 16.12 -6.26 -6.41
C ASP A 21 16.33 -5.64 -5.04
N THR A 22 16.43 -4.31 -5.00
CA THR A 22 16.63 -3.59 -3.74
C THR A 22 15.33 -3.42 -2.99
N THR A 23 14.43 -2.59 -3.52
CA THR A 23 13.15 -2.34 -2.90
C THR A 23 12.04 -2.23 -3.93
N VAL A 24 10.79 -2.22 -3.47
CA VAL A 24 9.64 -2.11 -4.37
C VAL A 24 9.01 -0.73 -4.28
N THR A 25 8.36 -0.31 -5.37
CA THR A 25 7.71 1.00 -5.41
C THR A 25 6.26 0.87 -5.88
N MET A 26 5.35 1.42 -5.09
CA MET A 26 3.93 1.38 -5.42
C MET A 26 3.37 2.78 -5.61
N ARG A 27 2.20 2.87 -6.23
CA ARG A 27 1.57 4.16 -6.48
C ARG A 27 0.04 4.04 -6.42
N TRP A 28 -0.62 5.12 -6.04
CA TRP A 28 -2.08 5.13 -5.94
C TRP A 28 -2.62 6.55 -5.97
N ARG A 29 -3.94 6.68 -5.95
CA ARG A 29 -4.58 7.99 -5.98
C ARG A 29 -5.65 8.09 -4.90
N PRO A 30 -5.99 9.33 -4.50
CA PRO A 30 -7.00 9.59 -3.47
C PRO A 30 -8.41 9.25 -3.96
N PRO A 31 -9.37 9.25 -3.01
CA PRO A 31 -10.78 8.95 -3.32
C PRO A 31 -11.44 10.04 -4.14
N ASP A 32 -12.28 9.63 -5.08
CA ASP A 32 -12.99 10.59 -5.94
C ASP A 32 -13.34 11.85 -5.17
N HIS A 33 -13.99 11.67 -4.02
CA HIS A 33 -14.39 12.80 -3.19
C HIS A 33 -13.99 12.57 -1.73
N ILE A 34 -13.90 13.66 -0.98
CA ILE A 34 -13.52 13.58 0.43
C ILE A 34 -14.70 13.91 1.34
N GLY A 35 -15.25 12.90 1.99
CA GLY A 35 -16.38 13.10 2.89
C GLY A 35 -16.16 14.27 3.83
N ALA A 36 -17.19 14.61 4.60
CA ALA A 36 -17.11 15.71 5.54
C ALA A 36 -16.09 15.42 6.63
N ALA A 37 -16.02 14.16 7.05
CA ALA A 37 -15.08 13.75 8.09
C ALA A 37 -13.66 14.17 7.74
N GLY A 38 -13.36 14.18 6.45
CA GLY A 38 -12.02 14.57 6.01
C GLY A 38 -11.03 13.42 6.09
N LEU A 39 -10.49 13.03 4.94
CA LEU A 39 -9.52 11.94 4.88
C LEU A 39 -8.16 12.39 5.38
N ASP A 40 -7.49 11.52 6.14
CA ASP A 40 -6.17 11.84 6.67
C ASP A 40 -5.12 10.86 6.15
N GLY A 41 -4.45 11.22 5.07
CA GLY A 41 -3.44 10.37 4.48
C GLY A 41 -3.90 8.94 4.35
N TYR A 42 -2.96 8.00 4.30
CA TYR A 42 -3.28 6.59 4.15
C TYR A 42 -2.27 5.73 4.91
N VAL A 43 -2.50 4.42 4.89
CA VAL A 43 -1.61 3.48 5.57
C VAL A 43 -1.29 2.30 4.67
N LEU A 44 0.00 1.96 4.58
CA LEU A 44 0.44 0.83 3.76
C LEU A 44 1.15 -0.21 4.62
N GLU A 45 0.85 -1.48 4.34
CA GLU A 45 1.46 -2.58 5.08
C GLU A 45 1.77 -3.76 4.16
N TYR A 46 2.84 -4.47 4.47
CA TYR A 46 3.25 -5.62 3.66
C TYR A 46 3.48 -6.85 4.54
N CYS A 47 3.03 -8.00 4.06
CA CYS A 47 3.18 -9.25 4.80
C CYS A 47 4.20 -10.16 4.11
N PHE A 48 5.30 -10.44 4.82
CA PHE A 48 6.35 -11.29 4.28
C PHE A 48 5.86 -12.73 4.13
N GLU A 49 6.58 -13.53 3.34
CA GLU A 49 6.22 -14.92 3.11
C GLU A 49 6.36 -15.73 4.40
N GLY A 50 7.45 -15.51 5.11
CA GLY A 50 7.68 -16.23 6.35
C GLY A 50 7.16 -15.49 7.57
N THR A 51 5.86 -15.19 7.56
CA THR A 51 5.23 -14.47 8.67
C THR A 51 3.76 -14.83 8.79
N GLU A 52 3.16 -14.46 9.91
CA GLU A 52 1.75 -14.75 10.15
C GLU A 52 0.98 -13.46 10.46
N ASP A 53 1.67 -12.33 10.39
CA ASP A 53 1.05 -11.03 10.66
C ASP A 53 1.62 -9.96 9.73
N TRP A 54 0.77 -9.02 9.33
CA TRP A 54 1.19 -7.94 8.45
C TRP A 54 2.20 -7.03 9.15
N ILE A 55 2.97 -6.31 8.34
CA ILE A 55 3.98 -5.40 8.88
C ILE A 55 3.72 -3.96 8.44
N VAL A 56 4.01 -3.01 9.32
CA VAL A 56 3.81 -1.60 9.03
C VAL A 56 5.08 -0.96 8.48
N ALA A 57 4.96 -0.32 7.32
CA ALA A 57 6.11 0.34 6.69
C ALA A 57 6.19 1.79 7.11
N ASN A 58 5.05 2.48 7.13
CA ASN A 58 5.01 3.88 7.52
C ASN A 58 4.99 4.03 9.03
N LYS A 59 5.37 5.21 9.52
CA LYS A 59 5.39 5.49 10.95
C LYS A 59 4.02 5.93 11.44
N ASP A 60 3.45 6.93 10.77
CA ASP A 60 2.14 7.44 11.13
C ASP A 60 1.20 7.43 9.94
N LEU A 61 1.51 8.23 8.93
CA LEU A 61 0.68 8.30 7.73
C LEU A 61 1.55 8.52 6.48
N ILE A 62 0.93 8.44 5.31
CA ILE A 62 1.64 8.63 4.05
C ILE A 62 1.10 9.84 3.30
N ASP A 63 1.84 10.95 3.37
CA ASP A 63 1.44 12.18 2.70
C ASP A 63 1.44 11.99 1.18
N LYS A 64 2.61 11.69 0.63
CA LYS A 64 2.74 11.47 -0.81
C LYS A 64 1.96 10.24 -1.25
N THR A 65 1.56 10.24 -2.52
CA THR A 65 0.81 9.11 -3.07
C THR A 65 1.74 8.04 -3.61
N LYS A 66 2.81 7.77 -2.88
CA LYS A 66 3.78 6.75 -3.28
C LYS A 66 4.61 6.29 -2.09
N PHE A 67 4.90 5.00 -2.04
CA PHE A 67 5.70 4.44 -0.94
C PHE A 67 6.70 3.43 -1.47
N THR A 68 7.77 3.21 -0.72
CA THR A 68 8.81 2.26 -1.11
C THR A 68 9.32 1.48 0.08
N ILE A 69 9.02 0.19 0.10
CA ILE A 69 9.44 -0.68 1.20
C ILE A 69 10.96 -0.85 1.21
N THR A 70 11.61 -0.18 2.15
CA THR A 70 13.07 -0.25 2.27
C THR A 70 13.50 -1.50 3.04
N GLY A 71 14.45 -2.23 2.49
CA GLY A 71 14.94 -3.44 3.13
C GLY A 71 14.18 -4.68 2.69
N LEU A 72 14.42 -5.11 1.47
CA LEU A 72 13.76 -6.29 0.93
C LEU A 72 14.77 -7.23 0.28
N PRO A 73 14.76 -8.50 0.72
CA PRO A 73 15.66 -9.53 0.20
C PRO A 73 15.33 -9.92 -1.24
N THR A 74 16.34 -9.89 -2.09
CA THR A 74 16.16 -10.25 -3.50
C THR A 74 15.44 -11.58 -3.64
N ASP A 75 14.84 -11.81 -4.81
CA ASP A 75 14.13 -13.06 -5.07
C ASP A 75 13.22 -13.41 -3.90
N ALA A 76 12.45 -12.42 -3.44
CA ALA A 76 11.53 -12.64 -2.32
C ALA A 76 10.12 -12.19 -2.68
N LYS A 77 9.12 -12.94 -2.21
CA LYS A 77 7.73 -12.62 -2.49
C LYS A 77 7.07 -11.96 -1.28
N ILE A 78 6.23 -10.97 -1.53
CA ILE A 78 5.53 -10.27 -0.46
C ILE A 78 4.15 -9.80 -0.92
N PHE A 79 3.44 -9.14 -0.02
CA PHE A 79 2.10 -8.63 -0.33
C PHE A 79 1.99 -7.14 0.01
N VAL A 80 1.16 -6.43 -0.73
CA VAL A 80 0.95 -5.01 -0.52
C VAL A 80 -0.53 -4.68 -0.38
N ARG A 81 -0.91 -4.10 0.76
CA ARG A 81 -2.29 -3.73 1.01
C ARG A 81 -2.40 -2.29 1.50
N VAL A 82 -3.30 -1.53 0.90
CA VAL A 82 -3.51 -0.14 1.26
C VAL A 82 -4.96 0.14 1.61
N LYS A 83 -5.18 0.91 2.67
CA LYS A 83 -6.53 1.26 3.10
C LYS A 83 -6.61 2.71 3.54
N ALA A 84 -7.66 3.39 3.11
CA ALA A 84 -7.86 4.79 3.46
C ALA A 84 -8.12 4.96 4.95
N VAL A 85 -7.32 5.80 5.60
CA VAL A 85 -7.47 6.05 7.03
C VAL A 85 -7.96 7.47 7.30
N ASN A 86 -9.16 7.57 7.87
CA ASN A 86 -9.74 8.87 8.18
C ASN A 86 -10.07 8.98 9.67
N ALA A 87 -10.50 10.17 10.08
CA ALA A 87 -10.84 10.41 11.48
C ALA A 87 -12.04 9.56 11.90
N ALA A 88 -13.01 9.43 11.00
CA ALA A 88 -14.21 8.65 11.27
C ALA A 88 -13.89 7.16 11.35
N GLY A 89 -13.22 6.64 10.32
CA GLY A 89 -12.85 5.24 10.30
C GLY A 89 -12.07 4.86 9.05
N ALA A 90 -11.65 3.61 8.97
CA ALA A 90 -10.89 3.13 7.82
C ALA A 90 -11.77 2.31 6.89
N SER A 91 -11.34 2.18 5.63
CA SER A 91 -12.10 1.44 4.63
C SER A 91 -11.48 0.06 4.41
N GLU A 92 -12.26 -0.84 3.82
CA GLU A 92 -11.79 -2.19 3.54
C GLU A 92 -10.42 -2.16 2.89
N PRO A 93 -9.57 -3.15 3.24
CA PRO A 93 -8.21 -3.26 2.70
C PRO A 93 -8.21 -3.66 1.23
N LYS A 94 -7.34 -3.02 0.45
CA LYS A 94 -7.23 -3.31 -0.98
C LYS A 94 -6.28 -4.48 -1.22
N TYR A 95 -6.84 -5.60 -1.67
CA TYR A 95 -6.04 -6.79 -1.94
C TYR A 95 -5.63 -6.84 -3.41
N TYR A 96 -4.34 -6.60 -3.67
CA TYR A 96 -3.81 -6.62 -5.03
C TYR A 96 -3.98 -8.00 -5.65
N SER A 97 -4.40 -8.03 -6.92
CA SER A 97 -4.60 -9.28 -7.64
C SER A 97 -3.48 -10.27 -7.32
N GLN A 98 -2.30 -10.02 -7.90
CA GLN A 98 -1.15 -10.90 -7.69
C GLN A 98 -0.13 -10.22 -6.78
N PRO A 99 0.68 -11.04 -6.09
CA PRO A 99 1.72 -10.54 -5.18
C PRO A 99 2.86 -9.87 -5.91
N ILE A 100 3.56 -8.97 -5.23
CA ILE A 100 4.68 -8.26 -5.82
C ILE A 100 6.00 -8.97 -5.54
N LEU A 101 6.76 -9.24 -6.59
CA LEU A 101 8.04 -9.92 -6.46
C LEU A 101 9.20 -8.93 -6.58
N VAL A 102 9.96 -8.78 -5.50
CA VAL A 102 11.09 -7.87 -5.48
C VAL A 102 12.19 -8.34 -6.44
N LYS A 103 11.97 -8.12 -7.73
CA LYS A 103 12.93 -8.52 -8.75
C LYS A 103 13.06 -7.45 -9.83
N GLU A 104 14.28 -7.24 -10.31
CA GLU A 104 14.53 -6.25 -11.34
C GLU A 104 13.79 -6.60 -12.63
N SER A 105 13.68 -5.63 -13.54
CA SER A 105 12.99 -5.83 -14.80
C SER A 105 13.90 -5.48 -15.97
N GLY A 106 14.68 -6.47 -16.42
CA GLY A 106 15.58 -6.25 -17.53
C GLY A 106 14.85 -5.89 -18.82
N PRO A 107 15.46 -5.03 -19.64
CA PRO A 107 14.88 -4.59 -20.91
C PRO A 107 14.85 -5.71 -21.94
N SER A 108 13.66 -6.26 -22.17
CA SER A 108 13.50 -7.34 -23.14
C SER A 108 13.93 -6.89 -24.54
N SER A 109 14.70 -7.74 -25.20
CA SER A 109 15.20 -7.44 -26.54
C SER A 109 15.31 -8.70 -27.38
N GLY A 110 15.10 -8.56 -28.69
CA GLY A 110 15.18 -9.71 -29.57
C GLY A 110 15.75 -9.34 -30.94
N GLY A 1 -24.94 2.46 13.96
CA GLY A 1 -24.71 1.02 13.89
C GLY A 1 -23.39 0.63 14.53
N SER A 2 -22.61 -0.18 13.81
CA SER A 2 -21.32 -0.65 14.32
C SER A 2 -20.18 -0.05 13.51
N SER A 3 -19.02 0.06 14.14
CA SER A 3 -17.84 0.62 13.48
C SER A 3 -17.41 -0.25 12.30
N GLY A 4 -16.99 0.39 11.22
CA GLY A 4 -16.56 -0.34 10.04
C GLY A 4 -16.21 0.57 8.88
N SER A 5 -16.92 0.41 7.78
CA SER A 5 -16.68 1.23 6.59
C SER A 5 -16.60 2.71 6.95
N SER A 6 -15.53 3.36 6.50
CA SER A 6 -15.33 4.79 6.79
C SER A 6 -16.35 5.64 6.01
N GLY A 7 -16.28 6.95 6.22
CA GLY A 7 -17.19 7.85 5.55
C GLY A 7 -16.70 8.21 4.15
N THR A 8 -15.41 8.06 3.92
CA THR A 8 -14.82 8.37 2.61
C THR A 8 -14.56 7.11 1.81
N SER A 9 -14.16 7.29 0.55
CA SER A 9 -13.88 6.17 -0.32
C SER A 9 -12.42 5.75 -0.23
N PRO A 10 -12.16 4.44 -0.30
CA PRO A 10 -10.82 3.88 -0.21
C PRO A 10 -9.99 4.19 -1.47
N PRO A 11 -8.68 3.91 -1.39
CA PRO A 11 -7.76 4.16 -2.51
C PRO A 11 -8.00 3.21 -3.68
N THR A 12 -8.12 3.76 -4.87
CA THR A 12 -8.36 2.97 -6.07
C THR A 12 -7.14 2.96 -6.99
N LEU A 13 -7.26 2.30 -8.13
CA LEU A 13 -6.16 2.22 -9.08
C LEU A 13 -4.86 1.80 -8.40
N LEU A 14 -4.93 0.74 -7.61
CA LEU A 14 -3.76 0.23 -6.89
C LEU A 14 -2.93 -0.68 -7.79
N THR A 15 -1.74 -0.22 -8.16
CA THR A 15 -0.85 -0.98 -9.01
C THR A 15 0.61 -0.64 -8.75
N VAL A 16 1.50 -1.57 -9.07
CA VAL A 16 2.93 -1.36 -8.86
C VAL A 16 3.49 -0.36 -9.86
N ASP A 17 4.40 0.49 -9.39
CA ASP A 17 5.01 1.50 -10.25
C ASP A 17 6.40 1.06 -10.71
N SER A 18 7.18 0.54 -9.77
CA SER A 18 8.54 0.08 -10.08
C SER A 18 8.98 -1.00 -9.10
N VAL A 19 9.97 -1.78 -9.51
CA VAL A 19 10.49 -2.86 -8.67
C VAL A 19 11.97 -3.08 -8.91
N THR A 20 12.75 -3.14 -7.83
CA THR A 20 14.19 -3.33 -7.92
C THR A 20 14.63 -4.52 -7.08
N ASP A 21 15.92 -4.85 -7.15
CA ASP A 21 16.47 -5.95 -6.38
C ASP A 21 16.80 -5.53 -4.96
N THR A 22 16.45 -4.29 -4.62
CA THR A 22 16.71 -3.75 -3.30
C THR A 22 15.42 -3.31 -2.61
N THR A 23 14.60 -2.57 -3.35
CA THR A 23 13.33 -2.08 -2.81
C THR A 23 12.26 -2.02 -3.90
N VAL A 24 11.00 -1.99 -3.48
CA VAL A 24 9.89 -1.92 -4.43
C VAL A 24 9.09 -0.63 -4.24
N THR A 25 8.55 -0.12 -5.35
CA THR A 25 7.76 1.10 -5.31
C THR A 25 6.30 0.82 -5.65
N MET A 26 5.40 1.59 -5.05
CA MET A 26 3.98 1.44 -5.29
C MET A 26 3.32 2.79 -5.60
N ARG A 27 2.14 2.74 -6.23
CA ARG A 27 1.42 3.95 -6.58
C ARG A 27 -0.08 3.72 -6.55
N TRP A 28 -0.84 4.77 -6.33
CA TRP A 28 -2.30 4.68 -6.29
C TRP A 28 -2.94 6.05 -6.52
N ARG A 29 -4.27 6.07 -6.54
CA ARG A 29 -5.01 7.32 -6.74
C ARG A 29 -5.97 7.58 -5.59
N PRO A 30 -6.12 8.86 -5.21
CA PRO A 30 -7.01 9.27 -4.13
C PRO A 30 -8.48 9.10 -4.49
N PRO A 31 -9.34 9.16 -3.47
CA PRO A 31 -10.79 9.03 -3.65
C PRO A 31 -11.41 10.22 -4.37
N ASP A 32 -12.33 9.94 -5.28
CA ASP A 32 -13.00 11.00 -6.05
C ASP A 32 -13.63 12.02 -5.11
N HIS A 33 -14.27 11.53 -4.05
CA HIS A 33 -14.92 12.40 -3.08
C HIS A 33 -14.21 12.35 -1.73
N ILE A 34 -14.50 13.32 -0.88
CA ILE A 34 -13.89 13.39 0.44
C ILE A 34 -14.96 13.55 1.52
N GLY A 35 -14.92 12.65 2.52
CA GLY A 35 -15.88 12.71 3.61
C GLY A 35 -15.86 14.06 4.30
N ALA A 36 -17.02 14.45 4.82
CA ALA A 36 -17.15 15.73 5.53
C ALA A 36 -16.02 15.91 6.54
N ALA A 37 -15.70 14.84 7.26
CA ALA A 37 -14.64 14.88 8.26
C ALA A 37 -13.30 15.24 7.63
N GLY A 38 -13.07 14.73 6.42
CA GLY A 38 -11.83 15.00 5.72
C GLY A 38 -10.98 13.77 5.55
N LEU A 39 -9.88 13.90 4.81
CA LEU A 39 -8.97 12.78 4.57
C LEU A 39 -7.61 13.04 5.20
N ASP A 40 -7.05 12.01 5.83
CA ASP A 40 -5.74 12.13 6.47
C ASP A 40 -4.77 11.08 5.92
N GLY A 41 -3.97 11.50 4.94
CA GLY A 41 -3.01 10.59 4.34
C GLY A 41 -3.57 9.19 4.17
N TYR A 42 -2.70 8.19 4.29
CA TYR A 42 -3.10 6.80 4.14
C TYR A 42 -2.16 5.88 4.89
N VAL A 43 -2.53 4.61 4.99
CA VAL A 43 -1.72 3.61 5.68
C VAL A 43 -1.40 2.43 4.78
N LEU A 44 -0.13 2.09 4.68
CA LEU A 44 0.31 0.97 3.84
C LEU A 44 1.01 -0.09 4.69
N GLU A 45 1.06 -1.31 4.17
CA GLU A 45 1.71 -2.42 4.87
C GLU A 45 2.03 -3.56 3.90
N TYR A 46 2.74 -4.56 4.40
CA TYR A 46 3.12 -5.71 3.59
C TYR A 46 3.24 -6.97 4.44
N CYS A 47 2.72 -8.07 3.93
CA CYS A 47 2.76 -9.35 4.65
C CYS A 47 3.76 -10.29 4.00
N PHE A 48 4.92 -10.46 4.63
CA PHE A 48 5.96 -11.33 4.11
C PHE A 48 5.47 -12.77 4.05
N GLU A 49 5.86 -13.49 3.00
CA GLU A 49 5.46 -14.87 2.82
C GLU A 49 5.77 -15.69 4.07
N GLY A 50 4.85 -16.59 4.43
CA GLY A 50 5.04 -17.43 5.60
C GLY A 50 4.46 -16.80 6.85
N THR A 51 4.80 -15.53 7.09
CA THR A 51 4.32 -14.82 8.26
C THR A 51 2.89 -14.33 8.06
N GLU A 52 1.98 -14.79 8.91
CA GLU A 52 0.58 -14.39 8.82
C GLU A 52 0.33 -13.10 9.59
N ASP A 53 1.36 -12.29 9.72
CA ASP A 53 1.26 -11.01 10.44
C ASP A 53 1.71 -9.85 9.55
N TRP A 54 0.81 -8.91 9.31
CA TRP A 54 1.11 -7.76 8.49
C TRP A 54 2.19 -6.89 9.13
N ILE A 55 3.23 -6.58 8.38
CA ILE A 55 4.32 -5.76 8.87
C ILE A 55 4.13 -4.29 8.49
N VAL A 56 4.11 -3.42 9.50
CA VAL A 56 3.94 -1.99 9.26
C VAL A 56 5.16 -1.40 8.54
N ALA A 57 4.91 -0.79 7.39
CA ALA A 57 5.98 -0.19 6.61
C ALA A 57 6.21 1.27 7.01
N ASN A 58 5.13 2.04 7.04
CA ASN A 58 5.20 3.45 7.41
C ASN A 58 4.58 3.68 8.78
N LYS A 59 5.33 4.29 9.67
CA LYS A 59 4.86 4.58 11.02
C LYS A 59 3.85 5.73 11.01
N ASP A 60 4.19 6.79 10.28
CA ASP A 60 3.31 7.95 10.18
C ASP A 60 2.56 7.95 8.85
N LEU A 61 1.42 8.65 8.83
CA LEU A 61 0.61 8.72 7.62
C LEU A 61 1.46 9.03 6.40
N ILE A 62 0.97 8.65 5.22
CA ILE A 62 1.69 8.89 3.97
C ILE A 62 1.07 10.04 3.19
N ASP A 63 1.81 11.14 3.09
CA ASP A 63 1.33 12.32 2.37
C ASP A 63 1.76 12.26 0.91
N LYS A 64 1.82 11.06 0.36
CA LYS A 64 2.22 10.87 -1.03
C LYS A 64 1.42 9.75 -1.69
N THR A 65 1.22 9.86 -3.00
CA THR A 65 0.46 8.86 -3.74
C THR A 65 1.32 7.66 -4.09
N LYS A 66 2.52 7.61 -3.51
CA LYS A 66 3.45 6.51 -3.75
C LYS A 66 4.16 6.11 -2.47
N PHE A 67 4.83 4.96 -2.50
CA PHE A 67 5.55 4.47 -1.33
C PHE A 67 6.58 3.41 -1.75
N THR A 68 7.73 3.40 -1.07
CA THR A 68 8.78 2.45 -1.37
C THR A 68 9.23 1.72 -0.11
N ILE A 69 9.15 0.39 -0.14
CA ILE A 69 9.55 -0.42 1.01
C ILE A 69 11.06 -0.59 1.06
N THR A 70 11.64 -0.32 2.23
CA THR A 70 13.08 -0.44 2.41
C THR A 70 13.43 -1.66 3.26
N GLY A 71 14.43 -2.41 2.82
CA GLY A 71 14.84 -3.61 3.54
C GLY A 71 14.11 -4.85 3.07
N LEU A 72 14.32 -5.21 1.81
CA LEU A 72 13.67 -6.39 1.24
C LEU A 72 14.71 -7.30 0.59
N PRO A 73 14.63 -8.60 0.91
CA PRO A 73 15.55 -9.61 0.36
C PRO A 73 15.31 -9.86 -1.12
N THR A 74 16.33 -10.35 -1.81
CA THR A 74 16.23 -10.63 -3.24
C THR A 74 15.53 -11.96 -3.49
N ASP A 75 14.69 -12.00 -4.52
CA ASP A 75 13.96 -13.22 -4.86
C ASP A 75 12.96 -13.57 -3.76
N ALA A 76 12.18 -12.60 -3.32
CA ALA A 76 11.20 -12.81 -2.27
C ALA A 76 9.85 -12.21 -2.65
N LYS A 77 8.78 -12.89 -2.25
CA LYS A 77 7.42 -12.43 -2.55
C LYS A 77 6.79 -11.77 -1.33
N ILE A 78 6.14 -10.62 -1.55
CA ILE A 78 5.50 -9.90 -0.47
C ILE A 78 4.16 -9.32 -0.92
N PHE A 79 3.26 -9.11 0.03
CA PHE A 79 1.94 -8.56 -0.27
C PHE A 79 1.91 -7.06 0.03
N VAL A 80 0.92 -6.38 -0.55
CA VAL A 80 0.77 -4.94 -0.34
C VAL A 80 -0.70 -4.55 -0.21
N ARG A 81 -1.07 -4.04 0.95
CA ARG A 81 -2.44 -3.63 1.21
C ARG A 81 -2.51 -2.16 1.59
N VAL A 82 -3.33 -1.40 0.87
CA VAL A 82 -3.48 0.03 1.13
C VAL A 82 -4.93 0.37 1.50
N LYS A 83 -5.09 1.09 2.61
CA LYS A 83 -6.42 1.48 3.07
C LYS A 83 -6.44 2.95 3.47
N ALA A 84 -7.64 3.50 3.60
CA ALA A 84 -7.81 4.90 3.98
C ALA A 84 -8.16 5.03 5.46
N VAL A 85 -7.36 5.80 6.19
CA VAL A 85 -7.58 6.01 7.61
C VAL A 85 -7.86 7.49 7.91
N ASN A 86 -9.03 7.75 8.50
CA ASN A 86 -9.41 9.12 8.84
C ASN A 86 -10.25 9.14 10.12
N ALA A 87 -10.66 10.34 10.52
CA ALA A 87 -11.48 10.50 11.72
C ALA A 87 -12.56 9.43 11.79
N ALA A 88 -13.40 9.37 10.76
CA ALA A 88 -14.48 8.39 10.71
C ALA A 88 -14.00 7.02 11.16
N GLY A 89 -12.89 6.56 10.57
CA GLY A 89 -12.35 5.26 10.93
C GLY A 89 -11.38 4.74 9.90
N ALA A 90 -11.63 3.54 9.41
CA ALA A 90 -10.77 2.92 8.40
C ALA A 90 -11.58 2.15 7.38
N SER A 91 -11.06 2.06 6.15
CA SER A 91 -11.74 1.36 5.07
C SER A 91 -11.14 -0.04 4.87
N GLU A 92 -11.94 -0.94 4.33
CA GLU A 92 -11.49 -2.31 4.08
C GLU A 92 -10.17 -2.31 3.30
N PRO A 93 -9.34 -3.33 3.55
CA PRO A 93 -8.04 -3.48 2.89
C PRO A 93 -8.19 -3.84 1.41
N LYS A 94 -7.42 -3.15 0.57
CA LYS A 94 -7.46 -3.39 -0.87
C LYS A 94 -6.44 -4.45 -1.27
N TYR A 95 -6.92 -5.64 -1.64
CA TYR A 95 -6.05 -6.73 -2.04
C TYR A 95 -5.64 -6.59 -3.50
N TYR A 96 -4.39 -6.20 -3.72
CA TYR A 96 -3.87 -6.02 -5.07
C TYR A 96 -4.13 -7.26 -5.92
N SER A 97 -4.24 -7.06 -7.23
CA SER A 97 -4.50 -8.16 -8.15
C SER A 97 -3.47 -9.27 -7.96
N GLN A 98 -2.23 -8.99 -8.35
CA GLN A 98 -1.15 -9.98 -8.22
C GLN A 98 -0.06 -9.47 -7.28
N PRO A 99 0.63 -10.41 -6.62
CA PRO A 99 1.71 -10.08 -5.68
C PRO A 99 2.94 -9.52 -6.38
N ILE A 100 3.80 -8.86 -5.61
CA ILE A 100 5.02 -8.29 -6.16
C ILE A 100 6.23 -9.16 -5.86
N LEU A 101 7.20 -9.15 -6.78
CA LEU A 101 8.41 -9.95 -6.60
C LEU A 101 9.65 -9.06 -6.63
N VAL A 102 10.18 -8.73 -5.45
CA VAL A 102 11.36 -7.90 -5.35
C VAL A 102 12.47 -8.39 -6.27
N LYS A 103 12.45 -7.91 -7.51
CA LYS A 103 13.46 -8.30 -8.49
C LYS A 103 13.80 -7.13 -9.41
N GLU A 104 15.05 -7.09 -9.86
CA GLU A 104 15.51 -6.03 -10.75
C GLU A 104 15.10 -6.30 -12.19
N SER A 105 15.08 -5.26 -13.01
CA SER A 105 14.71 -5.40 -14.41
C SER A 105 15.93 -5.28 -15.31
N GLY A 106 16.83 -6.25 -15.21
CA GLY A 106 18.03 -6.25 -16.03
C GLY A 106 19.07 -7.23 -15.54
N PRO A 107 18.82 -8.53 -15.80
CA PRO A 107 19.73 -9.61 -15.39
C PRO A 107 21.03 -9.59 -16.19
N SER A 108 21.09 -8.74 -17.19
CA SER A 108 22.28 -8.63 -18.03
C SER A 108 23.47 -8.11 -17.23
N SER A 109 24.48 -8.96 -17.04
CA SER A 109 25.66 -8.59 -16.29
C SER A 109 26.93 -8.88 -17.09
N GLY A 110 27.97 -8.11 -16.82
CA GLY A 110 29.23 -8.30 -17.53
C GLY A 110 30.25 -7.21 -17.23
N GLY A 1 -20.76 -5.83 17.24
CA GLY A 1 -19.68 -4.90 16.97
C GLY A 1 -19.63 -4.48 15.52
N SER A 2 -19.47 -3.18 15.28
CA SER A 2 -19.41 -2.65 13.93
C SER A 2 -19.01 -1.17 13.95
N SER A 3 -18.41 -0.73 12.84
CA SER A 3 -17.96 0.65 12.73
C SER A 3 -19.00 1.51 12.01
N GLY A 4 -19.35 1.10 10.79
CA GLY A 4 -20.34 1.83 10.02
C GLY A 4 -19.79 2.30 8.68
N SER A 5 -19.06 3.42 8.71
CA SER A 5 -18.49 3.97 7.49
C SER A 5 -17.53 5.11 7.81
N SER A 6 -16.30 5.00 7.31
CA SER A 6 -15.28 6.02 7.54
C SER A 6 -15.66 7.34 6.86
N GLY A 7 -16.68 7.28 6.01
CA GLY A 7 -17.12 8.47 5.32
C GLY A 7 -16.47 8.63 3.95
N THR A 8 -15.14 8.55 3.93
CA THR A 8 -14.40 8.70 2.68
C THR A 8 -14.25 7.35 1.98
N SER A 9 -13.94 7.39 0.69
CA SER A 9 -13.77 6.17 -0.10
C SER A 9 -12.34 5.67 -0.03
N PRO A 10 -12.16 4.36 -0.13
CA PRO A 10 -10.84 3.72 -0.09
C PRO A 10 -10.01 4.03 -1.33
N PRO A 11 -8.70 3.69 -1.26
CA PRO A 11 -7.77 3.93 -2.38
C PRO A 11 -8.05 3.01 -3.56
N THR A 12 -8.08 3.60 -4.76
CA THR A 12 -8.33 2.83 -5.98
C THR A 12 -7.18 2.97 -6.97
N LEU A 13 -7.26 2.23 -8.06
CA LEU A 13 -6.22 2.27 -9.09
C LEU A 13 -4.85 2.01 -8.49
N LEU A 14 -4.75 0.93 -7.71
CA LEU A 14 -3.49 0.56 -7.08
C LEU A 14 -2.60 -0.21 -8.05
N THR A 15 -1.37 0.26 -8.22
CA THR A 15 -0.42 -0.38 -9.12
C THR A 15 1.01 -0.19 -8.64
N VAL A 16 1.90 -1.07 -9.06
CA VAL A 16 3.31 -1.01 -8.67
C VAL A 16 4.06 0.00 -9.54
N ASP A 17 4.42 1.13 -8.95
CA ASP A 17 5.15 2.18 -9.66
C ASP A 17 6.45 1.63 -10.24
N SER A 18 7.22 0.92 -9.40
CA SER A 18 8.49 0.36 -9.83
C SER A 18 8.88 -0.82 -8.94
N VAL A 19 9.97 -1.48 -9.31
CA VAL A 19 10.46 -2.64 -8.53
C VAL A 19 11.97 -2.77 -8.66
N THR A 20 12.64 -2.95 -7.53
CA THR A 20 14.09 -3.10 -7.51
C THR A 20 14.52 -4.16 -6.50
N ASP A 21 15.40 -5.06 -6.93
CA ASP A 21 15.89 -6.12 -6.07
C ASP A 21 16.13 -5.60 -4.65
N THR A 22 16.39 -4.30 -4.54
CA THR A 22 16.65 -3.69 -3.25
C THR A 22 15.34 -3.34 -2.54
N THR A 23 14.44 -2.68 -3.25
CA THR A 23 13.15 -2.30 -2.69
C THR A 23 12.08 -2.19 -3.77
N VAL A 24 10.83 -2.06 -3.35
CA VAL A 24 9.72 -1.95 -4.29
C VAL A 24 8.97 -0.63 -4.11
N THR A 25 8.38 -0.14 -5.20
CA THR A 25 7.64 1.12 -5.15
C THR A 25 6.17 0.90 -5.51
N MET A 26 5.28 1.32 -4.63
CA MET A 26 3.85 1.18 -4.86
C MET A 26 3.14 2.53 -4.80
N ARG A 27 2.26 2.78 -5.75
CA ARG A 27 1.52 4.04 -5.80
C ARG A 27 0.02 3.79 -5.88
N TRP A 28 -0.77 4.80 -5.53
CA TRP A 28 -2.22 4.69 -5.56
C TRP A 28 -2.87 6.01 -5.98
N ARG A 29 -4.19 6.00 -6.09
CA ARG A 29 -4.92 7.20 -6.48
C ARG A 29 -5.88 7.64 -5.38
N PRO A 30 -6.14 8.95 -5.31
CA PRO A 30 -7.03 9.54 -4.30
C PRO A 30 -8.49 9.14 -4.53
N PRO A 31 -9.28 9.12 -3.44
CA PRO A 31 -10.70 8.78 -3.50
C PRO A 31 -11.54 9.84 -4.20
N ASP A 32 -12.47 9.41 -5.03
CA ASP A 32 -13.34 10.33 -5.76
C ASP A 32 -14.01 11.31 -4.81
N HIS A 33 -14.46 10.81 -3.67
CA HIS A 33 -15.12 11.64 -2.67
C HIS A 33 -14.26 11.78 -1.42
N ILE A 34 -14.50 12.84 -0.65
CA ILE A 34 -13.75 13.08 0.57
C ILE A 34 -14.68 13.26 1.76
N GLY A 35 -14.91 12.17 2.49
CA GLY A 35 -15.78 12.22 3.65
C GLY A 35 -15.57 13.46 4.48
N ALA A 36 -16.66 13.98 5.05
CA ALA A 36 -16.58 15.18 5.88
C ALA A 36 -15.32 15.18 6.74
N ALA A 37 -15.16 14.15 7.55
CA ALA A 37 -14.00 14.03 8.43
C ALA A 37 -12.73 14.51 7.71
N GLY A 38 -12.57 14.11 6.45
CA GLY A 38 -11.41 14.52 5.69
C GLY A 38 -10.34 13.44 5.66
N LEU A 39 -9.92 13.06 4.46
CA LEU A 39 -8.90 12.03 4.29
C LEU A 39 -7.51 12.59 4.59
N ASP A 40 -6.81 11.95 5.53
CA ASP A 40 -5.47 12.38 5.91
C ASP A 40 -4.43 11.36 5.47
N GLY A 41 -3.83 11.60 4.31
CA GLY A 41 -2.82 10.69 3.79
C GLY A 41 -3.35 9.28 3.60
N TYR A 42 -2.50 8.29 3.84
CA TYR A 42 -2.88 6.90 3.68
C TYR A 42 -1.98 5.99 4.52
N VAL A 43 -2.17 4.69 4.39
CA VAL A 43 -1.39 3.71 5.13
C VAL A 43 -1.04 2.51 4.26
N LEU A 44 0.22 2.07 4.32
CA LEU A 44 0.67 0.93 3.55
C LEU A 44 0.96 -0.27 4.46
N GLU A 45 0.86 -1.47 3.88
CA GLU A 45 1.10 -2.69 4.65
C GLU A 45 1.47 -3.84 3.71
N TYR A 46 2.40 -4.68 4.16
CA TYR A 46 2.85 -5.82 3.37
C TYR A 46 3.10 -7.03 4.24
N CYS A 47 2.63 -8.19 3.79
CA CYS A 47 2.81 -9.43 4.54
C CYS A 47 3.82 -10.35 3.86
N PHE A 48 4.94 -10.59 4.53
CA PHE A 48 5.98 -11.44 3.98
C PHE A 48 5.48 -12.87 3.78
N GLU A 49 6.22 -13.65 3.00
CA GLU A 49 5.84 -15.03 2.72
C GLU A 49 6.06 -15.91 3.96
N GLY A 50 7.26 -15.85 4.52
CA GLY A 50 7.58 -16.65 5.68
C GLY A 50 7.02 -16.05 6.97
N THR A 51 5.76 -15.63 6.92
CA THR A 51 5.11 -15.03 8.08
C THR A 51 3.59 -15.13 7.97
N GLU A 52 2.91 -14.90 9.09
CA GLU A 52 1.44 -14.96 9.11
C GLU A 52 0.86 -13.65 9.61
N ASP A 53 1.68 -12.60 9.63
CA ASP A 53 1.25 -11.29 10.08
C ASP A 53 1.53 -10.22 9.01
N TRP A 54 0.75 -9.14 9.06
CA TRP A 54 0.92 -8.06 8.09
C TRP A 54 1.70 -6.90 8.71
N ILE A 55 2.93 -6.70 8.23
CA ILE A 55 3.77 -5.62 8.74
C ILE A 55 3.34 -4.28 8.18
N VAL A 56 3.32 -3.27 9.04
CA VAL A 56 2.92 -1.92 8.64
C VAL A 56 4.13 -1.11 8.15
N ALA A 57 4.07 -0.68 6.89
CA ALA A 57 5.14 0.10 6.30
C ALA A 57 5.14 1.52 6.84
N ASN A 58 4.03 2.23 6.65
CA ASN A 58 3.91 3.60 7.11
C ASN A 58 3.75 3.65 8.63
N LYS A 59 3.80 4.86 9.19
CA LYS A 59 3.66 5.05 10.63
C LYS A 59 2.38 5.81 10.95
N ASP A 60 2.34 7.08 10.56
CA ASP A 60 1.19 7.93 10.81
C ASP A 60 0.35 8.09 9.54
N LEU A 61 0.87 8.87 8.60
CA LEU A 61 0.17 9.11 7.34
C LEU A 61 1.17 9.43 6.22
N ILE A 62 0.95 8.82 5.06
CA ILE A 62 1.82 9.05 3.91
C ILE A 62 1.36 10.25 3.10
N ASP A 63 2.11 11.35 3.21
CA ASP A 63 1.79 12.57 2.47
C ASP A 63 1.63 12.29 0.98
N LYS A 64 2.52 11.45 0.44
CA LYS A 64 2.47 11.10 -0.97
C LYS A 64 1.44 10.01 -1.24
N THR A 65 1.05 9.86 -2.50
CA THR A 65 0.07 8.85 -2.87
C THR A 65 0.74 7.52 -3.17
N LYS A 66 1.98 7.36 -2.71
CA LYS A 66 2.72 6.14 -2.93
C LYS A 66 3.63 5.83 -1.73
N PHE A 67 4.39 4.75 -1.83
CA PHE A 67 5.29 4.34 -0.75
C PHE A 67 6.30 3.31 -1.25
N THR A 68 7.47 3.28 -0.61
CA THR A 68 8.51 2.34 -0.97
C THR A 68 9.02 1.56 0.24
N ILE A 69 8.85 0.26 0.21
CA ILE A 69 9.29 -0.59 1.31
C ILE A 69 10.81 -0.73 1.32
N THR A 70 11.45 -0.12 2.32
CA THR A 70 12.90 -0.17 2.44
C THR A 70 13.34 -1.42 3.20
N GLY A 71 14.35 -2.11 2.66
CA GLY A 71 14.84 -3.31 3.29
C GLY A 71 14.06 -4.55 2.87
N LEU A 72 14.35 -5.04 1.67
CA LEU A 72 13.67 -6.23 1.15
C LEU A 72 14.67 -7.17 0.49
N PRO A 73 14.56 -8.47 0.82
CA PRO A 73 15.44 -9.50 0.27
C PRO A 73 15.17 -9.76 -1.21
N THR A 74 16.23 -9.77 -2.01
CA THR A 74 16.11 -10.01 -3.44
C THR A 74 15.49 -11.38 -3.73
N ASP A 75 14.59 -11.41 -4.70
CA ASP A 75 13.92 -12.66 -5.07
C ASP A 75 12.97 -13.12 -3.97
N ALA A 76 12.23 -12.18 -3.40
CA ALA A 76 11.28 -12.48 -2.33
C ALA A 76 9.87 -12.06 -2.71
N LYS A 77 8.90 -12.90 -2.36
CA LYS A 77 7.50 -12.61 -2.67
C LYS A 77 6.79 -12.03 -1.46
N ILE A 78 6.14 -10.89 -1.63
CA ILE A 78 5.42 -10.24 -0.55
C ILE A 78 4.08 -9.69 -1.04
N PHE A 79 3.19 -9.38 -0.09
CA PHE A 79 1.88 -8.84 -0.43
C PHE A 79 1.84 -7.33 -0.20
N VAL A 80 0.84 -6.68 -0.80
CA VAL A 80 0.69 -5.24 -0.68
C VAL A 80 -0.77 -4.84 -0.64
N ARG A 81 -1.14 -4.06 0.38
CA ARG A 81 -2.53 -3.61 0.52
C ARG A 81 -2.58 -2.20 1.10
N VAL A 82 -3.37 -1.34 0.46
CA VAL A 82 -3.50 0.04 0.90
C VAL A 82 -4.95 0.36 1.27
N LYS A 83 -5.13 1.27 2.22
CA LYS A 83 -6.46 1.67 2.66
C LYS A 83 -6.46 3.11 3.15
N ALA A 84 -7.62 3.75 3.09
CA ALA A 84 -7.76 5.14 3.53
C ALA A 84 -7.92 5.21 5.04
N VAL A 85 -7.25 6.18 5.66
CA VAL A 85 -7.32 6.36 7.10
C VAL A 85 -7.48 7.84 7.47
N ASN A 86 -8.50 8.14 8.26
CA ASN A 86 -8.76 9.51 8.68
C ASN A 86 -9.30 9.56 10.10
N ALA A 87 -9.58 10.76 10.60
CA ALA A 87 -10.11 10.93 11.93
C ALA A 87 -11.23 9.94 12.22
N ALA A 88 -12.19 9.86 11.31
CA ALA A 88 -13.31 8.95 11.47
C ALA A 88 -12.83 7.53 11.75
N GLY A 89 -11.98 7.00 10.87
CA GLY A 89 -11.46 5.66 11.04
C GLY A 89 -10.65 5.20 9.85
N ALA A 90 -10.83 3.94 9.46
CA ALA A 90 -10.10 3.38 8.33
C ALA A 90 -11.05 2.73 7.33
N SER A 91 -10.53 2.35 6.17
CA SER A 91 -11.33 1.72 5.13
C SER A 91 -10.92 0.27 4.93
N GLU A 92 -11.72 -0.47 4.17
CA GLU A 92 -11.44 -1.88 3.90
C GLU A 92 -10.11 -2.03 3.17
N PRO A 93 -9.37 -3.10 3.49
CA PRO A 93 -8.08 -3.39 2.87
C PRO A 93 -8.21 -3.81 1.41
N LYS A 94 -7.23 -3.43 0.60
CA LYS A 94 -7.24 -3.77 -0.82
C LYS A 94 -6.20 -4.85 -1.13
N TYR A 95 -6.66 -5.94 -1.71
CA TYR A 95 -5.78 -7.05 -2.06
C TYR A 95 -5.49 -7.07 -3.56
N TYR A 96 -4.23 -6.83 -3.91
CA TYR A 96 -3.82 -6.82 -5.32
C TYR A 96 -4.09 -8.17 -5.97
N SER A 97 -3.93 -8.23 -7.29
CA SER A 97 -4.15 -9.45 -8.04
C SER A 97 -3.02 -10.45 -7.80
N GLN A 98 -1.87 -10.17 -8.40
CA GLN A 98 -0.70 -11.05 -8.24
C GLN A 98 0.30 -10.46 -7.25
N PRO A 99 1.02 -11.34 -6.56
CA PRO A 99 2.02 -10.94 -5.57
C PRO A 99 3.25 -10.28 -6.21
N ILE A 100 3.72 -9.20 -5.60
CA ILE A 100 4.88 -8.49 -6.12
C ILE A 100 6.18 -9.18 -5.72
N LEU A 101 7.06 -9.38 -6.70
CA LEU A 101 8.34 -10.03 -6.45
C LEU A 101 9.49 -9.04 -6.57
N VAL A 102 10.03 -8.63 -5.42
CA VAL A 102 11.14 -7.69 -5.40
C VAL A 102 12.29 -8.17 -6.26
N LYS A 103 12.33 -7.70 -7.50
CA LYS A 103 13.38 -8.07 -8.43
C LYS A 103 13.73 -6.91 -9.35
N GLU A 104 15.01 -6.85 -9.76
CA GLU A 104 15.47 -5.79 -10.63
C GLU A 104 15.37 -6.20 -12.10
N SER A 105 15.45 -5.22 -13.00
CA SER A 105 15.36 -5.48 -14.43
C SER A 105 16.65 -5.06 -15.14
N GLY A 106 17.66 -5.91 -15.06
CA GLY A 106 18.93 -5.60 -15.70
C GLY A 106 19.28 -6.60 -16.79
N PRO A 107 18.74 -6.37 -17.99
CA PRO A 107 18.99 -7.24 -19.16
C PRO A 107 20.42 -7.14 -19.66
N SER A 108 20.98 -5.94 -19.58
CA SER A 108 22.36 -5.71 -20.03
C SER A 108 22.97 -4.52 -19.32
N SER A 109 24.11 -4.76 -18.66
CA SER A 109 24.80 -3.71 -17.93
C SER A 109 25.66 -2.87 -18.86
N GLY A 110 25.46 -1.56 -18.85
CA GLY A 110 26.24 -0.67 -19.69
C GLY A 110 25.95 0.79 -19.43
N GLY A 1 -10.05 -4.42 11.15
CA GLY A 1 -10.07 -5.33 12.28
C GLY A 1 -11.46 -5.60 12.80
N SER A 2 -11.82 -4.96 13.91
CA SER A 2 -13.13 -5.14 14.50
C SER A 2 -14.20 -4.41 13.69
N SER A 3 -13.96 -3.13 13.42
CA SER A 3 -14.90 -2.32 12.65
C SER A 3 -14.28 -1.88 11.33
N GLY A 4 -15.14 -1.62 10.35
CA GLY A 4 -14.66 -1.19 9.04
C GLY A 4 -15.67 -0.35 8.30
N SER A 5 -15.94 0.85 8.82
CA SER A 5 -16.90 1.75 8.21
C SER A 5 -16.41 3.19 8.28
N SER A 6 -16.25 3.81 7.11
CA SER A 6 -15.79 5.20 7.04
C SER A 6 -16.62 6.00 6.05
N GLY A 7 -16.56 7.32 6.17
CA GLY A 7 -17.31 8.19 5.28
C GLY A 7 -16.67 8.33 3.93
N THR A 8 -15.34 8.37 3.89
CA THR A 8 -14.60 8.50 2.64
C THR A 8 -14.35 7.15 2.01
N SER A 9 -13.98 7.16 0.74
CA SER A 9 -13.72 5.92 0.00
C SER A 9 -12.23 5.57 0.06
N PRO A 10 -11.94 4.26 0.03
CA PRO A 10 -10.56 3.75 0.08
C PRO A 10 -9.80 4.07 -1.21
N PRO A 11 -8.47 3.84 -1.17
CA PRO A 11 -7.59 4.08 -2.32
C PRO A 11 -7.83 3.10 -3.46
N THR A 12 -8.00 3.63 -4.67
CA THR A 12 -8.24 2.80 -5.84
C THR A 12 -7.04 2.82 -6.79
N LEU A 13 -7.20 2.17 -7.94
CA LEU A 13 -6.12 2.12 -8.93
C LEU A 13 -4.80 1.76 -8.28
N LEU A 14 -4.80 0.71 -7.47
CA LEU A 14 -3.60 0.26 -6.77
C LEU A 14 -2.73 -0.60 -7.70
N THR A 15 -1.58 -0.06 -8.10
CA THR A 15 -0.67 -0.78 -8.98
C THR A 15 0.78 -0.47 -8.64
N VAL A 16 1.69 -1.35 -9.04
CA VAL A 16 3.11 -1.17 -8.78
C VAL A 16 3.77 -0.39 -9.92
N ASP A 17 4.35 0.76 -9.58
CA ASP A 17 5.02 1.59 -10.57
C ASP A 17 6.39 1.02 -10.91
N SER A 18 7.26 0.93 -9.91
CA SER A 18 8.60 0.41 -10.10
C SER A 18 8.89 -0.73 -9.13
N VAL A 19 9.97 -1.46 -9.39
CA VAL A 19 10.36 -2.58 -8.53
C VAL A 19 11.85 -2.88 -8.67
N THR A 20 12.58 -2.80 -7.57
CA THR A 20 14.01 -3.07 -7.57
C THR A 20 14.35 -4.21 -6.61
N ASP A 21 15.43 -4.91 -6.92
CA ASP A 21 15.87 -6.04 -6.08
C ASP A 21 16.19 -5.56 -4.67
N THR A 22 16.23 -4.25 -4.49
CA THR A 22 16.52 -3.67 -3.17
C THR A 22 15.27 -3.10 -2.54
N THR A 23 14.53 -2.31 -3.30
CA THR A 23 13.31 -1.69 -2.81
C THR A 23 12.18 -1.81 -3.83
N VAL A 24 10.94 -1.61 -3.38
CA VAL A 24 9.78 -1.69 -4.26
C VAL A 24 8.89 -0.47 -4.10
N THR A 25 8.51 0.13 -5.21
CA THR A 25 7.65 1.31 -5.21
C THR A 25 6.21 0.95 -5.56
N MET A 26 5.27 1.64 -4.94
CA MET A 26 3.85 1.39 -5.18
C MET A 26 3.11 2.70 -5.42
N ARG A 27 2.26 2.72 -6.45
CA ARG A 27 1.49 3.90 -6.80
C ARG A 27 0.00 3.65 -6.61
N TRP A 28 -0.74 4.71 -6.32
CA TRP A 28 -2.19 4.59 -6.12
C TRP A 28 -2.87 5.95 -6.30
N ARG A 29 -4.19 5.94 -6.40
CA ARG A 29 -4.96 7.16 -6.56
C ARG A 29 -5.93 7.36 -5.42
N PRO A 30 -6.11 8.63 -5.00
CA PRO A 30 -7.02 8.97 -3.90
C PRO A 30 -8.48 8.79 -4.28
N PRO A 31 -9.37 8.85 -3.28
CA PRO A 31 -10.82 8.69 -3.47
C PRO A 31 -11.43 9.86 -4.23
N ASP A 32 -12.30 9.56 -5.18
CA ASP A 32 -12.96 10.58 -5.97
C ASP A 32 -13.37 11.77 -5.10
N HIS A 33 -13.95 11.47 -3.94
CA HIS A 33 -14.38 12.51 -3.01
C HIS A 33 -13.76 12.31 -1.63
N ILE A 34 -13.77 13.36 -0.82
CA ILE A 34 -13.21 13.29 0.52
C ILE A 34 -14.24 13.67 1.57
N GLY A 35 -14.79 12.68 2.25
CA GLY A 35 -15.79 12.92 3.27
C GLY A 35 -15.51 14.20 4.05
N ALA A 36 -16.58 14.90 4.42
CA ALA A 36 -16.45 16.14 5.17
C ALA A 36 -15.30 16.07 6.17
N ALA A 37 -15.26 14.97 6.93
CA ALA A 37 -14.21 14.78 7.92
C ALA A 37 -12.85 15.17 7.38
N GLY A 38 -12.54 14.69 6.17
CA GLY A 38 -11.26 15.01 5.56
C GLY A 38 -10.38 13.78 5.37
N LEU A 39 -9.39 13.89 4.50
CA LEU A 39 -8.48 12.77 4.23
C LEU A 39 -7.11 13.05 4.84
N ASP A 40 -6.62 12.09 5.63
CA ASP A 40 -5.32 12.22 6.27
C ASP A 40 -4.40 11.07 5.86
N GLY A 41 -3.58 11.31 4.84
CA GLY A 41 -2.67 10.29 4.37
C GLY A 41 -3.33 8.94 4.22
N TYR A 42 -2.52 7.88 4.19
CA TYR A 42 -3.04 6.53 4.03
C TYR A 42 -2.15 5.52 4.76
N VAL A 43 -2.69 4.32 4.98
CA VAL A 43 -1.94 3.27 5.65
C VAL A 43 -1.54 2.17 4.68
N LEU A 44 -0.30 1.71 4.80
CA LEU A 44 0.23 0.66 3.93
C LEU A 44 0.97 -0.40 4.75
N GLU A 45 0.62 -1.66 4.52
CA GLU A 45 1.26 -2.76 5.23
C GLU A 45 1.55 -3.92 4.27
N TYR A 46 2.63 -4.65 4.55
CA TYR A 46 3.02 -5.78 3.72
C TYR A 46 3.21 -7.03 4.56
N CYS A 47 2.79 -8.18 4.02
CA CYS A 47 2.92 -9.45 4.72
C CYS A 47 3.95 -10.35 4.04
N PHE A 48 5.13 -10.44 4.63
CA PHE A 48 6.20 -11.26 4.08
C PHE A 48 5.76 -12.73 4.00
N GLU A 49 6.36 -13.46 3.05
CA GLU A 49 6.03 -14.87 2.87
C GLU A 49 6.44 -15.69 4.09
N GLY A 50 5.56 -16.59 4.51
CA GLY A 50 5.85 -17.42 5.66
C GLY A 50 5.27 -16.85 6.94
N THR A 51 5.28 -15.52 7.06
CA THR A 51 4.75 -14.85 8.24
C THR A 51 3.26 -14.59 8.10
N GLU A 52 2.47 -15.09 9.05
CA GLU A 52 1.03 -14.90 9.04
C GLU A 52 0.64 -13.62 9.76
N ASP A 53 1.54 -12.64 9.75
CA ASP A 53 1.29 -11.36 10.41
C ASP A 53 1.58 -10.20 9.48
N TRP A 54 0.67 -9.24 9.42
CA TRP A 54 0.83 -8.07 8.57
C TRP A 54 1.75 -7.05 9.22
N ILE A 55 2.87 -6.77 8.58
CA ILE A 55 3.84 -5.80 9.09
C ILE A 55 3.51 -4.40 8.61
N VAL A 56 3.49 -3.45 9.53
CA VAL A 56 3.20 -2.06 9.20
C VAL A 56 4.42 -1.36 8.61
N ALA A 57 4.25 -0.80 7.41
CA ALA A 57 5.35 -0.11 6.73
C ALA A 57 5.43 1.35 7.18
N ASN A 58 4.35 2.10 6.94
CA ASN A 58 4.31 3.51 7.31
C ASN A 58 4.23 3.66 8.84
N LYS A 59 4.90 4.69 9.35
CA LYS A 59 4.91 4.95 10.78
C LYS A 59 3.57 5.49 11.24
N ASP A 60 3.17 6.65 10.70
CA ASP A 60 1.91 7.27 11.06
C ASP A 60 0.97 7.31 9.85
N LEU A 61 1.26 8.21 8.91
CA LEU A 61 0.44 8.35 7.71
C LEU A 61 1.32 8.65 6.49
N ILE A 62 0.81 8.29 5.31
CA ILE A 62 1.54 8.52 4.08
C ILE A 62 1.03 9.77 3.37
N ASP A 63 1.86 10.81 3.33
CA ASP A 63 1.50 12.06 2.68
C ASP A 63 1.32 11.86 1.18
N LYS A 64 2.37 11.41 0.51
CA LYS A 64 2.33 11.18 -0.92
C LYS A 64 1.57 9.90 -1.24
N THR A 65 1.06 9.81 -2.46
CA THR A 65 0.30 8.64 -2.90
C THR A 65 1.24 7.51 -3.33
N LYS A 66 2.53 7.71 -3.11
CA LYS A 66 3.53 6.71 -3.46
C LYS A 66 4.33 6.27 -2.24
N PHE A 67 4.67 4.99 -2.18
CA PHE A 67 5.44 4.45 -1.07
C PHE A 67 6.51 3.49 -1.57
N THR A 68 7.64 3.46 -0.88
CA THR A 68 8.75 2.59 -1.24
C THR A 68 9.32 1.88 -0.03
N ILE A 69 9.42 0.55 -0.11
CA ILE A 69 9.95 -0.25 0.99
C ILE A 69 11.44 -0.49 0.82
N THR A 70 12.20 -0.19 1.88
CA THR A 70 13.65 -0.37 1.85
C THR A 70 14.06 -1.60 2.65
N GLY A 71 15.03 -2.34 2.12
CA GLY A 71 15.50 -3.54 2.80
C GLY A 71 14.67 -4.76 2.47
N LEU A 72 14.69 -5.15 1.20
CA LEU A 72 13.94 -6.32 0.75
C LEU A 72 14.85 -7.32 0.04
N PRO A 73 14.77 -8.59 0.48
CA PRO A 73 15.58 -9.66 -0.10
C PRO A 73 15.15 -10.02 -1.52
N THR A 74 16.12 -10.05 -2.43
CA THR A 74 15.83 -10.38 -3.83
C THR A 74 15.10 -11.71 -3.95
N ASP A 75 14.38 -11.89 -5.05
CA ASP A 75 13.64 -13.12 -5.28
C ASP A 75 12.71 -13.43 -4.11
N ALA A 76 12.15 -12.39 -3.50
CA ALA A 76 11.25 -12.54 -2.37
C ALA A 76 9.84 -12.09 -2.73
N LYS A 77 8.85 -12.92 -2.42
CA LYS A 77 7.46 -12.59 -2.71
C LYS A 77 6.78 -12.00 -1.48
N ILE A 78 6.25 -10.79 -1.62
CA ILE A 78 5.57 -10.12 -0.52
C ILE A 78 4.27 -9.49 -0.99
N PHE A 79 3.35 -9.27 -0.05
CA PHE A 79 2.06 -8.67 -0.37
C PHE A 79 2.04 -7.20 0.03
N VAL A 80 1.10 -6.45 -0.56
CA VAL A 80 0.97 -5.03 -0.27
C VAL A 80 -0.50 -4.61 -0.20
N ARG A 81 -0.94 -4.18 0.98
CA ARG A 81 -2.31 -3.75 1.17
C ARG A 81 -2.38 -2.28 1.58
N VAL A 82 -3.31 -1.55 0.99
CA VAL A 82 -3.48 -0.13 1.29
C VAL A 82 -4.93 0.19 1.63
N LYS A 83 -5.12 0.96 2.70
CA LYS A 83 -6.46 1.34 3.13
C LYS A 83 -6.53 2.84 3.43
N ALA A 84 -7.73 3.33 3.72
CA ALA A 84 -7.92 4.74 4.02
C ALA A 84 -8.28 4.94 5.49
N VAL A 85 -7.77 6.01 6.08
CA VAL A 85 -8.03 6.31 7.48
C VAL A 85 -8.27 7.81 7.69
N ASN A 86 -9.42 8.15 8.26
CA ASN A 86 -9.76 9.54 8.51
C ASN A 86 -10.61 9.67 9.76
N ALA A 87 -10.82 10.91 10.21
CA ALA A 87 -11.62 11.17 11.40
C ALA A 87 -12.79 10.21 11.49
N ALA A 88 -13.44 9.94 10.36
CA ALA A 88 -14.57 9.03 10.32
C ALA A 88 -14.20 7.66 10.86
N GLY A 89 -13.25 7.00 10.20
CA GLY A 89 -12.81 5.69 10.62
C GLY A 89 -11.76 5.09 9.71
N ALA A 90 -11.95 3.84 9.34
CA ALA A 90 -11.01 3.16 8.46
C ALA A 90 -11.73 2.37 7.38
N SER A 91 -11.09 2.22 6.22
CA SER A 91 -11.68 1.51 5.09
C SER A 91 -10.98 0.17 4.89
N GLU A 92 -11.63 -0.73 4.16
CA GLU A 92 -11.06 -2.05 3.88
C GLU A 92 -9.81 -1.94 3.02
N PRO A 93 -8.81 -2.78 3.31
CA PRO A 93 -7.54 -2.79 2.57
C PRO A 93 -7.71 -3.33 1.15
N LYS A 94 -6.93 -2.78 0.23
CA LYS A 94 -6.99 -3.20 -1.16
C LYS A 94 -6.06 -4.38 -1.41
N TYR A 95 -6.63 -5.50 -1.84
CA TYR A 95 -5.86 -6.70 -2.11
C TYR A 95 -5.39 -6.73 -3.56
N TYR A 96 -4.08 -6.55 -3.77
CA TYR A 96 -3.51 -6.55 -5.10
C TYR A 96 -3.73 -7.90 -5.79
N SER A 97 -4.37 -7.86 -6.95
CA SER A 97 -4.65 -9.08 -7.71
C SER A 97 -3.52 -10.09 -7.55
N GLN A 98 -2.37 -9.78 -8.14
CA GLN A 98 -1.21 -10.67 -8.06
C GLN A 98 -0.16 -10.10 -7.11
N PRO A 99 0.69 -10.98 -6.56
CA PRO A 99 1.75 -10.60 -5.64
C PRO A 99 2.87 -9.82 -6.33
N ILE A 100 3.73 -9.19 -5.52
CA ILE A 100 4.84 -8.42 -6.06
C ILE A 100 6.18 -9.07 -5.75
N LEU A 101 6.94 -9.36 -6.79
CA LEU A 101 8.25 -9.99 -6.63
C LEU A 101 9.37 -8.95 -6.68
N VAL A 102 9.98 -8.69 -5.54
CA VAL A 102 11.07 -7.73 -5.45
C VAL A 102 12.25 -8.14 -6.32
N LYS A 103 12.25 -7.65 -7.57
CA LYS A 103 13.32 -7.98 -8.50
C LYS A 103 13.72 -6.74 -9.31
N GLU A 104 14.97 -6.70 -9.75
CA GLU A 104 15.48 -5.58 -10.53
C GLU A 104 15.26 -5.82 -12.02
N SER A 105 15.22 -4.73 -12.79
CA SER A 105 15.02 -4.82 -14.23
C SER A 105 16.27 -4.36 -14.98
N GLY A 106 17.43 -4.80 -14.50
CA GLY A 106 18.68 -4.42 -15.14
C GLY A 106 19.51 -5.62 -15.55
N PRO A 107 19.24 -6.14 -16.76
CA PRO A 107 19.96 -7.31 -17.29
C PRO A 107 21.41 -6.98 -17.64
N SER A 108 21.69 -5.71 -17.88
CA SER A 108 23.04 -5.27 -18.22
C SER A 108 23.83 -4.91 -16.97
N SER A 109 24.99 -5.54 -16.81
CA SER A 109 25.84 -5.30 -15.64
C SER A 109 26.82 -4.16 -15.92
N GLY A 110 27.16 -3.41 -14.88
CA GLY A 110 28.08 -2.31 -15.02
C GLY A 110 28.59 -1.80 -13.68
N GLY A 1 -15.97 -6.12 15.90
CA GLY A 1 -16.93 -5.54 14.97
C GLY A 1 -17.40 -4.18 15.41
N SER A 2 -18.04 -3.45 14.50
CA SER A 2 -18.54 -2.11 14.79
C SER A 2 -19.64 -1.72 13.82
N SER A 3 -20.45 -0.73 14.21
CA SER A 3 -21.55 -0.26 13.38
C SER A 3 -21.22 1.10 12.77
N GLY A 4 -21.20 1.16 11.44
CA GLY A 4 -20.90 2.41 10.76
C GLY A 4 -19.87 2.23 9.66
N SER A 5 -20.10 2.89 8.53
CA SER A 5 -19.19 2.80 7.39
C SER A 5 -18.34 4.07 7.28
N SER A 6 -17.17 3.93 6.66
CA SER A 6 -16.26 5.06 6.48
C SER A 6 -16.93 6.17 5.68
N GLY A 7 -16.49 7.41 5.91
CA GLY A 7 -17.06 8.54 5.20
C GLY A 7 -16.44 8.74 3.84
N THR A 8 -15.13 8.60 3.77
CA THR A 8 -14.41 8.76 2.50
C THR A 8 -14.19 7.43 1.81
N SER A 9 -13.96 7.47 0.50
CA SER A 9 -13.74 6.26 -0.29
C SER A 9 -12.31 5.75 -0.11
N PRO A 10 -12.14 4.43 -0.20
CA PRO A 10 -10.84 3.79 -0.06
C PRO A 10 -9.91 4.08 -1.24
N PRO A 11 -8.63 3.73 -1.10
CA PRO A 11 -7.62 3.95 -2.13
C PRO A 11 -7.83 3.05 -3.35
N THR A 12 -8.05 3.67 -4.51
CA THR A 12 -8.27 2.93 -5.74
C THR A 12 -7.08 3.08 -6.69
N LEU A 13 -7.21 2.49 -7.87
CA LEU A 13 -6.14 2.56 -8.88
C LEU A 13 -4.80 2.16 -8.28
N LEU A 14 -4.78 1.02 -7.59
CA LEU A 14 -3.55 0.53 -6.96
C LEU A 14 -2.76 -0.35 -7.93
N THR A 15 -1.62 0.16 -8.37
CA THR A 15 -0.77 -0.59 -9.30
C THR A 15 0.71 -0.42 -8.94
N VAL A 16 1.51 -1.40 -9.34
CA VAL A 16 2.94 -1.36 -9.06
C VAL A 16 3.66 -0.37 -9.97
N ASP A 17 4.22 0.67 -9.38
CA ASP A 17 4.94 1.69 -10.14
C ASP A 17 6.24 1.13 -10.71
N SER A 18 7.12 0.66 -9.83
CA SER A 18 8.40 0.10 -10.25
C SER A 18 8.93 -0.89 -9.21
N VAL A 19 9.36 -2.05 -9.68
CA VAL A 19 9.89 -3.08 -8.79
C VAL A 19 11.40 -3.24 -8.97
N THR A 20 12.13 -3.18 -7.86
CA THR A 20 13.59 -3.33 -7.89
C THR A 20 14.05 -4.43 -6.97
N ASP A 21 15.10 -5.14 -7.38
CA ASP A 21 15.65 -6.24 -6.59
C ASP A 21 15.99 -5.76 -5.18
N THR A 22 16.17 -4.46 -5.02
CA THR A 22 16.51 -3.88 -3.73
C THR A 22 15.25 -3.45 -2.98
N THR A 23 14.40 -2.67 -3.65
CA THR A 23 13.16 -2.20 -3.04
C THR A 23 12.04 -2.13 -4.06
N VAL A 24 10.80 -2.08 -3.58
CA VAL A 24 9.64 -2.02 -4.45
C VAL A 24 8.99 -0.64 -4.40
N THR A 25 8.36 -0.24 -5.50
CA THR A 25 7.69 1.06 -5.57
C THR A 25 6.24 0.90 -6.01
N MET A 26 5.32 1.38 -5.16
CA MET A 26 3.89 1.31 -5.45
C MET A 26 3.32 2.69 -5.72
N ARG A 27 2.09 2.73 -6.23
CA ARG A 27 1.42 3.99 -6.53
C ARG A 27 -0.08 3.85 -6.37
N TRP A 28 -0.73 4.96 -6.01
CA TRP A 28 -2.18 4.97 -5.82
C TRP A 28 -2.73 6.39 -5.94
N ARG A 29 -4.03 6.49 -6.22
CA ARG A 29 -4.68 7.79 -6.36
C ARG A 29 -5.71 8.00 -5.26
N PRO A 30 -6.04 9.27 -5.00
CA PRO A 30 -7.03 9.64 -3.97
C PRO A 30 -8.45 9.23 -4.35
N PRO A 31 -9.35 9.22 -3.36
CA PRO A 31 -10.75 8.86 -3.57
C PRO A 31 -11.51 9.91 -4.37
N ASP A 32 -12.48 9.46 -5.17
CA ASP A 32 -13.27 10.37 -5.98
C ASP A 32 -13.52 11.69 -5.25
N HIS A 33 -13.86 11.59 -3.97
CA HIS A 33 -14.13 12.78 -3.16
C HIS A 33 -13.75 12.53 -1.70
N ILE A 34 -13.70 13.61 -0.92
CA ILE A 34 -13.36 13.51 0.49
C ILE A 34 -14.58 13.72 1.36
N GLY A 35 -14.79 12.80 2.31
CA GLY A 35 -15.93 12.90 3.21
C GLY A 35 -15.88 14.14 4.06
N ALA A 36 -17.04 14.55 4.57
CA ALA A 36 -17.12 15.74 5.42
C ALA A 36 -16.08 15.70 6.53
N ALA A 37 -15.94 14.53 7.16
CA ALA A 37 -14.96 14.37 8.24
C ALA A 37 -13.57 14.78 7.79
N GLY A 38 -13.25 14.51 6.53
CA GLY A 38 -11.94 14.85 6.01
C GLY A 38 -11.11 13.63 5.67
N LEU A 39 -9.85 13.85 5.34
CA LEU A 39 -8.94 12.77 4.99
C LEU A 39 -7.61 12.90 5.72
N ASP A 40 -7.16 11.81 6.34
CA ASP A 40 -5.90 11.82 7.08
C ASP A 40 -4.89 10.86 6.43
N GLY A 41 -4.05 11.40 5.55
CA GLY A 41 -3.06 10.59 4.88
C GLY A 41 -3.55 9.18 4.60
N TYR A 42 -2.64 8.22 4.62
CA TYR A 42 -2.99 6.83 4.36
C TYR A 42 -2.09 5.89 5.15
N VAL A 43 -2.28 4.59 4.94
CA VAL A 43 -1.48 3.58 5.63
C VAL A 43 -1.08 2.45 4.68
N LEU A 44 0.14 1.96 4.83
CA LEU A 44 0.65 0.88 3.99
C LEU A 44 1.18 -0.27 4.84
N GLU A 45 0.89 -1.50 4.41
CA GLU A 45 1.33 -2.68 5.14
C GLU A 45 1.65 -3.82 4.17
N TYR A 46 2.76 -4.49 4.41
CA TYR A 46 3.18 -5.60 3.55
C TYR A 46 3.41 -6.87 4.38
N CYS A 47 2.94 -7.99 3.86
CA CYS A 47 3.09 -9.27 4.55
C CYS A 47 4.17 -10.12 3.88
N PHE A 48 5.23 -10.41 4.63
CA PHE A 48 6.34 -11.21 4.11
C PHE A 48 5.88 -12.64 3.84
N GLU A 49 6.77 -13.44 3.23
CA GLU A 49 6.45 -14.82 2.91
C GLU A 49 6.97 -15.76 4.01
N GLY A 50 7.34 -15.18 5.14
CA GLY A 50 7.83 -15.98 6.25
C GLY A 50 7.05 -15.76 7.53
N THR A 51 6.10 -14.84 7.48
CA THR A 51 5.28 -14.53 8.64
C THR A 51 3.79 -14.47 8.27
N GLU A 52 2.94 -14.97 9.17
CA GLU A 52 1.50 -14.98 8.93
C GLU A 52 0.87 -13.70 9.44
N ASP A 53 1.65 -12.62 9.45
CA ASP A 53 1.15 -11.33 9.91
C ASP A 53 1.61 -10.20 8.98
N TRP A 54 0.79 -9.16 8.88
CA TRP A 54 1.11 -8.03 8.02
C TRP A 54 2.01 -7.04 8.75
N ILE A 55 3.08 -6.60 8.07
CA ILE A 55 4.02 -5.66 8.65
C ILE A 55 3.70 -4.23 8.22
N VAL A 56 3.73 -3.31 9.17
CA VAL A 56 3.45 -1.91 8.88
C VAL A 56 4.69 -1.19 8.38
N ALA A 57 4.54 -0.45 7.29
CA ALA A 57 5.64 0.30 6.70
C ALA A 57 5.64 1.75 7.17
N ASN A 58 4.54 2.45 6.90
CA ASN A 58 4.41 3.85 7.30
C ASN A 58 4.48 4.00 8.81
N LYS A 59 5.32 4.91 9.27
CA LYS A 59 5.46 5.16 10.70
C LYS A 59 4.16 5.64 11.32
N ASP A 60 3.51 6.59 10.65
CA ASP A 60 2.25 7.13 11.14
C ASP A 60 1.22 7.20 10.00
N LEU A 61 1.48 8.09 9.04
CA LEU A 61 0.58 8.26 7.90
C LEU A 61 1.36 8.68 6.66
N ILE A 62 0.93 8.17 5.50
CA ILE A 62 1.58 8.50 4.24
C ILE A 62 0.96 9.74 3.60
N ASP A 63 1.77 10.76 3.38
CA ASP A 63 1.30 12.00 2.78
C ASP A 63 1.25 11.87 1.26
N LYS A 64 2.38 11.52 0.66
CA LYS A 64 2.47 11.37 -0.79
C LYS A 64 1.54 10.26 -1.27
N THR A 65 1.44 10.12 -2.59
CA THR A 65 0.58 9.09 -3.18
C THR A 65 1.39 7.87 -3.58
N LYS A 66 2.62 7.78 -3.06
CA LYS A 66 3.49 6.66 -3.36
C LYS A 66 4.27 6.23 -2.12
N PHE A 67 4.90 5.06 -2.20
CA PHE A 67 5.67 4.53 -1.08
C PHE A 67 6.57 3.38 -1.54
N THR A 68 7.80 3.37 -1.04
CA THR A 68 8.75 2.32 -1.39
C THR A 68 9.23 1.56 -0.16
N ILE A 69 8.98 0.26 -0.14
CA ILE A 69 9.38 -0.57 0.99
C ILE A 69 10.89 -0.77 1.02
N THR A 70 11.53 -0.24 2.04
CA THR A 70 12.98 -0.36 2.18
C THR A 70 13.35 -1.58 3.01
N GLY A 71 14.27 -2.39 2.49
CA GLY A 71 14.70 -3.59 3.19
C GLY A 71 13.99 -4.84 2.70
N LEU A 72 14.33 -5.28 1.50
CA LEU A 72 13.72 -6.47 0.92
C LEU A 72 14.77 -7.36 0.26
N PRO A 73 14.84 -8.62 0.69
CA PRO A 73 15.78 -9.59 0.14
C PRO A 73 15.44 -10.00 -1.29
N THR A 74 16.46 -10.00 -2.15
CA THR A 74 16.27 -10.37 -3.54
C THR A 74 15.64 -11.76 -3.68
N ASP A 75 14.82 -11.94 -4.69
CA ASP A 75 14.15 -13.22 -4.92
C ASP A 75 13.19 -13.55 -3.78
N ALA A 76 12.53 -12.52 -3.26
CA ALA A 76 11.58 -12.70 -2.16
C ALA A 76 10.19 -12.26 -2.58
N LYS A 77 9.18 -12.95 -2.04
CA LYS A 77 7.79 -12.64 -2.35
C LYS A 77 7.12 -11.91 -1.19
N ILE A 78 6.36 -10.86 -1.50
CA ILE A 78 5.67 -10.09 -0.48
C ILE A 78 4.33 -9.56 -1.01
N PHE A 79 3.38 -9.37 -0.10
CA PHE A 79 2.06 -8.87 -0.47
C PHE A 79 1.93 -7.39 -0.12
N VAL A 80 1.21 -6.64 -0.96
CA VAL A 80 1.01 -5.21 -0.75
C VAL A 80 -0.46 -4.90 -0.54
N ARG A 81 -0.74 -3.96 0.35
CA ARG A 81 -2.12 -3.56 0.64
C ARG A 81 -2.16 -2.13 1.16
N VAL A 82 -3.27 -1.43 0.87
CA VAL A 82 -3.45 -0.06 1.31
C VAL A 82 -4.89 0.21 1.74
N LYS A 83 -5.06 1.19 2.62
CA LYS A 83 -6.40 1.54 3.10
C LYS A 83 -6.48 3.03 3.43
N ALA A 84 -7.69 3.55 3.46
CA ALA A 84 -7.91 4.97 3.76
C ALA A 84 -8.30 5.16 5.23
N VAL A 85 -7.60 6.05 5.91
CA VAL A 85 -7.88 6.33 7.32
C VAL A 85 -8.31 7.78 7.52
N ASN A 86 -9.54 7.96 8.00
CA ASN A 86 -10.07 9.29 8.23
C ASN A 86 -10.85 9.34 9.55
N ALA A 87 -11.11 10.54 10.03
CA ALA A 87 -11.86 10.73 11.27
C ALA A 87 -12.97 9.70 11.40
N ALA A 88 -13.81 9.60 10.38
CA ALA A 88 -14.92 8.65 10.38
C ALA A 88 -14.49 7.32 10.98
N GLY A 89 -13.32 6.83 10.57
CA GLY A 89 -12.82 5.57 11.07
C GLY A 89 -11.78 4.95 10.15
N ALA A 90 -12.18 3.90 9.44
CA ALA A 90 -11.27 3.22 8.53
C ALA A 90 -12.02 2.55 7.39
N SER A 91 -11.36 2.38 6.25
CA SER A 91 -11.97 1.76 5.09
C SER A 91 -11.53 0.30 4.95
N GLU A 92 -12.22 -0.44 4.09
CA GLU A 92 -11.90 -1.84 3.87
C GLU A 92 -10.49 -1.99 3.29
N PRO A 93 -9.86 -3.14 3.56
CA PRO A 93 -8.51 -3.43 3.07
C PRO A 93 -8.46 -3.65 1.57
N LYS A 94 -7.33 -3.31 0.96
CA LYS A 94 -7.16 -3.46 -0.48
C LYS A 94 -5.96 -4.35 -0.79
N TYR A 95 -6.18 -5.37 -1.62
CA TYR A 95 -5.12 -6.30 -1.99
C TYR A 95 -5.02 -6.42 -3.50
N TYR A 96 -3.79 -6.42 -4.01
CA TYR A 96 -3.55 -6.53 -5.45
C TYR A 96 -3.89 -7.92 -5.96
N SER A 97 -3.80 -8.11 -7.26
CA SER A 97 -4.10 -9.41 -7.88
C SER A 97 -3.03 -10.43 -7.54
N GLN A 98 -1.83 -10.22 -8.09
CA GLN A 98 -0.72 -11.13 -7.86
C GLN A 98 0.31 -10.49 -6.93
N PRO A 99 1.10 -11.34 -6.24
CA PRO A 99 2.13 -10.88 -5.31
C PRO A 99 3.31 -10.23 -6.03
N ILE A 100 3.92 -9.24 -5.39
CA ILE A 100 5.06 -8.54 -5.97
C ILE A 100 6.37 -9.18 -5.54
N LEU A 101 7.21 -9.50 -6.53
CA LEU A 101 8.50 -10.12 -6.26
C LEU A 101 9.64 -9.10 -6.38
N VAL A 102 10.30 -8.83 -5.26
CA VAL A 102 11.41 -7.88 -5.25
C VAL A 102 12.52 -8.32 -6.20
N LYS A 103 12.44 -7.88 -7.44
CA LYS A 103 13.44 -8.22 -8.44
C LYS A 103 13.76 -7.01 -9.32
N GLU A 104 14.99 -6.98 -9.85
CA GLU A 104 15.42 -5.89 -10.70
C GLU A 104 15.11 -6.19 -12.17
N SER A 105 14.96 -5.14 -12.97
CA SER A 105 14.67 -5.29 -14.38
C SER A 105 15.85 -4.85 -15.24
N GLY A 106 16.67 -5.81 -15.65
CA GLY A 106 17.83 -5.51 -16.47
C GLY A 106 17.85 -6.28 -17.76
N PRO A 107 17.15 -5.76 -18.78
CA PRO A 107 17.07 -6.40 -20.10
C PRO A 107 18.39 -6.34 -20.85
N SER A 108 18.84 -7.49 -21.35
CA SER A 108 20.09 -7.58 -22.09
C SER A 108 19.84 -8.03 -23.53
N SER A 109 20.80 -7.74 -24.40
CA SER A 109 20.70 -8.11 -25.80
C SER A 109 20.13 -9.52 -25.96
N GLY A 110 19.47 -9.77 -27.08
CA GLY A 110 18.89 -11.07 -27.33
C GLY A 110 18.78 -11.40 -28.80
N GLY A 1 -15.76 -4.72 6.82
CA GLY A 1 -16.12 -4.49 8.21
C GLY A 1 -17.61 -4.58 8.44
N SER A 2 -18.05 -4.14 9.61
CA SER A 2 -19.47 -4.18 9.97
C SER A 2 -20.04 -2.76 10.10
N SER A 3 -19.35 -1.94 10.88
CA SER A 3 -19.78 -0.56 11.10
C SER A 3 -19.15 0.38 10.07
N GLY A 4 -19.89 0.66 9.00
CA GLY A 4 -19.37 1.53 7.96
C GLY A 4 -19.60 3.00 8.28
N SER A 5 -18.59 3.64 8.85
CA SER A 5 -18.68 5.06 9.21
C SER A 5 -17.92 5.91 8.22
N SER A 6 -16.72 5.48 7.85
CA SER A 6 -15.89 6.22 6.91
C SER A 6 -16.65 6.51 5.62
N GLY A 7 -17.15 7.73 5.50
CA GLY A 7 -17.90 8.11 4.32
C GLY A 7 -17.00 8.39 3.13
N THR A 8 -15.72 8.03 3.26
CA THR A 8 -14.75 8.26 2.19
C THR A 8 -14.47 6.96 1.43
N SER A 9 -14.16 7.09 0.15
CA SER A 9 -13.87 5.94 -0.69
C SER A 9 -12.41 5.54 -0.58
N PRO A 10 -12.14 4.22 -0.73
CA PRO A 10 -10.79 3.68 -0.64
C PRO A 10 -9.92 4.09 -1.83
N PRO A 11 -8.61 3.84 -1.72
CA PRO A 11 -7.65 4.18 -2.78
C PRO A 11 -7.80 3.29 -4.01
N THR A 12 -8.07 3.91 -5.15
CA THR A 12 -8.25 3.18 -6.40
C THR A 12 -6.99 3.24 -7.25
N LEU A 13 -6.99 2.49 -8.35
CA LEU A 13 -5.84 2.46 -9.26
C LEU A 13 -4.57 2.07 -8.51
N LEU A 14 -4.64 0.94 -7.80
CA LEU A 14 -3.48 0.46 -7.04
C LEU A 14 -2.61 -0.44 -7.92
N THR A 15 -1.38 0.02 -8.17
CA THR A 15 -0.44 -0.74 -8.99
C THR A 15 1.00 -0.38 -8.66
N VAL A 16 1.90 -1.35 -8.76
CA VAL A 16 3.31 -1.13 -8.46
C VAL A 16 3.95 -0.22 -9.52
N ASP A 17 4.36 0.97 -9.09
CA ASP A 17 4.99 1.93 -9.98
C ASP A 17 6.32 1.39 -10.50
N SER A 18 7.16 0.93 -9.58
CA SER A 18 8.48 0.40 -9.95
C SER A 18 8.86 -0.76 -9.03
N VAL A 19 9.89 -1.51 -9.44
CA VAL A 19 10.35 -2.65 -8.66
C VAL A 19 11.85 -2.84 -8.82
N THR A 20 12.57 -2.85 -7.70
CA THR A 20 14.01 -3.02 -7.71
C THR A 20 14.44 -4.08 -6.70
N ASP A 21 15.32 -4.99 -7.15
CA ASP A 21 15.81 -6.05 -6.28
C ASP A 21 16.09 -5.52 -4.88
N THR A 22 16.37 -4.23 -4.78
CA THR A 22 16.66 -3.60 -3.50
C THR A 22 15.37 -3.15 -2.81
N THR A 23 14.61 -2.30 -3.47
CA THR A 23 13.36 -1.80 -2.92
C THR A 23 12.26 -1.79 -3.98
N VAL A 24 11.02 -1.56 -3.53
CA VAL A 24 9.88 -1.53 -4.44
C VAL A 24 9.12 -0.20 -4.32
N THR A 25 8.56 0.24 -5.43
CA THR A 25 7.81 1.49 -5.45
C THR A 25 6.32 1.25 -5.70
N MET A 26 5.49 1.73 -4.79
CA MET A 26 4.05 1.56 -4.92
C MET A 26 3.36 2.90 -5.18
N ARG A 27 2.20 2.84 -5.83
CA ARG A 27 1.45 4.05 -6.15
C ARG A 27 -0.06 3.77 -6.13
N TRP A 28 -0.83 4.78 -5.74
CA TRP A 28 -2.27 4.65 -5.67
C TRP A 28 -2.96 5.98 -5.98
N ARG A 29 -4.28 5.93 -6.15
CA ARG A 29 -5.05 7.14 -6.45
C ARG A 29 -6.03 7.45 -5.33
N PRO A 30 -6.17 8.74 -5.01
CA PRO A 30 -7.07 9.21 -3.94
C PRO A 30 -8.54 9.04 -4.32
N PRO A 31 -9.43 9.24 -3.34
CA PRO A 31 -10.87 9.11 -3.54
C PRO A 31 -11.44 10.24 -4.40
N ASP A 32 -12.52 9.95 -5.11
CA ASP A 32 -13.16 10.94 -5.98
C ASP A 32 -13.66 12.13 -5.16
N HIS A 33 -14.23 11.84 -3.99
CA HIS A 33 -14.74 12.90 -3.13
C HIS A 33 -14.24 12.72 -1.69
N ILE A 34 -14.44 13.74 -0.86
CA ILE A 34 -14.01 13.70 0.52
C ILE A 34 -15.09 14.22 1.45
N GLY A 35 -15.19 13.63 2.64
CA GLY A 35 -16.18 14.04 3.60
C GLY A 35 -15.86 13.58 5.01
N ALA A 36 -15.75 12.26 5.18
CA ALA A 36 -15.44 11.70 6.49
C ALA A 36 -14.28 12.44 7.16
N ALA A 37 -14.63 13.42 7.98
CA ALA A 37 -13.62 14.21 8.68
C ALA A 37 -12.38 14.42 7.82
N GLY A 38 -12.60 14.56 6.51
CA GLY A 38 -11.49 14.77 5.60
C GLY A 38 -10.50 13.61 5.63
N LEU A 39 -9.80 13.41 4.50
CA LEU A 39 -8.83 12.34 4.41
C LEU A 39 -7.50 12.74 5.06
N ASP A 40 -6.96 11.86 5.88
CA ASP A 40 -5.70 12.12 6.56
C ASP A 40 -4.64 11.10 6.15
N GLY A 41 -3.82 11.46 5.18
CA GLY A 41 -2.77 10.57 4.71
C GLY A 41 -3.29 9.17 4.43
N TYR A 42 -2.38 8.21 4.36
CA TYR A 42 -2.75 6.82 4.09
C TYR A 42 -1.88 5.86 4.89
N VAL A 43 -2.19 4.58 4.79
CA VAL A 43 -1.43 3.55 5.50
C VAL A 43 -1.14 2.36 4.60
N LEU A 44 0.13 1.99 4.50
CA LEU A 44 0.54 0.86 3.67
C LEU A 44 1.29 -0.17 4.50
N GLU A 45 1.08 -1.44 4.18
CA GLU A 45 1.75 -2.54 4.88
C GLU A 45 2.13 -3.65 3.92
N TYR A 46 2.92 -4.61 4.42
CA TYR A 46 3.36 -5.73 3.61
C TYR A 46 3.51 -6.99 4.46
N CYS A 47 2.95 -8.09 3.98
CA CYS A 47 3.02 -9.36 4.70
C CYS A 47 4.05 -10.30 4.05
N PHE A 48 5.15 -10.53 4.76
CA PHE A 48 6.20 -11.40 4.25
C PHE A 48 5.80 -12.87 4.34
N GLU A 49 6.06 -13.63 3.29
CA GLU A 49 5.72 -15.04 3.24
C GLU A 49 6.43 -15.80 4.37
N GLY A 50 5.64 -16.43 5.24
CA GLY A 50 6.22 -17.18 6.34
C GLY A 50 6.18 -16.41 7.65
N THR A 51 5.13 -15.61 7.83
CA THR A 51 4.97 -14.81 9.04
C THR A 51 3.61 -15.05 9.68
N GLU A 52 3.42 -14.48 10.87
CA GLU A 52 2.15 -14.63 11.58
C GLU A 52 1.23 -13.44 11.32
N ASP A 53 1.82 -12.25 11.24
CA ASP A 53 1.06 -11.04 10.99
C ASP A 53 1.80 -10.11 10.04
N TRP A 54 1.06 -9.27 9.33
CA TRP A 54 1.64 -8.34 8.38
C TRP A 54 2.76 -7.53 9.03
N ILE A 55 3.40 -6.67 8.25
CA ILE A 55 4.48 -5.83 8.74
C ILE A 55 4.28 -4.37 8.35
N VAL A 56 4.17 -3.51 9.36
CA VAL A 56 3.98 -2.09 9.11
C VAL A 56 5.20 -1.47 8.44
N ALA A 57 5.01 -0.92 7.25
CA ALA A 57 6.09 -0.30 6.50
C ALA A 57 6.25 1.17 6.89
N ASN A 58 5.15 1.92 6.79
CA ASN A 58 5.17 3.34 7.13
C ASN A 58 5.18 3.55 8.63
N LYS A 59 5.64 4.71 9.06
CA LYS A 59 5.70 5.04 10.48
C LYS A 59 4.32 5.39 11.02
N ASP A 60 3.82 6.56 10.67
CA ASP A 60 2.51 7.01 11.11
C ASP A 60 1.52 7.04 9.95
N LEU A 61 1.76 7.93 9.00
CA LEU A 61 0.89 8.06 7.83
C LEU A 61 1.68 8.54 6.62
N ILE A 62 1.22 8.14 5.43
CA ILE A 62 1.88 8.52 4.19
C ILE A 62 1.18 9.72 3.55
N ASP A 63 1.84 10.87 3.60
CA ASP A 63 1.29 12.10 3.02
C ASP A 63 1.07 11.93 1.51
N LYS A 64 2.12 11.49 0.81
CA LYS A 64 2.03 11.30 -0.63
C LYS A 64 1.24 10.04 -0.96
N THR A 65 0.91 9.88 -2.24
CA THR A 65 0.14 8.72 -2.68
C THR A 65 1.07 7.59 -3.12
N LYS A 66 2.35 7.74 -2.83
CA LYS A 66 3.34 6.73 -3.18
C LYS A 66 4.14 6.29 -1.95
N PHE A 67 4.70 5.09 -2.01
CA PHE A 67 5.49 4.55 -0.90
C PHE A 67 6.56 3.60 -1.42
N THR A 68 7.61 3.42 -0.61
CA THR A 68 8.71 2.54 -0.99
C THR A 68 9.15 1.69 0.20
N ILE A 69 9.03 0.38 0.06
CA ILE A 69 9.41 -0.54 1.13
C ILE A 69 10.93 -0.75 1.15
N THR A 70 11.56 -0.36 2.25
CA THR A 70 13.01 -0.51 2.40
C THR A 70 13.35 -1.81 3.11
N GLY A 71 14.32 -2.55 2.55
CA GLY A 71 14.73 -3.80 3.15
C GLY A 71 13.93 -4.98 2.64
N LEU A 72 14.24 -5.41 1.42
CA LEU A 72 13.55 -6.54 0.82
C LEU A 72 14.53 -7.46 0.10
N PRO A 73 14.51 -8.75 0.48
CA PRO A 73 15.39 -9.77 -0.11
C PRO A 73 15.02 -10.08 -1.56
N THR A 74 16.01 -9.99 -2.45
CA THR A 74 15.78 -10.27 -3.87
C THR A 74 15.14 -11.64 -4.06
N ASP A 75 14.25 -11.74 -5.04
CA ASP A 75 13.56 -12.99 -5.33
C ASP A 75 12.60 -13.36 -4.20
N ALA A 76 12.04 -12.34 -3.56
CA ALA A 76 11.10 -12.57 -2.46
C ALA A 76 9.71 -12.06 -2.82
N LYS A 77 8.69 -12.85 -2.48
CA LYS A 77 7.31 -12.48 -2.76
C LYS A 77 6.62 -11.94 -1.52
N ILE A 78 5.96 -10.79 -1.66
CA ILE A 78 5.26 -10.18 -0.55
C ILE A 78 3.91 -9.62 -0.99
N PHE A 79 2.98 -9.53 -0.05
CA PHE A 79 1.65 -9.01 -0.34
C PHE A 79 1.50 -7.58 0.14
N VAL A 80 1.10 -6.69 -0.77
CA VAL A 80 0.94 -5.28 -0.45
C VAL A 80 -0.53 -4.87 -0.54
N ARG A 81 -0.95 -3.98 0.37
CA ARG A 81 -2.33 -3.52 0.38
C ARG A 81 -2.43 -2.15 1.07
N VAL A 82 -3.37 -1.33 0.61
CA VAL A 82 -3.56 0.00 1.16
C VAL A 82 -5.03 0.25 1.46
N LYS A 83 -5.30 1.29 2.25
CA LYS A 83 -6.67 1.65 2.61
C LYS A 83 -6.75 3.11 3.06
N ALA A 84 -7.97 3.60 3.22
CA ALA A 84 -8.18 4.98 3.65
C ALA A 84 -8.36 5.06 5.16
N VAL A 85 -7.83 6.14 5.75
CA VAL A 85 -7.93 6.34 7.19
C VAL A 85 -8.23 7.80 7.53
N ASN A 86 -9.31 8.02 8.25
CA ASN A 86 -9.71 9.36 8.64
C ASN A 86 -10.31 9.38 10.04
N ALA A 87 -10.50 10.57 10.59
CA ALA A 87 -11.07 10.72 11.93
C ALA A 87 -12.40 9.99 12.05
N ALA A 88 -13.03 9.73 10.91
CA ALA A 88 -14.31 9.02 10.88
C ALA A 88 -14.11 7.53 11.07
N GLY A 89 -13.31 6.92 10.21
CA GLY A 89 -13.06 5.50 10.30
C GLY A 89 -12.11 5.00 9.22
N ALA A 90 -12.01 3.68 9.08
CA ALA A 90 -11.13 3.08 8.08
C ALA A 90 -11.94 2.36 7.02
N SER A 91 -11.30 2.08 5.88
CA SER A 91 -11.95 1.40 4.78
C SER A 91 -11.35 0.01 4.56
N GLU A 92 -12.14 -0.89 3.99
CA GLU A 92 -11.69 -2.25 3.73
C GLU A 92 -10.32 -2.25 3.04
N PRO A 93 -9.49 -3.23 3.39
CA PRO A 93 -8.14 -3.36 2.82
C PRO A 93 -8.17 -3.79 1.36
N LYS A 94 -7.30 -3.20 0.55
CA LYS A 94 -7.23 -3.51 -0.87
C LYS A 94 -6.10 -4.50 -1.15
N TYR A 95 -6.46 -5.77 -1.29
CA TYR A 95 -5.48 -6.82 -1.57
C TYR A 95 -5.11 -6.85 -3.04
N TYR A 96 -3.82 -6.74 -3.33
CA TYR A 96 -3.35 -6.76 -4.71
C TYR A 96 -3.56 -8.13 -5.34
N SER A 97 -4.20 -8.15 -6.50
CA SER A 97 -4.47 -9.40 -7.21
C SER A 97 -3.32 -10.38 -7.03
N GLN A 98 -2.20 -10.11 -7.71
CA GLN A 98 -1.03 -10.96 -7.62
C GLN A 98 0.03 -10.36 -6.70
N PRO A 99 0.83 -11.23 -6.08
CA PRO A 99 1.91 -10.80 -5.17
C PRO A 99 3.05 -10.10 -5.89
N ILE A 100 3.72 -9.20 -5.19
CA ILE A 100 4.84 -8.45 -5.78
C ILE A 100 6.16 -9.17 -5.53
N LEU A 101 6.96 -9.29 -6.59
CA LEU A 101 8.25 -9.96 -6.49
C LEU A 101 9.39 -8.96 -6.60
N VAL A 102 9.99 -8.61 -5.46
CA VAL A 102 11.09 -7.67 -5.43
C VAL A 102 12.24 -8.13 -6.31
N LYS A 103 12.17 -7.81 -7.59
CA LYS A 103 13.21 -8.19 -8.54
C LYS A 103 13.52 -7.05 -9.50
N GLU A 104 14.81 -6.84 -9.77
CA GLU A 104 15.24 -5.78 -10.67
C GLU A 104 15.05 -6.19 -12.12
N SER A 105 15.03 -5.19 -13.01
CA SER A 105 14.85 -5.45 -14.43
C SER A 105 15.62 -6.69 -14.86
N GLY A 106 16.91 -6.73 -14.52
CA GLY A 106 17.74 -7.87 -14.87
C GLY A 106 19.02 -7.45 -15.57
N PRO A 107 19.60 -8.38 -16.36
CA PRO A 107 20.84 -8.13 -17.09
C PRO A 107 20.64 -7.15 -18.24
N SER A 108 19.42 -6.62 -18.36
CA SER A 108 19.10 -5.68 -19.43
C SER A 108 20.27 -4.73 -19.68
N SER A 109 20.74 -4.72 -20.93
CA SER A 109 21.87 -3.87 -21.30
C SER A 109 21.38 -2.62 -22.02
N GLY A 110 21.85 -1.45 -21.57
CA GLY A 110 21.45 -0.20 -22.20
C GLY A 110 22.61 0.76 -22.36
N GLY A 1 -10.10 -1.44 19.13
CA GLY A 1 -9.99 -1.92 17.76
C GLY A 1 -10.54 -0.94 16.75
N SER A 2 -11.66 -1.30 16.14
CA SER A 2 -12.29 -0.44 15.14
C SER A 2 -13.78 -0.27 15.43
N SER A 3 -14.43 0.59 14.64
CA SER A 3 -15.86 0.85 14.82
C SER A 3 -16.65 0.37 13.60
N GLY A 4 -16.14 0.68 12.41
CA GLY A 4 -16.81 0.26 11.19
C GLY A 4 -16.46 1.15 10.01
N SER A 5 -17.47 1.58 9.27
CA SER A 5 -17.26 2.42 8.10
C SER A 5 -16.62 3.75 8.51
N SER A 6 -16.07 4.47 7.53
CA SER A 6 -15.43 5.74 7.77
C SER A 6 -16.20 6.89 7.12
N GLY A 7 -16.83 6.58 5.98
CA GLY A 7 -17.59 7.59 5.26
C GLY A 7 -17.01 7.90 3.90
N THR A 8 -15.72 7.67 3.75
CA THR A 8 -15.04 7.93 2.48
C THR A 8 -14.74 6.62 1.73
N SER A 9 -14.42 6.76 0.45
CA SER A 9 -14.12 5.58 -0.37
C SER A 9 -12.64 5.20 -0.24
N PRO A 10 -12.36 3.90 -0.41
CA PRO A 10 -10.99 3.38 -0.31
C PRO A 10 -10.13 3.80 -1.49
N PRO A 11 -8.81 3.60 -1.36
CA PRO A 11 -7.85 3.95 -2.41
C PRO A 11 -7.97 3.06 -3.64
N THR A 12 -8.10 3.68 -4.81
CA THR A 12 -8.22 2.94 -6.06
C THR A 12 -6.98 3.11 -6.92
N LEU A 13 -7.02 2.55 -8.13
CA LEU A 13 -5.91 2.65 -9.06
C LEU A 13 -4.62 2.16 -8.41
N LEU A 14 -4.71 1.08 -7.65
CA LEU A 14 -3.55 0.52 -6.96
C LEU A 14 -2.74 -0.36 -7.91
N THR A 15 -1.53 0.10 -8.24
CA THR A 15 -0.65 -0.65 -9.14
C THR A 15 0.81 -0.37 -8.82
N VAL A 16 1.66 -1.35 -9.12
CA VAL A 16 3.09 -1.22 -8.86
C VAL A 16 3.75 -0.29 -9.88
N ASP A 17 4.34 0.80 -9.38
CA ASP A 17 5.00 1.76 -10.25
C ASP A 17 6.37 1.25 -10.69
N SER A 18 7.17 0.80 -9.73
CA SER A 18 8.50 0.29 -10.01
C SER A 18 8.89 -0.81 -9.02
N VAL A 19 9.90 -1.59 -9.38
CA VAL A 19 10.37 -2.67 -8.52
C VAL A 19 11.88 -2.83 -8.62
N THR A 20 12.56 -2.73 -7.48
CA THR A 20 14.02 -2.86 -7.44
C THR A 20 14.43 -4.01 -6.54
N ASP A 21 15.51 -4.70 -6.92
CA ASP A 21 16.01 -5.82 -6.14
C ASP A 21 16.29 -5.41 -4.70
N THR A 22 16.39 -4.10 -4.47
CA THR A 22 16.65 -3.57 -3.14
C THR A 22 15.36 -3.15 -2.46
N THR A 23 14.55 -2.37 -3.16
CA THR A 23 13.28 -1.89 -2.62
C THR A 23 12.21 -1.84 -3.69
N VAL A 24 10.96 -1.68 -3.27
CA VAL A 24 9.83 -1.62 -4.19
C VAL A 24 9.14 -0.27 -4.12
N THR A 25 8.36 0.04 -5.15
CA THR A 25 7.63 1.31 -5.20
C THR A 25 6.17 1.09 -5.59
N MET A 26 5.27 1.41 -4.68
CA MET A 26 3.84 1.25 -4.93
C MET A 26 3.16 2.61 -5.03
N ARG A 27 2.48 2.85 -6.16
CA ARG A 27 1.78 4.11 -6.38
C ARG A 27 0.26 3.90 -6.32
N TRP A 28 -0.45 4.96 -5.98
CA TRP A 28 -1.91 4.90 -5.89
C TRP A 28 -2.51 6.30 -5.96
N ARG A 29 -3.84 6.36 -6.08
CA ARG A 29 -4.55 7.64 -6.16
C ARG A 29 -5.63 7.72 -5.10
N PRO A 30 -6.01 8.97 -4.75
CA PRO A 30 -7.05 9.22 -3.74
C PRO A 30 -8.44 8.82 -4.22
N PRO A 31 -9.39 8.73 -3.28
CA PRO A 31 -10.78 8.35 -3.59
C PRO A 31 -11.51 9.43 -4.36
N ASP A 32 -12.34 9.01 -5.32
CA ASP A 32 -13.11 9.95 -6.12
C ASP A 32 -13.58 11.14 -5.29
N HIS A 33 -14.13 10.85 -4.11
CA HIS A 33 -14.63 11.89 -3.22
C HIS A 33 -14.05 11.72 -1.82
N ILE A 34 -14.16 12.77 -1.02
CA ILE A 34 -13.65 12.73 0.36
C ILE A 34 -14.78 12.91 1.36
N GLY A 35 -14.80 12.05 2.37
CA GLY A 35 -15.83 12.13 3.39
C GLY A 35 -15.84 13.48 4.09
N ALA A 36 -17.04 13.99 4.38
CA ALA A 36 -17.17 15.28 5.05
C ALA A 36 -16.12 15.44 6.15
N ALA A 37 -15.80 14.34 6.81
CA ALA A 37 -14.80 14.36 7.89
C ALA A 37 -13.44 14.77 7.35
N GLY A 38 -13.05 14.19 6.21
CA GLY A 38 -11.76 14.51 5.62
C GLY A 38 -10.77 13.36 5.71
N LEU A 39 -10.11 13.06 4.59
CA LEU A 39 -9.14 11.98 4.55
C LEU A 39 -7.77 12.45 5.02
N ASP A 40 -7.21 11.74 5.99
CA ASP A 40 -5.89 12.09 6.52
C ASP A 40 -4.86 11.04 6.12
N GLY A 41 -4.12 11.33 5.04
CA GLY A 41 -3.11 10.40 4.57
C GLY A 41 -3.66 9.01 4.34
N TYR A 42 -2.77 8.02 4.30
CA TYR A 42 -3.17 6.64 4.07
C TYR A 42 -2.30 5.68 4.86
N VAL A 43 -2.54 4.38 4.70
CA VAL A 43 -1.77 3.36 5.39
C VAL A 43 -1.38 2.23 4.45
N LEU A 44 -0.09 1.92 4.40
CA LEU A 44 0.41 0.86 3.54
C LEU A 44 1.17 -0.19 4.35
N GLU A 45 0.87 -1.46 4.11
CA GLU A 45 1.52 -2.55 4.81
C GLU A 45 1.80 -3.72 3.87
N TYR A 46 2.74 -4.58 4.26
CA TYR A 46 3.11 -5.73 3.45
C TYR A 46 3.33 -6.96 4.33
N CYS A 47 2.78 -8.09 3.89
CA CYS A 47 2.91 -9.34 4.63
C CYS A 47 3.97 -10.23 4.00
N PHE A 48 5.04 -10.50 4.75
CA PHE A 48 6.13 -11.33 4.26
C PHE A 48 5.68 -12.79 4.16
N GLU A 49 6.06 -13.44 3.06
CA GLU A 49 5.69 -14.84 2.84
C GLU A 49 6.30 -15.73 3.92
N GLY A 50 7.43 -15.30 4.47
CA GLY A 50 8.09 -16.07 5.51
C GLY A 50 7.31 -16.10 6.80
N THR A 51 6.32 -15.22 6.90
CA THR A 51 5.49 -15.14 8.09
C THR A 51 4.00 -15.19 7.74
N GLU A 52 3.15 -15.06 8.76
CA GLU A 52 1.71 -15.09 8.55
C GLU A 52 1.05 -13.88 9.20
N ASP A 53 1.76 -12.77 9.25
CA ASP A 53 1.24 -11.55 9.84
C ASP A 53 1.57 -10.33 8.98
N TRP A 54 0.74 -9.30 9.07
CA TRP A 54 0.95 -8.08 8.30
C TRP A 54 1.93 -7.15 9.00
N ILE A 55 3.04 -6.85 8.34
CA ILE A 55 4.06 -5.98 8.91
C ILE A 55 3.84 -4.53 8.46
N VAL A 56 3.93 -3.61 9.41
CA VAL A 56 3.75 -2.19 9.12
C VAL A 56 4.96 -1.62 8.39
N ALA A 57 4.71 -1.04 7.22
CA ALA A 57 5.77 -0.45 6.41
C ALA A 57 5.94 1.04 6.74
N ASN A 58 4.83 1.73 6.90
CA ASN A 58 4.85 3.15 7.21
C ASN A 58 4.56 3.40 8.69
N LYS A 59 5.49 4.06 9.36
CA LYS A 59 5.33 4.37 10.79
C LYS A 59 4.02 5.11 11.04
N ASP A 60 3.82 6.21 10.32
CA ASP A 60 2.61 7.01 10.47
C ASP A 60 1.97 7.26 9.11
N LEU A 61 0.72 7.73 9.13
CA LEU A 61 -0.01 8.00 7.90
C LEU A 61 0.92 8.54 6.83
N ILE A 62 0.76 8.03 5.60
CA ILE A 62 1.59 8.45 4.49
C ILE A 62 1.00 9.69 3.81
N ASP A 63 1.63 10.83 4.05
CA ASP A 63 1.17 12.09 3.46
C ASP A 63 1.13 11.99 1.94
N LYS A 64 2.26 11.60 1.34
CA LYS A 64 2.35 11.47 -0.11
C LYS A 64 1.45 10.34 -0.61
N THR A 65 1.44 10.14 -1.93
CA THR A 65 0.62 9.09 -2.53
C THR A 65 1.49 7.95 -3.06
N LYS A 66 2.71 7.86 -2.55
CA LYS A 66 3.64 6.80 -2.97
C LYS A 66 4.53 6.38 -1.81
N PHE A 67 4.79 5.09 -1.71
CA PHE A 67 5.63 4.55 -0.65
C PHE A 67 6.62 3.53 -1.20
N THR A 68 7.74 3.35 -0.51
CA THR A 68 8.76 2.41 -0.94
C THR A 68 9.33 1.64 0.25
N ILE A 69 9.10 0.34 0.28
CA ILE A 69 9.59 -0.50 1.36
C ILE A 69 11.11 -0.69 1.27
N THR A 70 11.83 -0.05 2.18
CA THR A 70 13.29 -0.14 2.20
C THR A 70 13.74 -1.39 2.96
N GLY A 71 14.75 -2.06 2.41
CA GLY A 71 15.27 -3.26 3.05
C GLY A 71 14.46 -4.50 2.69
N LEU A 72 14.60 -4.95 1.45
CA LEU A 72 13.88 -6.12 0.98
C LEU A 72 14.83 -7.12 0.33
N PRO A 73 14.72 -8.39 0.73
CA PRO A 73 15.56 -9.46 0.20
C PRO A 73 15.24 -9.80 -1.25
N THR A 74 16.28 -9.92 -2.07
CA THR A 74 16.09 -10.24 -3.49
C THR A 74 15.40 -11.58 -3.67
N ASP A 75 14.65 -11.71 -4.74
CA ASP A 75 13.93 -12.96 -5.04
C ASP A 75 12.98 -13.31 -3.90
N ALA A 76 12.35 -12.29 -3.32
CA ALA A 76 11.42 -12.49 -2.22
C ALA A 76 10.01 -12.07 -2.63
N LYS A 77 9.02 -12.86 -2.24
CA LYS A 77 7.63 -12.56 -2.56
C LYS A 77 6.92 -11.92 -1.37
N ILE A 78 6.25 -10.80 -1.62
CA ILE A 78 5.53 -10.09 -0.57
C ILE A 78 4.21 -9.53 -1.09
N PHE A 79 3.30 -9.22 -0.17
CA PHE A 79 2.00 -8.68 -0.53
C PHE A 79 1.97 -7.16 -0.34
N VAL A 80 0.85 -6.55 -0.73
CA VAL A 80 0.70 -5.10 -0.60
C VAL A 80 -0.78 -4.71 -0.51
N ARG A 81 -1.15 -4.14 0.63
CA ARG A 81 -2.54 -3.72 0.85
C ARG A 81 -2.60 -2.28 1.33
N VAL A 82 -3.31 -1.44 0.58
CA VAL A 82 -3.44 -0.03 0.94
C VAL A 82 -4.89 0.31 1.28
N LYS A 83 -5.09 0.96 2.43
CA LYS A 83 -6.41 1.33 2.88
C LYS A 83 -6.53 2.85 3.02
N ALA A 84 -7.74 3.33 3.31
CA ALA A 84 -7.97 4.76 3.48
C ALA A 84 -8.18 5.11 4.95
N VAL A 85 -7.44 6.11 5.42
CA VAL A 85 -7.55 6.55 6.81
C VAL A 85 -8.07 7.98 6.90
N ASN A 86 -9.11 8.16 7.70
CA ASN A 86 -9.72 9.49 7.86
C ASN A 86 -9.99 9.76 9.34
N ALA A 87 -10.37 11.01 9.65
CA ALA A 87 -10.67 11.40 11.01
C ALA A 87 -11.71 10.48 11.63
N ALA A 88 -12.72 10.11 10.85
CA ALA A 88 -13.77 9.23 11.32
C ALA A 88 -13.23 7.85 11.68
N GLY A 89 -12.44 7.28 10.77
CA GLY A 89 -11.87 5.96 11.02
C GLY A 89 -10.99 5.49 9.88
N ALA A 90 -11.32 4.34 9.31
CA ALA A 90 -10.56 3.78 8.20
C ALA A 90 -11.42 2.84 7.37
N SER A 91 -11.07 2.69 6.09
CA SER A 91 -11.81 1.82 5.19
C SER A 91 -11.04 0.53 4.94
N GLU A 92 -11.71 -0.43 4.30
CA GLU A 92 -11.09 -1.71 3.99
C GLU A 92 -9.89 -1.54 3.05
N PRO A 93 -8.85 -2.34 3.28
CA PRO A 93 -7.63 -2.29 2.46
C PRO A 93 -7.86 -2.82 1.05
N LYS A 94 -7.03 -2.37 0.11
CA LYS A 94 -7.14 -2.80 -1.27
C LYS A 94 -6.34 -4.07 -1.52
N TYR A 95 -7.04 -5.15 -1.86
CA TYR A 95 -6.39 -6.43 -2.11
C TYR A 95 -6.03 -6.57 -3.59
N TYR A 96 -4.74 -6.43 -3.90
CA TYR A 96 -4.26 -6.55 -5.27
C TYR A 96 -4.56 -7.93 -5.84
N SER A 97 -4.38 -8.08 -7.15
CA SER A 97 -4.62 -9.35 -7.81
C SER A 97 -3.63 -10.42 -7.36
N GLN A 98 -2.39 -10.29 -7.81
CA GLN A 98 -1.35 -11.24 -7.44
C GLN A 98 -0.26 -10.56 -6.61
N PRO A 99 0.53 -11.38 -5.89
CA PRO A 99 1.61 -10.88 -5.05
C PRO A 99 2.76 -10.30 -5.86
N ILE A 100 3.40 -9.26 -5.32
CA ILE A 100 4.51 -8.61 -6.00
C ILE A 100 5.83 -9.31 -5.66
N LEU A 101 6.75 -9.32 -6.61
CA LEU A 101 8.06 -9.95 -6.42
C LEU A 101 9.18 -8.93 -6.56
N VAL A 102 9.90 -8.70 -5.47
CA VAL A 102 11.01 -7.75 -5.47
C VAL A 102 12.11 -8.19 -6.44
N LYS A 103 11.93 -7.87 -7.72
CA LYS A 103 12.91 -8.24 -8.73
C LYS A 103 13.07 -7.11 -9.75
N GLU A 104 14.32 -6.75 -10.05
CA GLU A 104 14.60 -5.70 -11.01
C GLU A 104 14.13 -6.09 -12.41
N SER A 105 13.93 -5.08 -13.25
CA SER A 105 13.47 -5.31 -14.61
C SER A 105 14.43 -4.67 -15.62
N GLY A 106 15.19 -5.52 -16.33
CA GLY A 106 16.12 -5.02 -17.32
C GLY A 106 16.31 -5.98 -18.47
N PRO A 107 15.28 -6.11 -19.32
CA PRO A 107 15.31 -6.99 -20.49
C PRO A 107 16.26 -6.49 -21.56
N SER A 108 16.80 -5.29 -21.38
CA SER A 108 17.73 -4.71 -22.33
C SER A 108 19.16 -4.81 -21.84
N SER A 109 20.01 -5.43 -22.65
CA SER A 109 21.42 -5.60 -22.29
C SER A 109 22.21 -4.31 -22.54
N GLY A 110 22.48 -3.57 -21.46
CA GLY A 110 23.22 -2.33 -21.58
C GLY A 110 24.38 -2.26 -20.60
N GLY A 1 -24.17 3.26 19.72
CA GLY A 1 -23.82 2.86 18.36
C GLY A 1 -22.34 3.05 18.08
N SER A 2 -21.96 2.90 16.81
CA SER A 2 -20.56 3.05 16.42
C SER A 2 -19.97 4.35 16.95
N SER A 3 -18.67 4.33 17.24
CA SER A 3 -17.99 5.51 17.76
C SER A 3 -17.62 6.48 16.64
N GLY A 4 -17.19 5.92 15.52
CA GLY A 4 -16.81 6.75 14.38
C GLY A 4 -16.13 5.96 13.29
N SER A 5 -16.80 5.83 12.14
CA SER A 5 -16.24 5.09 11.01
C SER A 5 -16.23 5.95 9.75
N SER A 6 -15.04 6.18 9.22
CA SER A 6 -14.89 6.99 8.01
C SER A 6 -15.84 6.52 6.92
N GLY A 7 -16.32 7.46 6.11
CA GLY A 7 -17.25 7.12 5.04
C GLY A 7 -16.67 7.43 3.67
N THR A 8 -15.35 7.50 3.58
CA THR A 8 -14.69 7.79 2.32
C THR A 8 -14.41 6.52 1.53
N SER A 9 -14.17 6.67 0.23
CA SER A 9 -13.91 5.53 -0.64
C SER A 9 -12.46 5.06 -0.49
N PRO A 10 -12.26 3.74 -0.56
CA PRO A 10 -10.93 3.13 -0.44
C PRO A 10 -10.04 3.44 -1.63
N PRO A 11 -8.75 3.11 -1.51
CA PRO A 11 -7.77 3.34 -2.59
C PRO A 11 -7.99 2.43 -3.79
N THR A 12 -8.35 3.02 -4.92
CA THR A 12 -8.60 2.26 -6.14
C THR A 12 -7.42 2.38 -7.11
N LEU A 13 -7.48 1.63 -8.19
CA LEU A 13 -6.42 1.66 -9.20
C LEU A 13 -5.06 1.39 -8.56
N LEU A 14 -4.96 0.30 -7.82
CA LEU A 14 -3.71 -0.07 -7.17
C LEU A 14 -2.77 -0.77 -8.15
N THR A 15 -1.70 -0.07 -8.51
CA THR A 15 -0.71 -0.61 -9.44
C THR A 15 0.71 -0.34 -8.95
N VAL A 16 1.65 -1.15 -9.42
CA VAL A 16 3.05 -1.00 -9.03
C VAL A 16 3.72 0.10 -9.84
N ASP A 17 4.45 0.97 -9.15
CA ASP A 17 5.15 2.08 -9.80
C ASP A 17 6.52 1.62 -10.31
N SER A 18 7.28 0.96 -9.44
CA SER A 18 8.61 0.49 -9.80
C SER A 18 9.02 -0.69 -8.93
N VAL A 19 10.06 -1.40 -9.34
CA VAL A 19 10.55 -2.55 -8.59
C VAL A 19 12.05 -2.72 -8.77
N THR A 20 12.76 -2.83 -7.66
CA THR A 20 14.22 -2.99 -7.68
C THR A 20 14.68 -3.95 -6.59
N ASP A 21 15.58 -4.86 -6.96
CA ASP A 21 16.12 -5.83 -6.01
C ASP A 21 16.34 -5.20 -4.64
N THR A 22 16.70 -3.93 -4.64
CA THR A 22 16.95 -3.20 -3.39
C THR A 22 15.64 -2.89 -2.67
N THR A 23 14.68 -2.34 -3.42
CA THR A 23 13.38 -1.99 -2.85
C THR A 23 12.30 -1.96 -3.93
N VAL A 24 11.04 -1.92 -3.50
CA VAL A 24 9.93 -1.88 -4.44
C VAL A 24 9.06 -0.65 -4.20
N THR A 25 8.56 -0.08 -5.29
CA THR A 25 7.71 1.12 -5.20
C THR A 25 6.26 0.78 -5.54
N MET A 26 5.34 1.41 -4.83
CA MET A 26 3.91 1.18 -5.05
C MET A 26 3.17 2.50 -5.22
N ARG A 27 2.24 2.55 -6.17
CA ARG A 27 1.46 3.75 -6.43
C ARG A 27 -0.03 3.41 -6.55
N TRP A 28 -0.87 4.32 -6.06
CA TRP A 28 -2.31 4.13 -6.12
C TRP A 28 -3.03 5.45 -6.38
N ARG A 29 -4.33 5.37 -6.62
CA ARG A 29 -5.14 6.55 -6.89
C ARG A 29 -6.01 6.91 -5.68
N PRO A 30 -6.11 8.22 -5.40
CA PRO A 30 -6.91 8.72 -4.28
C PRO A 30 -8.41 8.55 -4.52
N PRO A 31 -9.19 8.68 -3.43
CA PRO A 31 -10.65 8.55 -3.50
C PRO A 31 -11.31 9.71 -4.23
N ASP A 32 -12.18 9.39 -5.18
CA ASP A 32 -12.87 10.41 -5.96
C ASP A 32 -13.23 11.61 -5.09
N HIS A 33 -13.72 11.33 -3.88
CA HIS A 33 -14.11 12.38 -2.95
C HIS A 33 -13.94 11.91 -1.51
N ILE A 34 -13.63 12.86 -0.62
CA ILE A 34 -13.43 12.54 0.80
C ILE A 34 -14.71 12.81 1.58
N GLY A 35 -15.27 11.75 2.16
CA GLY A 35 -16.49 11.88 2.94
C GLY A 35 -16.52 13.16 3.74
N ALA A 36 -15.95 13.13 4.94
CA ALA A 36 -15.91 14.29 5.80
C ALA A 36 -14.71 14.24 6.74
N ALA A 37 -14.39 15.38 7.35
CA ALA A 37 -13.27 15.47 8.28
C ALA A 37 -11.94 15.33 7.54
N GLY A 38 -11.94 15.68 6.26
CA GLY A 38 -10.72 15.59 5.47
C GLY A 38 -10.16 14.19 5.41
N LEU A 39 -9.03 14.03 4.75
CA LEU A 39 -8.38 12.73 4.63
C LEU A 39 -6.99 12.75 5.25
N ASP A 40 -6.70 11.75 6.09
CA ASP A 40 -5.40 11.65 6.74
C ASP A 40 -4.54 10.58 6.07
N GLY A 41 -3.71 11.02 5.12
CA GLY A 41 -2.84 10.08 4.42
C GLY A 41 -3.48 8.72 4.24
N TYR A 42 -2.70 7.67 4.42
CA TYR A 42 -3.19 6.31 4.26
C TYR A 42 -2.32 5.31 5.03
N VAL A 43 -2.71 4.05 5.01
CA VAL A 43 -1.97 3.00 5.71
C VAL A 43 -1.59 1.88 4.74
N LEU A 44 -0.31 1.52 4.76
CA LEU A 44 0.19 0.45 3.90
C LEU A 44 0.97 -0.59 4.70
N GLU A 45 0.65 -1.86 4.50
CA GLU A 45 1.32 -2.94 5.21
C GLU A 45 1.65 -4.09 4.26
N TYR A 46 2.78 -4.74 4.51
CA TYR A 46 3.20 -5.86 3.67
C TYR A 46 3.40 -7.12 4.50
N CYS A 47 2.98 -8.26 3.97
CA CYS A 47 3.10 -9.54 4.65
C CYS A 47 4.13 -10.43 3.97
N PHE A 48 5.22 -10.72 4.67
CA PHE A 48 6.28 -11.56 4.12
C PHE A 48 5.88 -13.03 4.16
N GLU A 49 6.12 -13.73 3.05
CA GLU A 49 5.78 -15.15 2.95
C GLU A 49 6.42 -15.93 4.10
N GLY A 50 5.61 -16.21 5.12
CA GLY A 50 6.12 -16.96 6.26
C GLY A 50 5.78 -16.29 7.58
N THR A 51 4.57 -15.74 7.68
CA THR A 51 4.13 -15.07 8.89
C THR A 51 2.61 -15.13 9.04
N GLU A 52 2.12 -14.67 10.17
CA GLU A 52 0.68 -14.68 10.44
C GLU A 52 0.16 -13.28 10.70
N ASP A 53 1.07 -12.30 10.66
CA ASP A 53 0.70 -10.90 10.88
C ASP A 53 1.41 -9.99 9.89
N TRP A 54 0.69 -9.00 9.39
CA TRP A 54 1.25 -8.05 8.44
C TRP A 54 2.26 -7.13 9.11
N ILE A 55 3.42 -6.95 8.46
CA ILE A 55 4.47 -6.09 9.00
C ILE A 55 4.21 -4.63 8.66
N VAL A 56 3.93 -3.83 9.68
CA VAL A 56 3.66 -2.41 9.50
C VAL A 56 4.84 -1.72 8.80
N ALA A 57 4.55 -1.09 7.66
CA ALA A 57 5.57 -0.40 6.90
C ALA A 57 5.67 1.06 7.33
N ASN A 58 4.58 1.80 7.17
CA ASN A 58 4.54 3.21 7.54
C ASN A 58 4.56 3.38 9.05
N LYS A 59 5.00 4.55 9.51
CA LYS A 59 5.06 4.84 10.93
C LYS A 59 3.74 5.41 11.44
N ASP A 60 3.26 6.45 10.78
CA ASP A 60 2.00 7.09 11.16
C ASP A 60 1.01 7.08 10.00
N LEU A 61 1.29 7.89 8.99
CA LEU A 61 0.43 7.99 7.81
C LEU A 61 1.23 8.40 6.58
N ILE A 62 0.80 7.93 5.42
CA ILE A 62 1.48 8.26 4.17
C ILE A 62 0.84 9.48 3.51
N ASP A 63 1.55 10.60 3.56
CA ASP A 63 1.07 11.83 2.96
C ASP A 63 0.81 11.65 1.47
N LYS A 64 1.86 11.32 0.73
CA LYS A 64 1.75 11.11 -0.72
C LYS A 64 1.08 9.77 -1.02
N THR A 65 0.60 9.63 -2.26
CA THR A 65 -0.05 8.40 -2.67
C THR A 65 0.95 7.39 -3.20
N LYS A 66 2.12 7.35 -2.58
CA LYS A 66 3.18 6.43 -2.99
C LYS A 66 4.04 6.03 -1.80
N PHE A 67 4.50 4.78 -1.79
CA PHE A 67 5.33 4.27 -0.72
C PHE A 67 6.42 3.35 -1.26
N THR A 68 7.53 3.27 -0.54
CA THR A 68 8.64 2.42 -0.94
C THR A 68 9.18 1.60 0.23
N ILE A 69 9.08 0.29 0.11
CA ILE A 69 9.56 -0.61 1.17
C ILE A 69 11.08 -0.70 1.17
N THR A 70 11.70 -0.28 2.26
CA THR A 70 13.15 -0.32 2.40
C THR A 70 13.61 -1.59 3.08
N GLY A 71 14.69 -2.18 2.56
CA GLY A 71 15.21 -3.41 3.13
C GLY A 71 14.40 -4.63 2.74
N LEU A 72 14.59 -5.08 1.49
CA LEU A 72 13.86 -6.23 0.99
C LEU A 72 14.82 -7.21 0.30
N PRO A 73 14.69 -8.50 0.63
CA PRO A 73 15.54 -9.54 0.05
C PRO A 73 15.21 -9.80 -1.42
N THR A 74 16.23 -10.17 -2.19
CA THR A 74 16.05 -10.43 -3.61
C THR A 74 15.27 -11.72 -3.83
N ASP A 75 14.69 -11.87 -5.02
CA ASP A 75 13.92 -13.05 -5.36
C ASP A 75 12.93 -13.38 -4.25
N ALA A 76 12.20 -12.37 -3.79
CA ALA A 76 11.22 -12.56 -2.72
C ALA A 76 9.84 -12.05 -3.14
N LYS A 77 8.80 -12.68 -2.62
CA LYS A 77 7.43 -12.29 -2.94
C LYS A 77 6.72 -11.75 -1.70
N ILE A 78 6.17 -10.55 -1.84
CA ILE A 78 5.45 -9.92 -0.73
C ILE A 78 4.12 -9.34 -1.19
N PHE A 79 3.17 -9.27 -0.27
CA PHE A 79 1.85 -8.74 -0.59
C PHE A 79 1.70 -7.29 -0.10
N VAL A 80 0.96 -6.50 -0.86
CA VAL A 80 0.74 -5.10 -0.50
C VAL A 80 -0.74 -4.82 -0.21
N ARG A 81 -1.00 -4.03 0.82
CA ARG A 81 -2.36 -3.70 1.20
C ARG A 81 -2.47 -2.22 1.56
N VAL A 82 -3.45 -1.54 0.98
CA VAL A 82 -3.67 -0.13 1.24
C VAL A 82 -5.11 0.14 1.67
N LYS A 83 -5.26 0.94 2.72
CA LYS A 83 -6.58 1.27 3.24
C LYS A 83 -6.70 2.77 3.52
N ALA A 84 -7.88 3.32 3.31
CA ALA A 84 -8.12 4.74 3.54
C ALA A 84 -8.38 5.03 5.02
N VAL A 85 -7.85 6.13 5.51
CA VAL A 85 -8.02 6.51 6.91
C VAL A 85 -8.22 8.01 7.05
N ASN A 86 -9.30 8.40 7.72
CA ASN A 86 -9.61 9.82 7.93
C ASN A 86 -9.98 10.08 9.38
N ALA A 87 -10.06 11.37 9.74
CA ALA A 87 -10.40 11.76 11.10
C ALA A 87 -11.64 11.02 11.59
N ALA A 88 -12.57 10.78 10.68
CA ALA A 88 -13.81 10.08 11.02
C ALA A 88 -13.52 8.69 11.56
N GLY A 89 -12.75 7.91 10.81
CA GLY A 89 -12.41 6.56 11.24
C GLY A 89 -11.46 5.87 10.29
N ALA A 90 -11.96 4.86 9.59
CA ALA A 90 -11.14 4.11 8.63
C ALA A 90 -11.99 3.52 7.53
N SER A 91 -11.34 3.02 6.49
CA SER A 91 -12.04 2.43 5.35
C SER A 91 -11.57 0.99 5.11
N GLU A 92 -12.31 0.27 4.26
CA GLU A 92 -11.96 -1.11 3.95
C GLU A 92 -10.68 -1.18 3.14
N PRO A 93 -9.85 -2.19 3.42
CA PRO A 93 -8.57 -2.40 2.73
C PRO A 93 -8.76 -2.83 1.28
N LYS A 94 -7.72 -2.62 0.47
CA LYS A 94 -7.78 -2.99 -0.95
C LYS A 94 -6.65 -3.96 -1.30
N TYR A 95 -7.01 -5.21 -1.55
CA TYR A 95 -6.03 -6.23 -1.89
C TYR A 95 -5.56 -6.07 -3.34
N TYR A 96 -4.26 -6.19 -3.55
CA TYR A 96 -3.68 -6.05 -4.89
C TYR A 96 -3.96 -7.30 -5.72
N SER A 97 -3.81 -7.15 -7.04
CA SER A 97 -4.05 -8.26 -7.95
C SER A 97 -3.10 -9.42 -7.68
N GLN A 98 -1.85 -9.26 -8.09
CA GLN A 98 -0.84 -10.29 -7.89
C GLN A 98 0.31 -9.77 -7.03
N PRO A 99 1.07 -10.70 -6.43
CA PRO A 99 2.21 -10.35 -5.57
C PRO A 99 3.37 -9.77 -6.36
N ILE A 100 3.98 -8.72 -5.82
CA ILE A 100 5.10 -8.08 -6.48
C ILE A 100 6.41 -8.84 -6.22
N LEU A 101 7.18 -9.04 -7.28
CA LEU A 101 8.45 -9.75 -7.17
C LEU A 101 9.62 -8.78 -7.13
N VAL A 102 10.19 -8.58 -5.94
CA VAL A 102 11.31 -7.67 -5.78
C VAL A 102 12.48 -8.09 -6.67
N LYS A 103 12.42 -7.67 -7.94
CA LYS A 103 13.47 -8.00 -8.89
C LYS A 103 13.70 -6.84 -9.86
N GLU A 104 14.96 -6.51 -10.10
CA GLU A 104 15.30 -5.43 -11.01
C GLU A 104 15.43 -5.94 -12.43
N SER A 105 15.26 -5.03 -13.40
CA SER A 105 15.35 -5.39 -14.81
C SER A 105 14.34 -6.48 -15.16
N GLY A 106 13.09 -6.28 -14.76
CA GLY A 106 12.05 -7.24 -15.03
C GLY A 106 11.02 -6.72 -16.02
N PRO A 107 9.92 -7.47 -16.19
CA PRO A 107 8.84 -7.10 -17.11
C PRO A 107 8.07 -5.87 -16.63
N SER A 108 7.46 -5.16 -17.57
CA SER A 108 6.69 -3.96 -17.25
C SER A 108 5.50 -4.31 -16.35
N SER A 109 4.74 -5.32 -16.76
CA SER A 109 3.58 -5.75 -16.00
C SER A 109 3.97 -6.73 -14.89
N GLY A 110 3.48 -6.47 -13.69
CA GLY A 110 3.80 -7.34 -12.56
C GLY A 110 2.75 -7.28 -11.47
N GLY A 1 -12.46 3.08 15.90
CA GLY A 1 -11.93 2.05 15.03
C GLY A 1 -12.73 0.76 15.11
N SER A 2 -13.35 0.38 13.99
CA SER A 2 -14.15 -0.83 13.94
C SER A 2 -14.40 -1.26 12.50
N SER A 3 -14.78 -2.52 12.32
CA SER A 3 -15.05 -3.05 10.98
C SER A 3 -16.35 -2.49 10.43
N GLY A 4 -16.26 -1.30 9.82
CA GLY A 4 -17.44 -0.67 9.26
C GLY A 4 -17.10 0.48 8.34
N SER A 5 -18.08 1.33 8.07
CA SER A 5 -17.87 2.49 7.21
C SER A 5 -17.16 3.62 7.96
N SER A 6 -16.42 4.43 7.22
CA SER A 6 -15.68 5.55 7.81
C SER A 6 -16.20 6.88 7.29
N GLY A 7 -16.14 7.06 5.98
CA GLY A 7 -16.60 8.29 5.36
C GLY A 7 -15.98 8.54 4.00
N THR A 8 -14.65 8.48 3.95
CA THR A 8 -13.93 8.70 2.69
C THR A 8 -13.83 7.41 1.89
N SER A 9 -13.68 7.56 0.57
CA SER A 9 -13.58 6.42 -0.32
C SER A 9 -12.17 5.83 -0.29
N PRO A 10 -12.07 4.51 -0.51
CA PRO A 10 -10.78 3.81 -0.52
C PRO A 10 -9.93 4.18 -1.72
N PRO A 11 -8.61 3.97 -1.59
CA PRO A 11 -7.66 4.26 -2.66
C PRO A 11 -7.79 3.31 -3.84
N THR A 12 -8.08 3.86 -5.02
CA THR A 12 -8.24 3.06 -6.23
C THR A 12 -6.99 3.15 -7.11
N LEU A 13 -7.04 2.47 -8.25
CA LEU A 13 -5.91 2.47 -9.19
C LEU A 13 -4.64 2.00 -8.50
N LEU A 14 -4.73 0.87 -7.80
CA LEU A 14 -3.58 0.32 -7.10
C LEU A 14 -2.70 -0.51 -8.04
N THR A 15 -1.50 0.00 -8.30
CA THR A 15 -0.57 -0.69 -9.19
C THR A 15 0.88 -0.44 -8.77
N VAL A 16 1.77 -1.34 -9.18
CA VAL A 16 3.19 -1.22 -8.84
C VAL A 16 3.90 -0.26 -9.79
N ASP A 17 4.33 0.88 -9.27
CA ASP A 17 5.03 1.87 -10.06
C ASP A 17 6.32 1.30 -10.63
N SER A 18 7.11 0.66 -9.77
CA SER A 18 8.38 0.07 -10.18
C SER A 18 8.82 -1.00 -9.20
N VAL A 19 9.73 -1.86 -9.64
CA VAL A 19 10.24 -2.95 -8.80
C VAL A 19 11.75 -3.11 -8.97
N THR A 20 12.45 -3.24 -7.86
CA THR A 20 13.89 -3.40 -7.87
C THR A 20 14.37 -4.31 -6.75
N ASP A 21 15.22 -5.27 -7.08
CA ASP A 21 15.75 -6.21 -6.10
C ASP A 21 16.00 -5.50 -4.76
N THR A 22 16.39 -4.22 -4.84
CA THR A 22 16.66 -3.44 -3.64
C THR A 22 15.38 -3.11 -2.89
N THR A 23 14.42 -2.52 -3.60
CA THR A 23 13.15 -2.15 -3.00
C THR A 23 12.03 -2.14 -4.04
N VAL A 24 10.79 -2.03 -3.57
CA VAL A 24 9.64 -2.01 -4.47
C VAL A 24 8.88 -0.70 -4.34
N THR A 25 8.37 -0.21 -5.46
CA THR A 25 7.61 1.05 -5.48
C THR A 25 6.14 0.79 -5.78
N MET A 26 5.27 1.56 -5.14
CA MET A 26 3.83 1.43 -5.35
C MET A 26 3.19 2.78 -5.64
N ARG A 27 2.00 2.76 -6.22
CA ARG A 27 1.28 3.98 -6.56
C ARG A 27 -0.23 3.76 -6.50
N TRP A 28 -0.93 4.66 -5.81
CA TRP A 28 -2.38 4.56 -5.69
C TRP A 28 -3.04 5.90 -5.96
N ARG A 29 -4.35 5.88 -6.16
CA ARG A 29 -5.11 7.10 -6.43
C ARG A 29 -6.09 7.40 -5.30
N PRO A 30 -6.20 8.69 -4.95
CA PRO A 30 -7.10 9.14 -3.88
C PRO A 30 -8.57 9.01 -4.27
N PRO A 31 -9.46 9.15 -3.27
CA PRO A 31 -10.91 9.06 -3.49
C PRO A 31 -11.46 10.24 -4.28
N ASP A 32 -12.25 9.94 -5.31
CA ASP A 32 -12.84 10.97 -6.14
C ASP A 32 -13.30 12.16 -5.30
N HIS A 33 -13.81 11.87 -4.11
CA HIS A 33 -14.29 12.91 -3.20
C HIS A 33 -13.89 12.60 -1.76
N ILE A 34 -13.82 13.64 -0.94
CA ILE A 34 -13.46 13.48 0.46
C ILE A 34 -14.68 13.56 1.37
N GLY A 35 -14.99 12.46 2.04
CA GLY A 35 -16.14 12.42 2.92
C GLY A 35 -16.17 13.60 3.86
N ALA A 36 -17.23 13.69 4.68
CA ALA A 36 -17.38 14.77 5.63
C ALA A 36 -16.32 14.70 6.73
N ALA A 37 -16.24 13.55 7.39
CA ALA A 37 -15.27 13.35 8.46
C ALA A 37 -13.90 13.87 8.06
N GLY A 38 -13.58 13.76 6.78
CA GLY A 38 -12.29 14.23 6.29
C GLY A 38 -11.29 13.11 6.16
N LEU A 39 -10.45 13.18 5.13
CA LEU A 39 -9.43 12.17 4.90
C LEU A 39 -8.12 12.53 5.60
N ASP A 40 -7.45 11.52 6.14
CA ASP A 40 -6.19 11.72 6.84
C ASP A 40 -5.11 10.80 6.29
N GLY A 41 -4.25 11.35 5.44
CA GLY A 41 -3.18 10.55 4.85
C GLY A 41 -3.62 9.14 4.50
N TYR A 42 -2.66 8.24 4.34
CA TYR A 42 -2.96 6.86 4.00
C TYR A 42 -2.01 5.90 4.71
N VAL A 43 -2.46 4.66 4.89
CA VAL A 43 -1.65 3.65 5.56
C VAL A 43 -1.37 2.47 4.64
N LEU A 44 -0.11 2.04 4.60
CA LEU A 44 0.29 0.92 3.76
C LEU A 44 1.06 -0.11 4.56
N GLU A 45 0.69 -1.39 4.39
CA GLU A 45 1.36 -2.48 5.09
C GLU A 45 1.68 -3.63 4.15
N TYR A 46 2.71 -4.39 4.48
CA TYR A 46 3.12 -5.53 3.66
C TYR A 46 3.36 -6.77 4.51
N CYS A 47 2.78 -7.88 4.09
CA CYS A 47 2.93 -9.14 4.81
C CYS A 47 3.90 -10.08 4.10
N PHE A 48 5.11 -10.19 4.64
CA PHE A 48 6.12 -11.06 4.05
C PHE A 48 5.56 -12.44 3.76
N GLU A 49 6.37 -13.28 3.11
CA GLU A 49 5.96 -14.63 2.78
C GLU A 49 6.03 -15.55 4.00
N GLY A 50 4.96 -16.30 4.23
CA GLY A 50 4.92 -17.21 5.36
C GLY A 50 4.54 -16.51 6.65
N THR A 51 4.85 -15.22 6.74
CA THR A 51 4.54 -14.43 7.92
C THR A 51 3.04 -14.31 8.13
N GLU A 52 2.55 -14.82 9.26
CA GLU A 52 1.13 -14.77 9.58
C GLU A 52 0.77 -13.45 10.25
N ASP A 53 1.65 -12.47 10.13
CA ASP A 53 1.43 -11.16 10.72
C ASP A 53 1.87 -10.05 9.78
N TRP A 54 0.98 -9.07 9.56
CA TRP A 54 1.28 -7.95 8.67
C TRP A 54 2.36 -7.07 9.27
N ILE A 55 3.12 -6.40 8.40
CA ILE A 55 4.19 -5.52 8.84
C ILE A 55 4.02 -4.12 8.26
N VAL A 56 3.79 -3.15 9.14
CA VAL A 56 3.61 -1.76 8.72
C VAL A 56 4.93 -1.14 8.26
N ALA A 57 4.89 -0.46 7.13
CA ALA A 57 6.09 0.18 6.58
C ALA A 57 6.29 1.56 7.19
N ASN A 58 5.21 2.33 7.29
CA ASN A 58 5.27 3.68 7.85
C ASN A 58 5.20 3.63 9.38
N LYS A 59 5.17 4.81 9.99
CA LYS A 59 5.11 4.91 11.44
C LYS A 59 3.78 5.53 11.89
N ASP A 60 3.39 6.61 11.22
CA ASP A 60 2.14 7.29 11.53
C ASP A 60 1.22 7.32 10.33
N LEU A 61 1.65 8.00 9.27
CA LEU A 61 0.86 8.11 8.05
C LEU A 61 1.75 8.34 6.84
N ILE A 62 1.13 8.49 5.67
CA ILE A 62 1.87 8.71 4.43
C ILE A 62 1.35 9.94 3.70
N ASP A 63 2.12 11.02 3.73
CA ASP A 63 1.73 12.25 3.06
C ASP A 63 2.16 12.24 1.59
N LYS A 64 1.88 11.14 0.91
CA LYS A 64 2.23 11.00 -0.50
C LYS A 64 1.40 9.92 -1.17
N THR A 65 1.26 10.01 -2.48
CA THR A 65 0.49 9.03 -3.24
C THR A 65 1.36 7.87 -3.71
N LYS A 66 2.49 7.70 -3.05
CA LYS A 66 3.41 6.62 -3.39
C LYS A 66 4.22 6.19 -2.17
N PHE A 67 4.79 4.98 -2.24
CA PHE A 67 5.58 4.44 -1.14
C PHE A 67 6.57 3.40 -1.64
N THR A 68 7.76 3.38 -1.05
CA THR A 68 8.79 2.42 -1.44
C THR A 68 9.30 1.66 -0.22
N ILE A 69 9.02 0.36 -0.18
CA ILE A 69 9.45 -0.49 0.91
C ILE A 69 10.97 -0.62 0.93
N THR A 70 11.60 0.01 1.92
CA THR A 70 13.06 -0.05 2.05
C THR A 70 13.50 -1.31 2.79
N GLY A 71 14.49 -2.00 2.22
CA GLY A 71 14.98 -3.23 2.83
C GLY A 71 14.16 -4.44 2.46
N LEU A 72 14.46 -5.03 1.32
CA LEU A 72 13.74 -6.21 0.85
C LEU A 72 14.70 -7.24 0.26
N PRO A 73 14.59 -8.48 0.75
CA PRO A 73 15.44 -9.59 0.29
C PRO A 73 15.11 -10.02 -1.13
N THR A 74 16.15 -10.09 -1.97
CA THR A 74 15.97 -10.49 -3.37
C THR A 74 15.26 -11.83 -3.47
N ASP A 75 14.50 -12.01 -4.55
CA ASP A 75 13.77 -13.25 -4.77
C ASP A 75 12.76 -13.49 -3.65
N ALA A 76 12.22 -12.40 -3.12
CA ALA A 76 11.23 -12.50 -2.04
C ALA A 76 9.86 -12.04 -2.51
N LYS A 77 8.82 -12.73 -2.04
CA LYS A 77 7.46 -12.39 -2.42
C LYS A 77 6.70 -11.80 -1.23
N ILE A 78 6.02 -10.69 -1.46
CA ILE A 78 5.26 -10.02 -0.41
C ILE A 78 3.93 -9.49 -0.96
N PHE A 79 2.98 -9.26 -0.04
CA PHE A 79 1.67 -8.76 -0.43
C PHE A 79 1.49 -7.30 0.00
N VAL A 80 1.02 -6.47 -0.92
CA VAL A 80 0.82 -5.05 -0.64
C VAL A 80 -0.67 -4.72 -0.62
N ARG A 81 -1.06 -3.90 0.36
CA ARG A 81 -2.46 -3.50 0.50
C ARG A 81 -2.57 -2.14 1.18
N VAL A 82 -3.48 -1.31 0.69
CA VAL A 82 -3.68 0.03 1.26
C VAL A 82 -5.15 0.26 1.59
N LYS A 83 -5.41 1.17 2.52
CA LYS A 83 -6.77 1.49 2.94
C LYS A 83 -6.84 2.90 3.53
N ALA A 84 -7.83 3.67 3.09
CA ALA A 84 -8.02 5.03 3.57
C ALA A 84 -8.22 5.05 5.08
N VAL A 85 -7.77 6.12 5.73
CA VAL A 85 -7.90 6.27 7.17
C VAL A 85 -8.28 7.70 7.54
N ASN A 86 -9.45 7.85 8.16
CA ASN A 86 -9.94 9.16 8.57
C ASN A 86 -10.35 9.15 10.04
N ALA A 87 -10.79 10.31 10.54
CA ALA A 87 -11.22 10.43 11.92
C ALA A 87 -12.19 9.31 12.30
N ALA A 88 -13.09 9.00 11.38
CA ALA A 88 -14.09 7.94 11.61
C ALA A 88 -13.41 6.59 11.79
N GLY A 89 -12.62 6.19 10.79
CA GLY A 89 -11.93 4.90 10.86
C GLY A 89 -11.08 4.65 9.64
N ALA A 90 -11.44 3.63 8.87
CA ALA A 90 -10.71 3.28 7.66
C ALA A 90 -11.59 2.51 6.68
N SER A 91 -11.05 2.28 5.49
CA SER A 91 -11.80 1.56 4.45
C SER A 91 -11.25 0.15 4.29
N GLU A 92 -11.99 -0.68 3.54
CA GLU A 92 -11.59 -2.06 3.31
C GLU A 92 -10.21 -2.12 2.66
N PRO A 93 -9.41 -3.13 3.07
CA PRO A 93 -8.05 -3.32 2.54
C PRO A 93 -8.05 -3.78 1.08
N LYS A 94 -7.30 -3.06 0.25
CA LYS A 94 -7.21 -3.39 -1.16
C LYS A 94 -6.17 -4.49 -1.40
N TYR A 95 -6.66 -5.71 -1.60
CA TYR A 95 -5.77 -6.84 -1.84
C TYR A 95 -5.37 -6.93 -3.31
N TYR A 96 -4.08 -6.75 -3.58
CA TYR A 96 -3.57 -6.80 -4.95
C TYR A 96 -3.73 -8.19 -5.54
N SER A 97 -4.49 -8.29 -6.62
CA SER A 97 -4.72 -9.57 -7.27
C SER A 97 -3.47 -10.44 -7.23
N GLN A 98 -2.40 -9.98 -7.88
CA GLN A 98 -1.15 -10.71 -7.91
C GLN A 98 -0.10 -10.04 -7.02
N PRO A 99 0.68 -10.87 -6.31
CA PRO A 99 1.73 -10.40 -5.40
C PRO A 99 2.89 -9.76 -6.15
N ILE A 100 3.73 -9.02 -5.43
CA ILE A 100 4.88 -8.36 -6.03
C ILE A 100 6.15 -9.18 -5.80
N LEU A 101 7.05 -9.16 -6.78
CA LEU A 101 8.30 -9.89 -6.70
C LEU A 101 9.49 -8.94 -6.75
N VAL A 102 10.14 -8.74 -5.60
CA VAL A 102 11.29 -7.86 -5.51
C VAL A 102 12.47 -8.40 -6.32
N LYS A 103 12.54 -8.01 -7.59
CA LYS A 103 13.62 -8.45 -8.47
C LYS A 103 14.06 -7.33 -9.39
N GLU A 104 15.38 -7.22 -9.57
CA GLU A 104 15.94 -6.18 -10.43
C GLU A 104 16.00 -6.66 -11.89
N SER A 105 16.10 -5.70 -12.81
CA SER A 105 16.16 -6.02 -14.23
C SER A 105 17.27 -5.25 -14.92
N GLY A 106 18.51 -5.75 -14.79
CA GLY A 106 19.64 -5.08 -15.41
C GLY A 106 20.60 -4.52 -14.38
N PRO A 107 21.50 -5.38 -13.86
CA PRO A 107 22.50 -4.98 -12.86
C PRO A 107 23.56 -4.06 -13.44
N SER A 108 23.41 -3.70 -14.71
CA SER A 108 24.36 -2.83 -15.38
C SER A 108 24.47 -1.50 -14.66
N SER A 109 25.65 -1.22 -14.10
CA SER A 109 25.88 0.03 -13.38
C SER A 109 24.99 0.12 -12.16
N GLY A 110 24.86 -0.99 -11.44
CA GLY A 110 24.03 -1.02 -10.25
C GLY A 110 24.84 -1.01 -8.97
#